data_1OD9
# 
_entry.id   1OD9 
# 
_audit_conform.dict_name       mmcif_pdbx.dic 
_audit_conform.dict_version    5.399 
_audit_conform.dict_location   http://mmcif.pdb.org/dictionaries/ascii/mmcif_pdbx.dic 
# 
loop_
_database_2.database_id 
_database_2.database_code 
_database_2.pdbx_database_accession 
_database_2.pdbx_DOI 
PDB   1OD9         pdb_00001od9 10.2210/pdb1od9/pdb 
PDBE  EBI-12182    ?            ?                   
WWPDB D_1290012182 ?            ?                   
# 
loop_
_pdbx_audit_revision_history.ordinal 
_pdbx_audit_revision_history.data_content_type 
_pdbx_audit_revision_history.major_revision 
_pdbx_audit_revision_history.minor_revision 
_pdbx_audit_revision_history.revision_date 
1 'Structure model' 1 0 2003-05-16 
2 'Structure model' 1 1 2011-05-08 
3 'Structure model' 1 2 2011-07-13 
4 'Structure model' 2 0 2020-07-29 
5 'Structure model' 2 1 2023-12-13 
6 'Structure model' 2 2 2024-11-20 
# 
loop_
_pdbx_audit_revision_details.ordinal 
_pdbx_audit_revision_details.revision_ordinal 
_pdbx_audit_revision_details.data_content_type 
_pdbx_audit_revision_details.provider 
_pdbx_audit_revision_details.type 
_pdbx_audit_revision_details.description 
_pdbx_audit_revision_details.details 
1 1 'Structure model' repository 'Initial release' ?                          ? 
2 4 'Structure model' repository Remediation       'Carbohydrate remediation' ? 
# 
loop_
_pdbx_audit_revision_group.ordinal 
_pdbx_audit_revision_group.revision_ordinal 
_pdbx_audit_revision_group.data_content_type 
_pdbx_audit_revision_group.group 
1  2 'Structure model' 'Version format compliance' 
2  3 'Structure model' 'Version format compliance' 
3  4 'Structure model' 'Atomic model'              
4  4 'Structure model' 'Derived calculations'      
5  4 'Structure model' 'Structure summary'         
6  5 'Structure model' 'Data collection'           
7  5 'Structure model' 'Database references'       
8  5 'Structure model' 'Refinement description'    
9  5 'Structure model' 'Structure summary'         
10 6 'Structure model' 'Structure summary'         
# 
loop_
_pdbx_audit_revision_category.ordinal 
_pdbx_audit_revision_category.revision_ordinal 
_pdbx_audit_revision_category.data_content_type 
_pdbx_audit_revision_category.category 
1  4 'Structure model' atom_site                     
2  4 'Structure model' chem_comp                     
3  4 'Structure model' entity                        
4  4 'Structure model' pdbx_entity_nonpoly           
5  4 'Structure model' struct_site                   
6  4 'Structure model' struct_site_gen               
7  5 'Structure model' chem_comp                     
8  5 'Structure model' chem_comp_atom                
9  5 'Structure model' chem_comp_bond                
10 5 'Structure model' database_2                    
11 5 'Structure model' pdbx_initial_refinement_model 
12 6 'Structure model' pdbx_entry_details            
13 6 'Structure model' pdbx_modification_feature     
# 
loop_
_pdbx_audit_revision_item.ordinal 
_pdbx_audit_revision_item.revision_ordinal 
_pdbx_audit_revision_item.data_content_type 
_pdbx_audit_revision_item.item 
1  4 'Structure model' '_atom_site.auth_atom_id'                      
2  4 'Structure model' '_atom_site.label_atom_id'                     
3  4 'Structure model' '_chem_comp.name'                              
4  4 'Structure model' '_chem_comp.type'                              
5  4 'Structure model' '_entity.pdbx_description'                     
6  4 'Structure model' '_pdbx_entity_nonpoly.name'                    
7  5 'Structure model' '_chem_comp.pdbx_synonyms'                     
8  5 'Structure model' '_database_2.pdbx_DOI'                         
9  5 'Structure model' '_database_2.pdbx_database_accession'          
10 6 'Structure model' '_pdbx_entry_details.has_protein_modification' 
# 
_pdbx_database_status.status_code                     REL 
_pdbx_database_status.entry_id                        1OD9 
_pdbx_database_status.deposit_site                    PDBE 
_pdbx_database_status.process_site                    PDBE 
_pdbx_database_status.SG_entry                        . 
_pdbx_database_status.recvd_initial_deposition_date   2003-02-14 
_pdbx_database_status.pdb_format_compatible           Y 
_pdbx_database_status.status_code_sf                  ? 
_pdbx_database_status.status_code_mr                  ? 
_pdbx_database_status.status_code_cs                  ? 
_pdbx_database_status.methods_development_category    ? 
_pdbx_database_status.status_code_nmr_data            ? 
# 
loop_
_pdbx_database_related.db_name 
_pdbx_database_related.db_id 
_pdbx_database_related.content_type 
_pdbx_database_related.details 
PDB 1OD7 unspecified 
'N-TERMINAL OF SIALOADHESIN IN COMPLEX WITH ME-A-9-N-(NAPHTHYL-2-CARBONYL)-AMINO-9- DEOXY-NEU5AC (NAP COMPOUND)'  
PDB 1ODA unspecified 
'N-TERMINAL OF SIALOADHESIN IN COMPLEX WITH ME-A-9-N-((BIPHENYL-4-CARBONYL)-AMINO-9- DEOXY-NEU5AC (BIP COMPOUND)' 
PDB 1QFO unspecified 
;N-TERMINAL DOMAIN OF SIALOADHESIN (MOUSE) IN COMPLEX WITH 3'SIALYLLACTOSE
;
PDB 1QFP unspecified 'N-TERMINAL DOMAIN OF SIALOADHESIN (MOUSE)' 
# 
loop_
_audit_author.name 
_audit_author.pdbx_ordinal 
'Zaccai, N.R.'  1 
'Maenaka, K.'   2 
'Maenaka, T.'   3 
'Crocker, P.R.' 4 
'Brossmer, R.'  5 
'Kelm, S.'      6 
'Jones, E.Y.'   7 
# 
_citation.id                        primary 
_citation.title                     
'Structure-Guided Design of Sialic Acid-Based Siglec Inhibitors and Crystallographic Analysis in Complex with Sialoadhesin' 
_citation.journal_abbrev            Structure 
_citation.journal_volume            11 
_citation.page_first                557 
_citation.page_last                 ? 
_citation.year                      2003 
_citation.journal_id_ASTM           STRUE6 
_citation.country                   UK 
_citation.journal_id_ISSN           0969-2126 
_citation.journal_id_CSD            2005 
_citation.book_publisher            ? 
_citation.pdbx_database_id_PubMed   12737821 
_citation.pdbx_database_id_DOI      '10.1016/S0969-2126(03)00073-X' 
# 
loop_
_citation_author.citation_id 
_citation_author.name 
_citation_author.ordinal 
_citation_author.identifier_ORCID 
primary 'Zaccai, N.R.'  1 ? 
primary 'Maenaka, K.'   2 ? 
primary 'Maenaka, T.'   3 ? 
primary 'Crocker, P.R.' 4 ? 
primary 'Brossmer, R.'  5 ? 
primary 'Kelm, S.'      6 ? 
primary 'Jones, E.Y.'   7 ? 
# 
loop_
_entity.id 
_entity.type 
_entity.src_method 
_entity.pdbx_description 
_entity.formula_weight 
_entity.pdbx_number_of_molecules 
_entity.pdbx_ec 
_entity.pdbx_mutation 
_entity.pdbx_fragment 
_entity.details 
1 polymer     man SIALOADHESIN 13319.107 1  ? ? 'DOMAIN ONE, IG-LIKE V-TYPE DOMAIN, RESIDUES 20-138' 
'BOUND TO ME-A-N-BENZOYL-AMINO-9-DEOXY-NEU5AC, COORDINATE SYSTEM ORIGX ORIGX MATRIX (M) ORIGX VECTOR (V)' 
2 non-polymer syn 
'methyl 5-acetamido-3,5,9-trideoxy-9-[(phenylcarbonyl)amino]-D-glycero-alpha-D-galacto-non-2-ulopyranosidonic acid' 426.418   1  ? 
? ?                                                    ? 
3 non-polymer syn 'SULFATE ION' 96.063    1  ? ? ?                                                    ? 
4 water       nat water 18.015    71 ? ? ?                                                    ? 
# 
_entity_name_com.entity_id   1 
_entity_name_com.name        'SND1, SIALIC ACID BINDING IG-LIKE LECTIN-1, SIGLEC-1' 
# 
_entity_poly.entity_id                      1 
_entity_poly.type                           'polypeptide(L)' 
_entity_poly.nstd_linkage                   no 
_entity_poly.nstd_monomer                   no 
_entity_poly.pdbx_seq_one_letter_code       
;TWGVSSPKNVQGLSGSCLLIPCIFSYPADVPVSNGITAIWYYDYSGKRQVVIHSGDPKLVDKRFRGRAELMGNMDHKVCN
LLLKDLKPEDSGTYNFRFEISDSNRWLDVKGTTVTVTTD
;
_entity_poly.pdbx_seq_one_letter_code_can   
;TWGVSSPKNVQGLSGSCLLIPCIFSYPADVPVSNGITAIWYYDYSGKRQVVIHSGDPKLVDKRFRGRAELMGNMDHKVCN
LLLKDLKPEDSGTYNFRFEISDSNRWLDVKGTTVTVTTD
;
_entity_poly.pdbx_strand_id                 A 
_entity_poly.pdbx_target_identifier         ? 
# 
loop_
_pdbx_entity_nonpoly.entity_id 
_pdbx_entity_nonpoly.name 
_pdbx_entity_nonpoly.comp_id 
2 'methyl 5-acetamido-3,5,9-trideoxy-9-[(phenylcarbonyl)amino]-D-glycero-alpha-D-galacto-non-2-ulopyranosidonic acid' BND 
3 'SULFATE ION'                                                                                                       SO4 
4 water                                                                                                               HOH 
# 
loop_
_entity_poly_seq.entity_id 
_entity_poly_seq.num 
_entity_poly_seq.mon_id 
_entity_poly_seq.hetero 
1 1   THR n 
1 2   TRP n 
1 3   GLY n 
1 4   VAL n 
1 5   SER n 
1 6   SER n 
1 7   PRO n 
1 8   LYS n 
1 9   ASN n 
1 10  VAL n 
1 11  GLN n 
1 12  GLY n 
1 13  LEU n 
1 14  SER n 
1 15  GLY n 
1 16  SER n 
1 17  CYS n 
1 18  LEU n 
1 19  LEU n 
1 20  ILE n 
1 21  PRO n 
1 22  CYS n 
1 23  ILE n 
1 24  PHE n 
1 25  SER n 
1 26  TYR n 
1 27  PRO n 
1 28  ALA n 
1 29  ASP n 
1 30  VAL n 
1 31  PRO n 
1 32  VAL n 
1 33  SER n 
1 34  ASN n 
1 35  GLY n 
1 36  ILE n 
1 37  THR n 
1 38  ALA n 
1 39  ILE n 
1 40  TRP n 
1 41  TYR n 
1 42  TYR n 
1 43  ASP n 
1 44  TYR n 
1 45  SER n 
1 46  GLY n 
1 47  LYS n 
1 48  ARG n 
1 49  GLN n 
1 50  VAL n 
1 51  VAL n 
1 52  ILE n 
1 53  HIS n 
1 54  SER n 
1 55  GLY n 
1 56  ASP n 
1 57  PRO n 
1 58  LYS n 
1 59  LEU n 
1 60  VAL n 
1 61  ASP n 
1 62  LYS n 
1 63  ARG n 
1 64  PHE n 
1 65  ARG n 
1 66  GLY n 
1 67  ARG n 
1 68  ALA n 
1 69  GLU n 
1 70  LEU n 
1 71  MET n 
1 72  GLY n 
1 73  ASN n 
1 74  MET n 
1 75  ASP n 
1 76  HIS n 
1 77  LYS n 
1 78  VAL n 
1 79  CYS n 
1 80  ASN n 
1 81  LEU n 
1 82  LEU n 
1 83  LEU n 
1 84  LYS n 
1 85  ASP n 
1 86  LEU n 
1 87  LYS n 
1 88  PRO n 
1 89  GLU n 
1 90  ASP n 
1 91  SER n 
1 92  GLY n 
1 93  THR n 
1 94  TYR n 
1 95  ASN n 
1 96  PHE n 
1 97  ARG n 
1 98  PHE n 
1 99  GLU n 
1 100 ILE n 
1 101 SER n 
1 102 ASP n 
1 103 SER n 
1 104 ASN n 
1 105 ARG n 
1 106 TRP n 
1 107 LEU n 
1 108 ASP n 
1 109 VAL n 
1 110 LYS n 
1 111 GLY n 
1 112 THR n 
1 113 THR n 
1 114 VAL n 
1 115 THR n 
1 116 VAL n 
1 117 THR n 
1 118 THR n 
1 119 ASP n 
# 
_entity_src_gen.entity_id                          1 
_entity_src_gen.pdbx_src_id                        1 
_entity_src_gen.pdbx_alt_source_flag               sample 
_entity_src_gen.pdbx_seq_type                      ? 
_entity_src_gen.pdbx_beg_seq_num                   ? 
_entity_src_gen.pdbx_end_seq_num                   ? 
_entity_src_gen.gene_src_common_name               MOUSE 
_entity_src_gen.gene_src_genus                     ? 
_entity_src_gen.pdbx_gene_src_gene                 ? 
_entity_src_gen.gene_src_species                   ? 
_entity_src_gen.gene_src_strain                    ? 
_entity_src_gen.gene_src_tissue                    ? 
_entity_src_gen.gene_src_tissue_fraction           ? 
_entity_src_gen.gene_src_details                   ? 
_entity_src_gen.pdbx_gene_src_fragment             ? 
_entity_src_gen.pdbx_gene_src_scientific_name      'MUS MUSCULUS' 
_entity_src_gen.pdbx_gene_src_ncbi_taxonomy_id     10090 
_entity_src_gen.pdbx_gene_src_variant              ? 
_entity_src_gen.pdbx_gene_src_cell_line            ? 
_entity_src_gen.pdbx_gene_src_atcc                 ? 
_entity_src_gen.pdbx_gene_src_organ                ? 
_entity_src_gen.pdbx_gene_src_organelle            ? 
_entity_src_gen.pdbx_gene_src_cell                 ? 
_entity_src_gen.pdbx_gene_src_cellular_location    ? 
_entity_src_gen.host_org_common_name               ? 
_entity_src_gen.pdbx_host_org_scientific_name      'CRICETULUS GRISEUS' 
_entity_src_gen.pdbx_host_org_ncbi_taxonomy_id     10029 
_entity_src_gen.host_org_genus                     ? 
_entity_src_gen.pdbx_host_org_gene                 ? 
_entity_src_gen.pdbx_host_org_organ                ? 
_entity_src_gen.host_org_species                   ? 
_entity_src_gen.pdbx_host_org_tissue               ? 
_entity_src_gen.pdbx_host_org_tissue_fraction      ? 
_entity_src_gen.pdbx_host_org_strain               ? 
_entity_src_gen.pdbx_host_org_variant              ? 
_entity_src_gen.pdbx_host_org_cell_line            'CHO CELL' 
_entity_src_gen.pdbx_host_org_atcc                 ? 
_entity_src_gen.pdbx_host_org_culture_collection   ? 
_entity_src_gen.pdbx_host_org_cell                 ? 
_entity_src_gen.pdbx_host_org_organelle            ? 
_entity_src_gen.pdbx_host_org_cellular_location    ? 
_entity_src_gen.pdbx_host_org_vector_type          ? 
_entity_src_gen.pdbx_host_org_vector               ? 
_entity_src_gen.host_org_details                   ? 
_entity_src_gen.expression_system_id               ? 
_entity_src_gen.plasmid_name                       PEE14 
_entity_src_gen.plasmid_details                    ? 
_entity_src_gen.pdbx_description                   'CHO CELL STABLE EXPRESSION WITH PEE14 PLASMID' 
# 
loop_
_chem_comp.id 
_chem_comp.type 
_chem_comp.mon_nstd_flag 
_chem_comp.name 
_chem_comp.pdbx_synonyms 
_chem_comp.formula 
_chem_comp.formula_weight 
ALA 'L-peptide linking' y ALANINE ? 'C3 H7 N O2'     89.093  
ARG 'L-peptide linking' y ARGININE ? 'C6 H15 N4 O2 1' 175.209 
ASN 'L-peptide linking' y ASPARAGINE ? 'C4 H8 N2 O3'    132.118 
ASP 'L-peptide linking' y 'ASPARTIC ACID' ? 'C4 H7 N O4'     133.103 
BND D-saccharide        . 
'methyl 5-acetamido-3,5,9-trideoxy-9-[(phenylcarbonyl)amino]-D-glycero-alpha-D-galacto-non-2-ulopyranosidonic acid' 
;ME-A-N-BENZOYL-AMINO-9-DEOXY-NEU5AC; methyl 5-acetamido-3,5,9-trideoxy-9-[(phenylcarbonyl)amino]-D-glycero-alpha-D-galacto-non-2-ulosidonic acid; methyl 5-acetamido-3,5,9-trideoxy-9-[(phenylcarbonyl)amino]-D-glycero-D-galacto-non-2-ulosidonic acid; methyl 5-acetamido-3,5,9-trideoxy-9-[(phenylcarbonyl)amino]-D-glycero-galacto-non-2-ulosidonic acid
;
'C19 H26 N2 O9'  426.418 
CYS 'L-peptide linking' y CYSTEINE ? 'C3 H7 N O2 S'   121.158 
GLN 'L-peptide linking' y GLUTAMINE ? 'C5 H10 N2 O3'   146.144 
GLU 'L-peptide linking' y 'GLUTAMIC ACID' ? 'C5 H9 N O4'     147.129 
GLY 'peptide linking'   y GLYCINE ? 'C2 H5 N O2'     75.067  
HIS 'L-peptide linking' y HISTIDINE ? 'C6 H10 N3 O2 1' 156.162 
HOH non-polymer         . WATER ? 'H2 O'           18.015  
ILE 'L-peptide linking' y ISOLEUCINE ? 'C6 H13 N O2'    131.173 
LEU 'L-peptide linking' y LEUCINE ? 'C6 H13 N O2'    131.173 
LYS 'L-peptide linking' y LYSINE ? 'C6 H15 N2 O2 1' 147.195 
MET 'L-peptide linking' y METHIONINE ? 'C5 H11 N O2 S'  149.211 
PHE 'L-peptide linking' y PHENYLALANINE ? 'C9 H11 N O2'    165.189 
PRO 'L-peptide linking' y PROLINE ? 'C5 H9 N O2'     115.130 
SER 'L-peptide linking' y SERINE ? 'C3 H7 N O3'     105.093 
SO4 non-polymer         . 'SULFATE ION' ? 'O4 S -2'        96.063  
THR 'L-peptide linking' y THREONINE ? 'C4 H9 N O3'     119.119 
TRP 'L-peptide linking' y TRYPTOPHAN ? 'C11 H12 N2 O2'  204.225 
TYR 'L-peptide linking' y TYROSINE ? 'C9 H11 N O3'    181.189 
VAL 'L-peptide linking' y VALINE ? 'C5 H11 N O2'    117.146 
# 
loop_
_pdbx_poly_seq_scheme.asym_id 
_pdbx_poly_seq_scheme.entity_id 
_pdbx_poly_seq_scheme.seq_id 
_pdbx_poly_seq_scheme.mon_id 
_pdbx_poly_seq_scheme.ndb_seq_num 
_pdbx_poly_seq_scheme.pdb_seq_num 
_pdbx_poly_seq_scheme.auth_seq_num 
_pdbx_poly_seq_scheme.pdb_mon_id 
_pdbx_poly_seq_scheme.auth_mon_id 
_pdbx_poly_seq_scheme.pdb_strand_id 
_pdbx_poly_seq_scheme.pdb_ins_code 
_pdbx_poly_seq_scheme.hetero 
A 1 1   THR 1   1   1   THR THR A . n 
A 1 2   TRP 2   2   2   TRP TRP A . n 
A 1 3   GLY 3   3   3   GLY GLY A . n 
A 1 4   VAL 4   4   4   VAL VAL A . n 
A 1 5   SER 5   5   5   SER SER A . n 
A 1 6   SER 6   6   6   SER SER A . n 
A 1 7   PRO 7   7   7   PRO PRO A . n 
A 1 8   LYS 8   8   8   LYS LYS A . n 
A 1 9   ASN 9   9   9   ASN ASN A . n 
A 1 10  VAL 10  10  10  VAL VAL A . n 
A 1 11  GLN 11  11  11  GLN GLN A . n 
A 1 12  GLY 12  12  12  GLY GLY A . n 
A 1 13  LEU 13  13  13  LEU LEU A . n 
A 1 14  SER 14  14  14  SER SER A . n 
A 1 15  GLY 15  15  15  GLY GLY A . n 
A 1 16  SER 16  16  16  SER SER A . n 
A 1 17  CYS 17  17  17  CYS CYS A . n 
A 1 18  LEU 18  18  18  LEU LEU A . n 
A 1 19  LEU 19  19  19  LEU LEU A . n 
A 1 20  ILE 20  20  20  ILE ILE A . n 
A 1 21  PRO 21  21  21  PRO PRO A . n 
A 1 22  CYS 22  22  22  CYS CYS A . n 
A 1 23  ILE 23  23  23  ILE ILE A . n 
A 1 24  PHE 24  24  24  PHE PHE A . n 
A 1 25  SER 25  25  25  SER SER A . n 
A 1 26  TYR 26  26  26  TYR TYR A . n 
A 1 27  PRO 27  27  27  PRO PRO A . n 
A 1 28  ALA 28  28  28  ALA ALA A . n 
A 1 29  ASP 29  29  29  ASP ASP A . n 
A 1 30  VAL 30  30  30  VAL VAL A . n 
A 1 31  PRO 31  31  31  PRO PRO A . n 
A 1 32  VAL 32  32  32  VAL VAL A . n 
A 1 33  SER 33  33  33  SER SER A . n 
A 1 34  ASN 34  34  34  ASN ASN A . n 
A 1 35  GLY 35  35  35  GLY GLY A . n 
A 1 36  ILE 36  36  36  ILE ILE A . n 
A 1 37  THR 37  37  37  THR THR A . n 
A 1 38  ALA 38  38  38  ALA ALA A . n 
A 1 39  ILE 39  39  39  ILE ILE A . n 
A 1 40  TRP 40  40  40  TRP TRP A . n 
A 1 41  TYR 41  41  41  TYR TYR A . n 
A 1 42  TYR 42  42  42  TYR TYR A . n 
A 1 43  ASP 43  43  43  ASP ASP A . n 
A 1 44  TYR 44  44  44  TYR TYR A . n 
A 1 45  SER 45  45  45  SER SER A . n 
A 1 46  GLY 46  46  46  GLY GLY A . n 
A 1 47  LYS 47  47  47  LYS LYS A . n 
A 1 48  ARG 48  48  48  ARG ARG A . n 
A 1 49  GLN 49  49  49  GLN GLN A . n 
A 1 50  VAL 50  50  50  VAL VAL A . n 
A 1 51  VAL 51  51  51  VAL VAL A . n 
A 1 52  ILE 52  52  52  ILE ILE A . n 
A 1 53  HIS 53  53  53  HIS HIS A . n 
A 1 54  SER 54  54  54  SER SER A . n 
A 1 55  GLY 55  55  55  GLY GLY A . n 
A 1 56  ASP 56  56  56  ASP ASP A . n 
A 1 57  PRO 57  57  57  PRO PRO A . n 
A 1 58  LYS 58  58  58  LYS LYS A . n 
A 1 59  LEU 59  59  59  LEU LEU A . n 
A 1 60  VAL 60  60  60  VAL VAL A . n 
A 1 61  ASP 61  61  61  ASP ASP A . n 
A 1 62  LYS 62  62  62  LYS LYS A . n 
A 1 63  ARG 63  63  63  ARG ARG A . n 
A 1 64  PHE 64  64  64  PHE PHE A . n 
A 1 65  ARG 65  65  65  ARG ARG A . n 
A 1 66  GLY 66  66  66  GLY GLY A . n 
A 1 67  ARG 67  67  67  ARG ARG A . n 
A 1 68  ALA 68  68  68  ALA ALA A . n 
A 1 69  GLU 69  69  69  GLU GLU A . n 
A 1 70  LEU 70  70  70  LEU LEU A . n 
A 1 71  MET 71  71  71  MET MET A . n 
A 1 72  GLY 72  72  72  GLY GLY A . n 
A 1 73  ASN 73  73  73  ASN ASN A . n 
A 1 74  MET 74  74  74  MET MET A . n 
A 1 75  ASP 75  75  75  ASP ASP A . n 
A 1 76  HIS 76  76  76  HIS HIS A . n 
A 1 77  LYS 77  77  77  LYS LYS A . n 
A 1 78  VAL 78  78  78  VAL VAL A . n 
A 1 79  CYS 79  79  79  CYS CYS A . n 
A 1 80  ASN 80  80  80  ASN ASN A . n 
A 1 81  LEU 81  81  81  LEU LEU A . n 
A 1 82  LEU 82  82  82  LEU LEU A . n 
A 1 83  LEU 83  83  83  LEU LEU A . n 
A 1 84  LYS 84  84  84  LYS LYS A . n 
A 1 85  ASP 85  85  85  ASP ASP A . n 
A 1 86  LEU 86  86  86  LEU LEU A . n 
A 1 87  LYS 87  87  87  LYS LYS A . n 
A 1 88  PRO 88  88  88  PRO PRO A . n 
A 1 89  GLU 89  89  89  GLU GLU A . n 
A 1 90  ASP 90  90  90  ASP ASP A . n 
A 1 91  SER 91  91  91  SER SER A . n 
A 1 92  GLY 92  92  92  GLY GLY A . n 
A 1 93  THR 93  93  93  THR THR A . n 
A 1 94  TYR 94  94  94  TYR TYR A . n 
A 1 95  ASN 95  95  95  ASN ASN A . n 
A 1 96  PHE 96  96  96  PHE PHE A . n 
A 1 97  ARG 97  97  97  ARG ARG A . n 
A 1 98  PHE 98  98  98  PHE PHE A . n 
A 1 99  GLU 99  99  99  GLU GLU A . n 
A 1 100 ILE 100 100 100 ILE ILE A . n 
A 1 101 SER 101 101 101 SER SER A . n 
A 1 102 ASP 102 102 102 ASP ASP A . n 
A 1 103 SER 103 103 103 SER SER A . n 
A 1 104 ASN 104 104 104 ASN ASN A . n 
A 1 105 ARG 105 105 105 ARG ARG A . n 
A 1 106 TRP 106 106 106 TRP TRP A . n 
A 1 107 LEU 107 107 107 LEU LEU A . n 
A 1 108 ASP 108 108 108 ASP ASP A . n 
A 1 109 VAL 109 109 109 VAL VAL A . n 
A 1 110 LYS 110 110 110 LYS LYS A . n 
A 1 111 GLY 111 111 111 GLY GLY A . n 
A 1 112 THR 112 112 112 THR THR A . n 
A 1 113 THR 113 113 113 THR THR A . n 
A 1 114 VAL 114 114 114 VAL VAL A . n 
A 1 115 THR 115 115 115 THR THR A . n 
A 1 116 VAL 116 116 116 VAL VAL A . n 
A 1 117 THR 117 117 117 THR THR A . n 
A 1 118 THR 118 118 118 THR THR A . n 
A 1 119 ASP 119 119 119 ASP ASP A . n 
# 
loop_
_pdbx_nonpoly_scheme.asym_id 
_pdbx_nonpoly_scheme.entity_id 
_pdbx_nonpoly_scheme.mon_id 
_pdbx_nonpoly_scheme.ndb_seq_num 
_pdbx_nonpoly_scheme.pdb_seq_num 
_pdbx_nonpoly_scheme.auth_seq_num 
_pdbx_nonpoly_scheme.pdb_mon_id 
_pdbx_nonpoly_scheme.auth_mon_id 
_pdbx_nonpoly_scheme.pdb_strand_id 
_pdbx_nonpoly_scheme.pdb_ins_code 
B 2 BND 1  201  201  BND BND A . 
C 3 SO4 1  202  202  SO4 SO4 A . 
D 4 HOH 1  2001 2001 HOH HOH A . 
D 4 HOH 2  2002 2002 HOH HOH A . 
D 4 HOH 3  2003 2003 HOH HOH A . 
D 4 HOH 4  2004 2004 HOH HOH A . 
D 4 HOH 5  2005 2005 HOH HOH A . 
D 4 HOH 6  2006 2006 HOH HOH A . 
D 4 HOH 7  2007 2007 HOH HOH A . 
D 4 HOH 8  2008 2008 HOH HOH A . 
D 4 HOH 9  2009 2009 HOH HOH A . 
D 4 HOH 10 2010 2010 HOH HOH A . 
D 4 HOH 11 2011 2011 HOH HOH A . 
D 4 HOH 12 2012 2012 HOH HOH A . 
D 4 HOH 13 2013 2013 HOH HOH A . 
D 4 HOH 14 2014 2014 HOH HOH A . 
D 4 HOH 15 2015 2015 HOH HOH A . 
D 4 HOH 16 2016 2016 HOH HOH A . 
D 4 HOH 17 2017 2017 HOH HOH A . 
D 4 HOH 18 2018 2018 HOH HOH A . 
D 4 HOH 19 2019 2019 HOH HOH A . 
D 4 HOH 20 2020 2020 HOH HOH A . 
D 4 HOH 21 2021 2021 HOH HOH A . 
D 4 HOH 22 2022 2022 HOH HOH A . 
D 4 HOH 23 2023 2023 HOH HOH A . 
D 4 HOH 24 2024 2024 HOH HOH A . 
D 4 HOH 25 2025 2025 HOH HOH A . 
D 4 HOH 26 2026 2026 HOH HOH A . 
D 4 HOH 27 2027 2027 HOH HOH A . 
D 4 HOH 28 2028 2028 HOH HOH A . 
D 4 HOH 29 2029 2029 HOH HOH A . 
D 4 HOH 30 2030 2030 HOH HOH A . 
D 4 HOH 31 2031 2031 HOH HOH A . 
D 4 HOH 32 2032 2032 HOH HOH A . 
D 4 HOH 33 2033 2033 HOH HOH A . 
D 4 HOH 34 2034 2034 HOH HOH A . 
D 4 HOH 35 2035 2035 HOH HOH A . 
D 4 HOH 36 2036 2036 HOH HOH A . 
D 4 HOH 37 2037 2037 HOH HOH A . 
D 4 HOH 38 2038 2038 HOH HOH A . 
D 4 HOH 39 2039 2039 HOH HOH A . 
D 4 HOH 40 2040 2040 HOH HOH A . 
D 4 HOH 41 2041 2041 HOH HOH A . 
D 4 HOH 42 2042 2042 HOH HOH A . 
D 4 HOH 43 2043 2043 HOH HOH A . 
D 4 HOH 44 2044 2044 HOH HOH A . 
D 4 HOH 45 2045 2045 HOH HOH A . 
D 4 HOH 46 2046 2046 HOH HOH A . 
D 4 HOH 47 2047 2047 HOH HOH A . 
D 4 HOH 48 2048 2048 HOH HOH A . 
D 4 HOH 49 2049 2049 HOH HOH A . 
D 4 HOH 50 2050 2050 HOH HOH A . 
D 4 HOH 51 2051 2051 HOH HOH A . 
D 4 HOH 52 2052 2052 HOH HOH A . 
D 4 HOH 53 2053 2053 HOH HOH A . 
D 4 HOH 54 2054 2054 HOH HOH A . 
D 4 HOH 55 2055 2055 HOH HOH A . 
D 4 HOH 56 2056 2056 HOH HOH A . 
D 4 HOH 57 2057 2057 HOH HOH A . 
D 4 HOH 58 2058 2058 HOH HOH A . 
D 4 HOH 59 2059 2059 HOH HOH A . 
D 4 HOH 60 2060 2060 HOH HOH A . 
D 4 HOH 61 2061 2061 HOH HOH A . 
D 4 HOH 62 2062 2062 HOH HOH A . 
D 4 HOH 63 2063 2063 HOH HOH A . 
D 4 HOH 64 2064 2064 HOH HOH A . 
D 4 HOH 65 2065 2065 HOH HOH A . 
D 4 HOH 66 2066 2066 HOH HOH A . 
D 4 HOH 67 2067 2067 HOH HOH A . 
D 4 HOH 68 2068 2068 HOH HOH A . 
D 4 HOH 69 2069 2069 HOH HOH A . 
D 4 HOH 70 2070 2070 HOH HOH A . 
D 4 HOH 71 2071 2071 HOH HOH A . 
# 
loop_
_pdbx_unobs_or_zero_occ_atoms.id 
_pdbx_unobs_or_zero_occ_atoms.PDB_model_num 
_pdbx_unobs_or_zero_occ_atoms.polymer_flag 
_pdbx_unobs_or_zero_occ_atoms.occupancy_flag 
_pdbx_unobs_or_zero_occ_atoms.auth_asym_id 
_pdbx_unobs_or_zero_occ_atoms.auth_comp_id 
_pdbx_unobs_or_zero_occ_atoms.auth_seq_id 
_pdbx_unobs_or_zero_occ_atoms.PDB_ins_code 
_pdbx_unobs_or_zero_occ_atoms.auth_atom_id 
_pdbx_unobs_or_zero_occ_atoms.label_alt_id 
_pdbx_unobs_or_zero_occ_atoms.label_asym_id 
_pdbx_unobs_or_zero_occ_atoms.label_comp_id 
_pdbx_unobs_or_zero_occ_atoms.label_seq_id 
_pdbx_unobs_or_zero_occ_atoms.label_atom_id 
1 1 Y 1 A ASP 119 ? CA  ? A ASP 119 CA  
2 1 Y 1 A ASP 119 ? C   ? A ASP 119 C   
3 1 Y 1 A ASP 119 ? O   ? A ASP 119 O   
4 1 Y 1 A ASP 119 ? CB  ? A ASP 119 CB  
5 1 Y 1 A ASP 119 ? CG  ? A ASP 119 CG  
6 1 Y 1 A ASP 119 ? OD1 ? A ASP 119 OD1 
7 1 Y 1 A ASP 119 ? OD2 ? A ASP 119 OD2 
# 
loop_
_software.name 
_software.classification 
_software.version 
_software.citation_id 
_software.pdbx_ordinal 
CNS       refinement       1.0 ? 1 
DENZO     'data reduction' .   ? 2 
SCALEPACK 'data scaling'   .   ? 3 
AMoRE     phasing          .   ? 4 
# 
_cell.entry_id           1OD9 
_cell.length_a           67.860 
_cell.length_b           67.860 
_cell.length_c           69.247 
_cell.angle_alpha        90.00 
_cell.angle_beta         90.00 
_cell.angle_gamma        90.00 
_cell.Z_PDB              8 
_cell.pdbx_unique_axis   ? 
# 
_symmetry.entry_id                         1OD9 
_symmetry.space_group_name_H-M             'P 43 21 2' 
_symmetry.pdbx_full_space_group_name_H-M   ? 
_symmetry.cell_setting                     ? 
_symmetry.Int_Tables_number                96 
# 
_exptl.entry_id          1OD9 
_exptl.method            'X-RAY DIFFRACTION' 
_exptl.crystals_number   1 
# 
_exptl_crystal.id                    1 
_exptl_crystal.density_meas          ? 
_exptl_crystal.density_Matthews      2.54 
_exptl_crystal.density_percent_sol   52.0 
_exptl_crystal.description           ? 
# 
_exptl_crystal_grow.crystal_id      1 
_exptl_crystal_grow.method          ? 
_exptl_crystal_grow.temp            ? 
_exptl_crystal_grow.temp_details    ? 
_exptl_crystal_grow.pH              4.60 
_exptl_crystal_grow.pdbx_pH_range   ? 
_exptl_crystal_grow.pdbx_details    
'1+1 DROP WITH 22.5 % (W/V) PEG 4000, 10 MM DTT, 0.18M AMMONIUM SULFATE, 0.09M SODIUM ACETATE PH 4.6,25MM BENZ COMPOUND' 
# 
_diffrn.id                     1 
_diffrn.ambient_temp           110.0 
_diffrn.ambient_temp_details   ? 
_diffrn.crystal_id             1 
# 
_diffrn_detector.diffrn_id              1 
_diffrn_detector.detector               CCD 
_diffrn_detector.type                   'ADSC CCD' 
_diffrn_detector.pdbx_collection_date   ? 
_diffrn_detector.details                ? 
# 
_diffrn_radiation.diffrn_id                        1 
_diffrn_radiation.wavelength_id                    1 
_diffrn_radiation.pdbx_monochromatic_or_laue_m_l   M 
_diffrn_radiation.monochromator                    ? 
_diffrn_radiation.pdbx_diffrn_protocol             'SINGLE WAVELENGTH' 
_diffrn_radiation.pdbx_scattering_type             x-ray 
# 
_diffrn_radiation_wavelength.id           1 
_diffrn_radiation_wavelength.wavelength   0.87 
_diffrn_radiation_wavelength.wt           1.0 
# 
_diffrn_source.diffrn_id                   1 
_diffrn_source.source                      SYNCHROTRON 
_diffrn_source.type                        'SRS BEAMLINE PX9.6' 
_diffrn_source.pdbx_synchrotron_site       SRS 
_diffrn_source.pdbx_synchrotron_beamline   PX9.6 
_diffrn_source.pdbx_wavelength             0.87 
_diffrn_source.pdbx_wavelength_list        ? 
# 
_reflns.pdbx_diffrn_id               1 
_reflns.pdbx_ordinal                 1 
_reflns.entry_id                     1OD9 
_reflns.observed_criterion_sigma_I   -1.500 
_reflns.observed_criterion_sigma_F   ? 
_reflns.d_resolution_low             20.000 
_reflns.d_resolution_high            2.100 
_reflns.number_obs                   9849 
_reflns.number_all                   ? 
_reflns.percent_possible_obs         99.9 
_reflns.pdbx_Rmerge_I_obs            0.11000 
_reflns.pdbx_Rsym_value              ? 
_reflns.pdbx_netI_over_sigmaI        23.4000 
_reflns.B_iso_Wilson_estimate        18.1 
_reflns.pdbx_redundancy              11.800 
# 
_reflns_shell.pdbx_diffrn_id         1 
_reflns_shell.pdbx_ordinal           1 
_reflns_shell.d_res_high             2.10 
_reflns_shell.d_res_low              2.17 
_reflns_shell.percent_possible_all   99.8 
_reflns_shell.Rmerge_I_obs           0.72000 
_reflns_shell.pdbx_Rsym_value        ? 
_reflns_shell.meanI_over_sigI_obs    2.200 
_reflns_shell.pdbx_redundancy        ? 
# 
_refine.pdbx_refine_id                           'X-RAY DIFFRACTION' 
_refine.entry_id                                 1OD9 
_refine.pdbx_diffrn_id                           1 
_refine.pdbx_TLS_residual_ADP_flag               ? 
_refine.ls_number_reflns_obs                     9667 
_refine.ls_number_reflns_all                     ? 
_refine.pdbx_ls_sigma_I                          ? 
_refine.pdbx_ls_sigma_F                          0.0 
_refine.pdbx_data_cutoff_high_absF               254519.82 
_refine.pdbx_data_cutoff_low_absF                0.000000 
_refine.pdbx_data_cutoff_high_rms_absF           ? 
_refine.ls_d_res_low                             19.72 
_refine.ls_d_res_high                            2.10 
_refine.ls_percent_reflns_obs                    98.3 
_refine.ls_R_factor_obs                          0.209 
_refine.ls_R_factor_all                          ? 
_refine.ls_R_factor_R_work                       0.209 
_refine.ls_R_factor_R_free                       0.253 
_refine.ls_R_factor_R_free_error                 0.011 
_refine.ls_R_factor_R_free_error_details         ? 
_refine.ls_percent_reflns_R_free                 5.3 
_refine.ls_number_reflns_R_free                  512 
_refine.ls_number_parameters                     ? 
_refine.ls_number_restraints                     ? 
_refine.occupancy_min                            ? 
_refine.occupancy_max                            ? 
_refine.correlation_coeff_Fo_to_Fc               ? 
_refine.correlation_coeff_Fo_to_Fc_free          ? 
_refine.B_iso_mean                               39.1 
_refine.aniso_B[1][1]                            -2.64 
_refine.aniso_B[2][2]                            -2.64 
_refine.aniso_B[3][3]                            5.29 
_refine.aniso_B[1][2]                            0.00 
_refine.aniso_B[1][3]                            0.00 
_refine.aniso_B[2][3]                            0.00 
_refine.solvent_model_details                    'FLAT MODEL' 
_refine.solvent_model_param_ksol                 0.345172 
_refine.solvent_model_param_bsol                 52.8331 
_refine.pdbx_solvent_vdw_probe_radii             ? 
_refine.pdbx_solvent_ion_probe_radii             ? 
_refine.pdbx_solvent_shrinkage_radii             ? 
_refine.pdbx_ls_cross_valid_method               THROUGHOUT 
_refine.details                                  'BULK SOLVENT MODEL USED' 
_refine.pdbx_starting_model                      'DOMAIN A OF PDB ENTRY 1QFO' 
_refine.pdbx_method_to_determine_struct          'MOLECULAR REPLACEMENT' 
_refine.pdbx_isotropic_thermal_model             RESTRAINED 
_refine.pdbx_stereochemistry_target_values       ? 
_refine.pdbx_stereochem_target_val_spec_case     ? 
_refine.pdbx_R_Free_selection_details            RANDOM 
_refine.pdbx_overall_ESU_R                       ? 
_refine.pdbx_overall_ESU_R_Free                  ? 
_refine.overall_SU_ML                            ? 
_refine.pdbx_overall_phase_error                 ? 
_refine.overall_SU_B                             ? 
_refine.overall_SU_R_Cruickshank_DPI             ? 
_refine.pdbx_overall_SU_R_free_Cruickshank_DPI   ? 
_refine.pdbx_overall_SU_R_Blow_DPI               ? 
_refine.pdbx_overall_SU_R_free_Blow_DPI          ? 
# 
_refine_analyze.pdbx_refine_id                  'X-RAY DIFFRACTION' 
_refine_analyze.entry_id                        1OD9 
_refine_analyze.Luzzati_coordinate_error_obs    0.27 
_refine_analyze.Luzzati_sigma_a_obs             0.26 
_refine_analyze.Luzzati_d_res_low_obs           6.00 
_refine_analyze.Luzzati_coordinate_error_free   0.35 
_refine_analyze.Luzzati_sigma_a_free            0.30 
_refine_analyze.Luzzati_d_res_low_free          ? 
_refine_analyze.number_disordered_residues      ? 
_refine_analyze.occupancy_sum_hydrogen          ? 
_refine_analyze.occupancy_sum_non_hydrogen      ? 
# 
_refine_hist.pdbx_refine_id                   'X-RAY DIFFRACTION' 
_refine_hist.cycle_id                         LAST 
_refine_hist.pdbx_number_atoms_protein        928 
_refine_hist.pdbx_number_atoms_nucleic_acid   0 
_refine_hist.pdbx_number_atoms_ligand         35 
_refine_hist.number_atoms_solvent             71 
_refine_hist.number_atoms_total               1034 
_refine_hist.d_res_high                       2.10 
_refine_hist.d_res_low                        19.72 
# 
loop_
_refine_ls_restr.type 
_refine_ls_restr.dev_ideal 
_refine_ls_restr.dev_ideal_target 
_refine_ls_restr.weight 
_refine_ls_restr.number 
_refine_ls_restr.pdbx_refine_id 
_refine_ls_restr.pdbx_restraint_function 
c_bond_d                0.011 ?    ? ? 'X-RAY DIFFRACTION' ? 
c_bond_d_na             ?     ?    ? ? 'X-RAY DIFFRACTION' ? 
c_bond_d_prot           ?     ?    ? ? 'X-RAY DIFFRACTION' ? 
c_angle_d               ?     ?    ? ? 'X-RAY DIFFRACTION' ? 
c_angle_d_na            ?     ?    ? ? 'X-RAY DIFFRACTION' ? 
c_angle_d_prot          ?     ?    ? ? 'X-RAY DIFFRACTION' ? 
c_angle_deg             1.3   ?    ? ? 'X-RAY DIFFRACTION' ? 
c_angle_deg_na          ?     ?    ? ? 'X-RAY DIFFRACTION' ? 
c_angle_deg_prot        ?     ?    ? ? 'X-RAY DIFFRACTION' ? 
c_dihedral_angle_d      25.5  ?    ? ? 'X-RAY DIFFRACTION' ? 
c_dihedral_angle_d_na   ?     ?    ? ? 'X-RAY DIFFRACTION' ? 
c_dihedral_angle_d_prot ?     ?    ? ? 'X-RAY DIFFRACTION' ? 
c_improper_angle_d      0.85  ?    ? ? 'X-RAY DIFFRACTION' ? 
c_improper_angle_d_na   ?     ?    ? ? 'X-RAY DIFFRACTION' ? 
c_improper_angle_d_prot ?     ?    ? ? 'X-RAY DIFFRACTION' ? 
c_mcbond_it             3.58  1.00 ? ? 'X-RAY DIFFRACTION' ? 
c_mcangle_it            4.30  1.00 ? ? 'X-RAY DIFFRACTION' ? 
c_scbond_it             5.80  1.50 ? ? 'X-RAY DIFFRACTION' ? 
c_scangle_it            6.82  1.50 ? ? 'X-RAY DIFFRACTION' ? 
# 
_refine_ls_shell.pdbx_refine_id                   'X-RAY DIFFRACTION' 
_refine_ls_shell.pdbx_total_number_of_bins_used   6 
_refine_ls_shell.d_res_high                       2.10 
_refine_ls_shell.d_res_low                        2.23 
_refine_ls_shell.number_reflns_R_work             1384 
_refine_ls_shell.R_factor_R_work                  0.284 
_refine_ls_shell.percent_reflns_obs               90.7 
_refine_ls_shell.R_factor_R_free                  0.309 
_refine_ls_shell.R_factor_R_free_error            0.034 
_refine_ls_shell.percent_reflns_R_free            5.5 
_refine_ls_shell.number_reflns_R_free             81 
_refine_ls_shell.number_reflns_all                ? 
_refine_ls_shell.R_factor_all                     ? 
# 
loop_
_pdbx_xplor_file.pdbx_refine_id 
_pdbx_xplor_file.serial_no 
_pdbx_xplor_file.param_file 
_pdbx_xplor_file.topol_file 
'X-RAY DIFFRACTION' 1 PROTEIN_REP.PARAM PROTEIN.TOP   
'X-RAY DIFFRACTION' 2 WATER_REP.PARAM   WATER_REP.TOP 
'X-RAY DIFFRACTION' 3 BENZYL2.PARAM     BENZYL2.TOP   
'X-RAY DIFFRACTION' 4 ION.PARAM         ION.TOP       
# 
_struct.entry_id                  1OD9 
_struct.title                     
'N-terminal of Sialoadhesin in complex with Me-a-9-N-benzoyl-amino-9-deoxy-Neu5Ac (BENZ compound)' 
_struct.pdbx_model_details        ? 
_struct.pdbx_CASP_flag            ? 
_struct.pdbx_model_type_details   ? 
# 
_struct_keywords.entry_id        1OD9 
_struct_keywords.pdbx_keywords   'LECTIN/IMMUNE SYSTEM' 
_struct_keywords.text            
;LECTIN/IMMUNE SYSTEM, IMMUNE SYSTEM, IMMUNOGLOBULIN SUPERFAMILY, CARBOHYDRATE BINDING, SIGLEC, INHIBITOR DESIGN, LECTIN-IMMUNE SYSTEM complex
;
# 
loop_
_struct_asym.id 
_struct_asym.pdbx_blank_PDB_chainid_flag 
_struct_asym.pdbx_modified 
_struct_asym.entity_id 
_struct_asym.details 
A N N 1 ? 
B N N 2 ? 
C N N 3 ? 
D N N 4 ? 
# 
_struct_ref.id                         1 
_struct_ref.db_name                    UNP 
_struct_ref.db_code                    SN_MOUSE 
_struct_ref.entity_id                  1 
_struct_ref.pdbx_seq_one_letter_code   ? 
_struct_ref.pdbx_align_begin           ? 
_struct_ref.pdbx_db_accession          Q62230 
_struct_ref.pdbx_db_isoform            ? 
# 
_struct_ref_seq.align_id                      1 
_struct_ref_seq.ref_id                        1 
_struct_ref_seq.pdbx_PDB_id_code              1OD9 
_struct_ref_seq.pdbx_strand_id                A 
_struct_ref_seq.seq_align_beg                 1 
_struct_ref_seq.pdbx_seq_align_beg_ins_code   ? 
_struct_ref_seq.seq_align_end                 119 
_struct_ref_seq.pdbx_seq_align_end_ins_code   ? 
_struct_ref_seq.pdbx_db_accession             Q62230 
_struct_ref_seq.db_align_beg                  20 
_struct_ref_seq.pdbx_db_align_beg_ins_code    ? 
_struct_ref_seq.db_align_end                  138 
_struct_ref_seq.pdbx_db_align_end_ins_code    ? 
_struct_ref_seq.pdbx_auth_seq_align_beg       1 
_struct_ref_seq.pdbx_auth_seq_align_end       119 
# 
_pdbx_struct_assembly.id                   1 
_pdbx_struct_assembly.details              author_and_software_defined_assembly 
_pdbx_struct_assembly.method_details       PQS 
_pdbx_struct_assembly.oligomeric_details   monomeric 
_pdbx_struct_assembly.oligomeric_count     1 
# 
_pdbx_struct_assembly_gen.assembly_id       1 
_pdbx_struct_assembly_gen.oper_expression   1 
_pdbx_struct_assembly_gen.asym_id_list      A,B,C,D 
# 
_pdbx_struct_oper_list.id                   1 
_pdbx_struct_oper_list.type                 'identity operation' 
_pdbx_struct_oper_list.name                 1_555 
_pdbx_struct_oper_list.symmetry_operation   x,y,z 
_pdbx_struct_oper_list.matrix[1][1]         1.0000000000 
_pdbx_struct_oper_list.matrix[1][2]         0.0000000000 
_pdbx_struct_oper_list.matrix[1][3]         0.0000000000 
_pdbx_struct_oper_list.vector[1]            0.0000000000 
_pdbx_struct_oper_list.matrix[2][1]         0.0000000000 
_pdbx_struct_oper_list.matrix[2][2]         1.0000000000 
_pdbx_struct_oper_list.matrix[2][3]         0.0000000000 
_pdbx_struct_oper_list.vector[2]            0.0000000000 
_pdbx_struct_oper_list.matrix[3][1]         0.0000000000 
_pdbx_struct_oper_list.matrix[3][2]         0.0000000000 
_pdbx_struct_oper_list.matrix[3][3]         1.0000000000 
_pdbx_struct_oper_list.vector[3]            0.0000000000 
# 
_struct_biol.id   1 
# 
loop_
_struct_conf.conf_type_id 
_struct_conf.id 
_struct_conf.pdbx_PDB_helix_id 
_struct_conf.beg_label_comp_id 
_struct_conf.beg_label_asym_id 
_struct_conf.beg_label_seq_id 
_struct_conf.pdbx_beg_PDB_ins_code 
_struct_conf.end_label_comp_id 
_struct_conf.end_label_asym_id 
_struct_conf.end_label_seq_id 
_struct_conf.pdbx_end_PDB_ins_code 
_struct_conf.beg_auth_comp_id 
_struct_conf.beg_auth_asym_id 
_struct_conf.beg_auth_seq_id 
_struct_conf.end_auth_comp_id 
_struct_conf.end_auth_asym_id 
_struct_conf.end_auth_seq_id 
_struct_conf.pdbx_PDB_helix_class 
_struct_conf.details 
_struct_conf.pdbx_PDB_helix_length 
HELX_P HELX_P1 1 ASP A 56 ? VAL A 60 ? ASP A 56 VAL A 60 5 ? 5 
HELX_P HELX_P2 2 ASP A 61 ? ARG A 65 ? ASP A 61 ARG A 65 5 ? 5 
HELX_P HELX_P3 3 ASN A 73 ? LYS A 77 ? ASN A 73 LYS A 77 5 ? 5 
HELX_P HELX_P4 4 LYS A 87 ? SER A 91 ? LYS A 87 SER A 91 5 ? 5 
# 
_struct_conf_type.id          HELX_P 
_struct_conf_type.criteria    ? 
_struct_conf_type.reference   ? 
# 
_struct_conn.id                            disulf1 
_struct_conn.conn_type_id                  disulf 
_struct_conn.pdbx_leaving_atom_flag        ? 
_struct_conn.pdbx_PDB_id                   ? 
_struct_conn.ptnr1_label_asym_id           A 
_struct_conn.ptnr1_label_comp_id           CYS 
_struct_conn.ptnr1_label_seq_id            22 
_struct_conn.ptnr1_label_atom_id           SG 
_struct_conn.pdbx_ptnr1_label_alt_id       ? 
_struct_conn.pdbx_ptnr1_PDB_ins_code       ? 
_struct_conn.pdbx_ptnr1_standard_comp_id   ? 
_struct_conn.ptnr1_symmetry                1_555 
_struct_conn.ptnr2_label_asym_id           A 
_struct_conn.ptnr2_label_comp_id           CYS 
_struct_conn.ptnr2_label_seq_id            79 
_struct_conn.ptnr2_label_atom_id           SG 
_struct_conn.pdbx_ptnr2_label_alt_id       ? 
_struct_conn.pdbx_ptnr2_PDB_ins_code       ? 
_struct_conn.ptnr1_auth_asym_id            A 
_struct_conn.ptnr1_auth_comp_id            CYS 
_struct_conn.ptnr1_auth_seq_id             22 
_struct_conn.ptnr2_auth_asym_id            A 
_struct_conn.ptnr2_auth_comp_id            CYS 
_struct_conn.ptnr2_auth_seq_id             79 
_struct_conn.ptnr2_symmetry                1_555 
_struct_conn.pdbx_ptnr3_label_atom_id      ? 
_struct_conn.pdbx_ptnr3_label_seq_id       ? 
_struct_conn.pdbx_ptnr3_label_comp_id      ? 
_struct_conn.pdbx_ptnr3_label_asym_id      ? 
_struct_conn.pdbx_ptnr3_label_alt_id       ? 
_struct_conn.pdbx_ptnr3_PDB_ins_code       ? 
_struct_conn.details                       ? 
_struct_conn.pdbx_dist_value               2.042 
_struct_conn.pdbx_value_order              ? 
_struct_conn.pdbx_role                     ? 
# 
_struct_conn_type.id          disulf 
_struct_conn_type.criteria    ? 
_struct_conn_type.reference   ? 
# 
_pdbx_modification_feature.ordinal                            1 
_pdbx_modification_feature.label_comp_id                      CYS 
_pdbx_modification_feature.label_asym_id                      A 
_pdbx_modification_feature.label_seq_id                       22 
_pdbx_modification_feature.label_alt_id                       ? 
_pdbx_modification_feature.modified_residue_label_comp_id     CYS 
_pdbx_modification_feature.modified_residue_label_asym_id     A 
_pdbx_modification_feature.modified_residue_label_seq_id      79 
_pdbx_modification_feature.modified_residue_label_alt_id      ? 
_pdbx_modification_feature.auth_comp_id                       CYS 
_pdbx_modification_feature.auth_asym_id                       A 
_pdbx_modification_feature.auth_seq_id                        22 
_pdbx_modification_feature.PDB_ins_code                       ? 
_pdbx_modification_feature.symmetry                           1_555 
_pdbx_modification_feature.modified_residue_auth_comp_id      CYS 
_pdbx_modification_feature.modified_residue_auth_asym_id      A 
_pdbx_modification_feature.modified_residue_auth_seq_id       79 
_pdbx_modification_feature.modified_residue_PDB_ins_code      ? 
_pdbx_modification_feature.modified_residue_symmetry          1_555 
_pdbx_modification_feature.comp_id_linking_atom               SG 
_pdbx_modification_feature.modified_residue_id_linking_atom   SG 
_pdbx_modification_feature.modified_residue_id                . 
_pdbx_modification_feature.ref_pcm_id                         . 
_pdbx_modification_feature.ref_comp_id                        . 
_pdbx_modification_feature.type                               None 
_pdbx_modification_feature.category                           'Disulfide bridge' 
# 
loop_
_struct_sheet.id 
_struct_sheet.type 
_struct_sheet.number_strands 
_struct_sheet.details 
AA ? 2 ? 
AB ? 5 ? 
AC ? 4 ? 
AD ? 3 ? 
# 
loop_
_struct_sheet_order.sheet_id 
_struct_sheet_order.range_id_1 
_struct_sheet_order.range_id_2 
_struct_sheet_order.offset 
_struct_sheet_order.sense 
AA 1 2 ? anti-parallel 
AB 1 2 ? parallel      
AB 2 3 ? anti-parallel 
AB 3 4 ? anti-parallel 
AB 4 5 ? anti-parallel 
AC 1 2 ? parallel      
AC 2 3 ? anti-parallel 
AC 3 4 ? anti-parallel 
AD 1 2 ? anti-parallel 
AD 2 3 ? anti-parallel 
# 
loop_
_struct_sheet_range.sheet_id 
_struct_sheet_range.id 
_struct_sheet_range.beg_label_comp_id 
_struct_sheet_range.beg_label_asym_id 
_struct_sheet_range.beg_label_seq_id 
_struct_sheet_range.pdbx_beg_PDB_ins_code 
_struct_sheet_range.end_label_comp_id 
_struct_sheet_range.end_label_asym_id 
_struct_sheet_range.end_label_seq_id 
_struct_sheet_range.pdbx_end_PDB_ins_code 
_struct_sheet_range.beg_auth_comp_id 
_struct_sheet_range.beg_auth_asym_id 
_struct_sheet_range.beg_auth_seq_id 
_struct_sheet_range.end_auth_comp_id 
_struct_sheet_range.end_auth_asym_id 
_struct_sheet_range.end_auth_seq_id 
AA 1 GLY A 3   ? SER A 5   ? GLY A 3   SER A 5   
AA 2 ILE A 23  ? SER A 25  ? ILE A 23  SER A 25  
AB 1 ASN A 9   ? LEU A 13  ? ASN A 9   LEU A 13  
AB 2 THR A 112 ? THR A 117 ? THR A 112 THR A 117 
AB 3 GLY A 92  ? GLU A 99  ? GLY A 92  GLU A 99  
AB 4 THR A 37  ? TYR A 42  ? THR A 37  TYR A 42  
AB 5 GLN A 49  ? HIS A 53  ? GLN A 49  HIS A 53  
AC 1 ASN A 9   ? LEU A 13  ? ASN A 9   LEU A 13  
AC 2 THR A 112 ? THR A 117 ? THR A 112 THR A 117 
AC 3 GLY A 92  ? GLU A 99  ? GLY A 92  GLU A 99  
AC 4 ARG A 105 ? LEU A 107 ? ARG A 105 LEU A 107 
AD 1 LEU A 18  ? ILE A 20  ? LEU A 18  ILE A 20  
AD 2 LEU A 81  ? LEU A 83  ? LEU A 81  LEU A 83  
AD 3 ALA A 68  ? LEU A 70  ? ALA A 68  LEU A 70  
# 
loop_
_pdbx_struct_sheet_hbond.sheet_id 
_pdbx_struct_sheet_hbond.range_id_1 
_pdbx_struct_sheet_hbond.range_id_2 
_pdbx_struct_sheet_hbond.range_1_label_atom_id 
_pdbx_struct_sheet_hbond.range_1_label_comp_id 
_pdbx_struct_sheet_hbond.range_1_label_asym_id 
_pdbx_struct_sheet_hbond.range_1_label_seq_id 
_pdbx_struct_sheet_hbond.range_1_PDB_ins_code 
_pdbx_struct_sheet_hbond.range_1_auth_atom_id 
_pdbx_struct_sheet_hbond.range_1_auth_comp_id 
_pdbx_struct_sheet_hbond.range_1_auth_asym_id 
_pdbx_struct_sheet_hbond.range_1_auth_seq_id 
_pdbx_struct_sheet_hbond.range_2_label_atom_id 
_pdbx_struct_sheet_hbond.range_2_label_comp_id 
_pdbx_struct_sheet_hbond.range_2_label_asym_id 
_pdbx_struct_sheet_hbond.range_2_label_seq_id 
_pdbx_struct_sheet_hbond.range_2_PDB_ins_code 
_pdbx_struct_sheet_hbond.range_2_auth_atom_id 
_pdbx_struct_sheet_hbond.range_2_auth_comp_id 
_pdbx_struct_sheet_hbond.range_2_auth_asym_id 
_pdbx_struct_sheet_hbond.range_2_auth_seq_id 
AA 1 2 N SER A 5   ? N SER A 5   O ILE A 23  ? O ILE A 23  
AB 1 2 N VAL A 10  ? N VAL A 10  O THR A 113 ? O THR A 113 
AB 2 3 N VAL A 114 ? N VAL A 114 O GLY A 92  ? O GLY A 92  
AB 3 4 N GLU A 99  ? N GLU A 99  O THR A 37  ? O THR A 37  
AB 4 5 N TYR A 42  ? N TYR A 42  O GLN A 49  ? O GLN A 49  
AC 1 2 N VAL A 10  ? N VAL A 10  O THR A 113 ? O THR A 113 
AC 2 3 N VAL A 114 ? N VAL A 114 O GLY A 92  ? O GLY A 92  
AC 3 4 N PHE A 98  ? N PHE A 98  O TRP A 106 ? O TRP A 106 
AD 1 2 N ILE A 20  ? N ILE A 20  O LEU A 81  ? O LEU A 81  
AD 2 3 N LEU A 82  ? N LEU A 82  O GLU A 69  ? O GLU A 69  
# 
_pdbx_entry_details.entry_id                   1OD9 
_pdbx_entry_details.compound_details           
;THIS IS A MACROPHAGE-RESTRICTED ADHESION MOLECULE THAT
 MEDIATES SIALIC-ACID DEPENDENT BINDING TO LYMPHOCYTES,
 OTHER EFFECTORS INCLUDE GRANULOCYTES, MONOCYTES, NATURAL
 KILLER CELLS AND B-CELLS MEMBER OF THE IMMUNOGLOBULINS
 SUPERFAMILY CONTAINING IG- AND V-TYPE DOMAINS.
;
_pdbx_entry_details.source_details             ? 
_pdbx_entry_details.nonpolymer_details         ? 
_pdbx_entry_details.sequence_details           ? 
_pdbx_entry_details.has_ligand_of_interest     ? 
_pdbx_entry_details.has_protein_modification   Y 
# 
loop_
_pdbx_validate_torsion.id 
_pdbx_validate_torsion.PDB_model_num 
_pdbx_validate_torsion.auth_comp_id 
_pdbx_validate_torsion.auth_asym_id 
_pdbx_validate_torsion.auth_seq_id 
_pdbx_validate_torsion.PDB_ins_code 
_pdbx_validate_torsion.label_alt_id 
_pdbx_validate_torsion.phi 
_pdbx_validate_torsion.psi 
1 1 ASN A 34  ? ? -140.55 33.05  
2 1 ASP A 56  ? ? -174.59 95.68  
3 1 LYS A 110 ? ? -71.12  -72.98 
# 
_pdbx_database_remark.id     700 
_pdbx_database_remark.text   
;
SHEET
THE SHEET STRUCTURE OF THIS MOLECULE IS BIFURCATED. IN
ORDER TO REPRESENT THIS FEATURE IN THE SHEET RECORDS BELOW,
TWO SHEETS ARE DEFINED.
;
# 
loop_
_chem_comp_atom.comp_id 
_chem_comp_atom.atom_id 
_chem_comp_atom.type_symbol 
_chem_comp_atom.pdbx_aromatic_flag 
_chem_comp_atom.pdbx_stereo_config 
_chem_comp_atom.pdbx_ordinal 
ALA N    N N N 1   
ALA CA   C N S 2   
ALA C    C N N 3   
ALA O    O N N 4   
ALA CB   C N N 5   
ALA OXT  O N N 6   
ALA H    H N N 7   
ALA H2   H N N 8   
ALA HA   H N N 9   
ALA HB1  H N N 10  
ALA HB2  H N N 11  
ALA HB3  H N N 12  
ALA HXT  H N N 13  
ARG N    N N N 14  
ARG CA   C N S 15  
ARG C    C N N 16  
ARG O    O N N 17  
ARG CB   C N N 18  
ARG CG   C N N 19  
ARG CD   C N N 20  
ARG NE   N N N 21  
ARG CZ   C N N 22  
ARG NH1  N N N 23  
ARG NH2  N N N 24  
ARG OXT  O N N 25  
ARG H    H N N 26  
ARG H2   H N N 27  
ARG HA   H N N 28  
ARG HB2  H N N 29  
ARG HB3  H N N 30  
ARG HG2  H N N 31  
ARG HG3  H N N 32  
ARG HD2  H N N 33  
ARG HD3  H N N 34  
ARG HE   H N N 35  
ARG HH11 H N N 36  
ARG HH12 H N N 37  
ARG HH21 H N N 38  
ARG HH22 H N N 39  
ARG HXT  H N N 40  
ASN N    N N N 41  
ASN CA   C N S 42  
ASN C    C N N 43  
ASN O    O N N 44  
ASN CB   C N N 45  
ASN CG   C N N 46  
ASN OD1  O N N 47  
ASN ND2  N N N 48  
ASN OXT  O N N 49  
ASN H    H N N 50  
ASN H2   H N N 51  
ASN HA   H N N 52  
ASN HB2  H N N 53  
ASN HB3  H N N 54  
ASN HD21 H N N 55  
ASN HD22 H N N 56  
ASN HXT  H N N 57  
ASP N    N N N 58  
ASP CA   C N S 59  
ASP C    C N N 60  
ASP O    O N N 61  
ASP CB   C N N 62  
ASP CG   C N N 63  
ASP OD1  O N N 64  
ASP OD2  O N N 65  
ASP OXT  O N N 66  
ASP H    H N N 67  
ASP H2   H N N 68  
ASP HA   H N N 69  
ASP HB2  H N N 70  
ASP HB3  H N N 71  
ASP HD2  H N N 72  
ASP HXT  H N N 73  
BND CY1  C N N 74  
BND C1   C N N 75  
BND O1A  O N N 76  
BND O1B  O N N 77  
BND C2   C N R 78  
BND O2   O N N 79  
BND C3   C N N 80  
BND C4   C N S 81  
BND O4   O N N 82  
BND C5   C N R 83  
BND N5   N N N 84  
BND C10  C N N 85  
BND O10  O N N 86  
BND C11  C N N 87  
BND C6   C N R 88  
BND O6   O N N 89  
BND C7   C N R 90  
BND O7   O N N 91  
BND C8   C N R 92  
BND O8   O N N 93  
BND C9   C N N 94  
BND NX6  N N N 95  
BND C12  C N N 96  
BND O12  O N N 97  
BND C1G  C Y N 98  
BND CD1  C Y N 99  
BND CE1  C Y N 100 
BND CD2  C Y N 101 
BND CE2  C Y N 102 
BND C1Z  C Y N 103 
BND HY11 H N N 104 
BND HY12 H N N 105 
BND HY13 H N N 106 
BND HO1B H N N 107 
BND H32  H N N 108 
BND H31  H N N 109 
BND H4   H N N 110 
BND HO4  H N N 111 
BND H5   H N N 112 
BND HN5  H N N 113 
BND H111 H N N 114 
BND H113 H N N 115 
BND H112 H N N 116 
BND H6   H N N 117 
BND H7   H N N 118 
BND HO7  H N N 119 
BND H8   H N N 120 
BND HO8  H N N 121 
BND H92  H N N 122 
BND H91  H N N 123 
BND HE   H N N 124 
BND HD1  H N N 125 
BND HE1  H N N 126 
BND HD2  H N N 127 
BND HE2  H N N 128 
BND H1Z  H N N 129 
CYS N    N N N 130 
CYS CA   C N R 131 
CYS C    C N N 132 
CYS O    O N N 133 
CYS CB   C N N 134 
CYS SG   S N N 135 
CYS OXT  O N N 136 
CYS H    H N N 137 
CYS H2   H N N 138 
CYS HA   H N N 139 
CYS HB2  H N N 140 
CYS HB3  H N N 141 
CYS HG   H N N 142 
CYS HXT  H N N 143 
GLN N    N N N 144 
GLN CA   C N S 145 
GLN C    C N N 146 
GLN O    O N N 147 
GLN CB   C N N 148 
GLN CG   C N N 149 
GLN CD   C N N 150 
GLN OE1  O N N 151 
GLN NE2  N N N 152 
GLN OXT  O N N 153 
GLN H    H N N 154 
GLN H2   H N N 155 
GLN HA   H N N 156 
GLN HB2  H N N 157 
GLN HB3  H N N 158 
GLN HG2  H N N 159 
GLN HG3  H N N 160 
GLN HE21 H N N 161 
GLN HE22 H N N 162 
GLN HXT  H N N 163 
GLU N    N N N 164 
GLU CA   C N S 165 
GLU C    C N N 166 
GLU O    O N N 167 
GLU CB   C N N 168 
GLU CG   C N N 169 
GLU CD   C N N 170 
GLU OE1  O N N 171 
GLU OE2  O N N 172 
GLU OXT  O N N 173 
GLU H    H N N 174 
GLU H2   H N N 175 
GLU HA   H N N 176 
GLU HB2  H N N 177 
GLU HB3  H N N 178 
GLU HG2  H N N 179 
GLU HG3  H N N 180 
GLU HE2  H N N 181 
GLU HXT  H N N 182 
GLY N    N N N 183 
GLY CA   C N N 184 
GLY C    C N N 185 
GLY O    O N N 186 
GLY OXT  O N N 187 
GLY H    H N N 188 
GLY H2   H N N 189 
GLY HA2  H N N 190 
GLY HA3  H N N 191 
GLY HXT  H N N 192 
HIS N    N N N 193 
HIS CA   C N S 194 
HIS C    C N N 195 
HIS O    O N N 196 
HIS CB   C N N 197 
HIS CG   C Y N 198 
HIS ND1  N Y N 199 
HIS CD2  C Y N 200 
HIS CE1  C Y N 201 
HIS NE2  N Y N 202 
HIS OXT  O N N 203 
HIS H    H N N 204 
HIS H2   H N N 205 
HIS HA   H N N 206 
HIS HB2  H N N 207 
HIS HB3  H N N 208 
HIS HD1  H N N 209 
HIS HD2  H N N 210 
HIS HE1  H N N 211 
HIS HE2  H N N 212 
HIS HXT  H N N 213 
HOH O    O N N 214 
HOH H1   H N N 215 
HOH H2   H N N 216 
ILE N    N N N 217 
ILE CA   C N S 218 
ILE C    C N N 219 
ILE O    O N N 220 
ILE CB   C N S 221 
ILE CG1  C N N 222 
ILE CG2  C N N 223 
ILE CD1  C N N 224 
ILE OXT  O N N 225 
ILE H    H N N 226 
ILE H2   H N N 227 
ILE HA   H N N 228 
ILE HB   H N N 229 
ILE HG12 H N N 230 
ILE HG13 H N N 231 
ILE HG21 H N N 232 
ILE HG22 H N N 233 
ILE HG23 H N N 234 
ILE HD11 H N N 235 
ILE HD12 H N N 236 
ILE HD13 H N N 237 
ILE HXT  H N N 238 
LEU N    N N N 239 
LEU CA   C N S 240 
LEU C    C N N 241 
LEU O    O N N 242 
LEU CB   C N N 243 
LEU CG   C N N 244 
LEU CD1  C N N 245 
LEU CD2  C N N 246 
LEU OXT  O N N 247 
LEU H    H N N 248 
LEU H2   H N N 249 
LEU HA   H N N 250 
LEU HB2  H N N 251 
LEU HB3  H N N 252 
LEU HG   H N N 253 
LEU HD11 H N N 254 
LEU HD12 H N N 255 
LEU HD13 H N N 256 
LEU HD21 H N N 257 
LEU HD22 H N N 258 
LEU HD23 H N N 259 
LEU HXT  H N N 260 
LYS N    N N N 261 
LYS CA   C N S 262 
LYS C    C N N 263 
LYS O    O N N 264 
LYS CB   C N N 265 
LYS CG   C N N 266 
LYS CD   C N N 267 
LYS CE   C N N 268 
LYS NZ   N N N 269 
LYS OXT  O N N 270 
LYS H    H N N 271 
LYS H2   H N N 272 
LYS HA   H N N 273 
LYS HB2  H N N 274 
LYS HB3  H N N 275 
LYS HG2  H N N 276 
LYS HG3  H N N 277 
LYS HD2  H N N 278 
LYS HD3  H N N 279 
LYS HE2  H N N 280 
LYS HE3  H N N 281 
LYS HZ1  H N N 282 
LYS HZ2  H N N 283 
LYS HZ3  H N N 284 
LYS HXT  H N N 285 
MET N    N N N 286 
MET CA   C N S 287 
MET C    C N N 288 
MET O    O N N 289 
MET CB   C N N 290 
MET CG   C N N 291 
MET SD   S N N 292 
MET CE   C N N 293 
MET OXT  O N N 294 
MET H    H N N 295 
MET H2   H N N 296 
MET HA   H N N 297 
MET HB2  H N N 298 
MET HB3  H N N 299 
MET HG2  H N N 300 
MET HG3  H N N 301 
MET HE1  H N N 302 
MET HE2  H N N 303 
MET HE3  H N N 304 
MET HXT  H N N 305 
PHE N    N N N 306 
PHE CA   C N S 307 
PHE C    C N N 308 
PHE O    O N N 309 
PHE CB   C N N 310 
PHE CG   C Y N 311 
PHE CD1  C Y N 312 
PHE CD2  C Y N 313 
PHE CE1  C Y N 314 
PHE CE2  C Y N 315 
PHE CZ   C Y N 316 
PHE OXT  O N N 317 
PHE H    H N N 318 
PHE H2   H N N 319 
PHE HA   H N N 320 
PHE HB2  H N N 321 
PHE HB3  H N N 322 
PHE HD1  H N N 323 
PHE HD2  H N N 324 
PHE HE1  H N N 325 
PHE HE2  H N N 326 
PHE HZ   H N N 327 
PHE HXT  H N N 328 
PRO N    N N N 329 
PRO CA   C N S 330 
PRO C    C N N 331 
PRO O    O N N 332 
PRO CB   C N N 333 
PRO CG   C N N 334 
PRO CD   C N N 335 
PRO OXT  O N N 336 
PRO H    H N N 337 
PRO HA   H N N 338 
PRO HB2  H N N 339 
PRO HB3  H N N 340 
PRO HG2  H N N 341 
PRO HG3  H N N 342 
PRO HD2  H N N 343 
PRO HD3  H N N 344 
PRO HXT  H N N 345 
SER N    N N N 346 
SER CA   C N S 347 
SER C    C N N 348 
SER O    O N N 349 
SER CB   C N N 350 
SER OG   O N N 351 
SER OXT  O N N 352 
SER H    H N N 353 
SER H2   H N N 354 
SER HA   H N N 355 
SER HB2  H N N 356 
SER HB3  H N N 357 
SER HG   H N N 358 
SER HXT  H N N 359 
SO4 S    S N N 360 
SO4 O1   O N N 361 
SO4 O2   O N N 362 
SO4 O3   O N N 363 
SO4 O4   O N N 364 
THR N    N N N 365 
THR CA   C N S 366 
THR C    C N N 367 
THR O    O N N 368 
THR CB   C N R 369 
THR OG1  O N N 370 
THR CG2  C N N 371 
THR OXT  O N N 372 
THR H    H N N 373 
THR H2   H N N 374 
THR HA   H N N 375 
THR HB   H N N 376 
THR HG1  H N N 377 
THR HG21 H N N 378 
THR HG22 H N N 379 
THR HG23 H N N 380 
THR HXT  H N N 381 
TRP N    N N N 382 
TRP CA   C N S 383 
TRP C    C N N 384 
TRP O    O N N 385 
TRP CB   C N N 386 
TRP CG   C Y N 387 
TRP CD1  C Y N 388 
TRP CD2  C Y N 389 
TRP NE1  N Y N 390 
TRP CE2  C Y N 391 
TRP CE3  C Y N 392 
TRP CZ2  C Y N 393 
TRP CZ3  C Y N 394 
TRP CH2  C Y N 395 
TRP OXT  O N N 396 
TRP H    H N N 397 
TRP H2   H N N 398 
TRP HA   H N N 399 
TRP HB2  H N N 400 
TRP HB3  H N N 401 
TRP HD1  H N N 402 
TRP HE1  H N N 403 
TRP HE3  H N N 404 
TRP HZ2  H N N 405 
TRP HZ3  H N N 406 
TRP HH2  H N N 407 
TRP HXT  H N N 408 
TYR N    N N N 409 
TYR CA   C N S 410 
TYR C    C N N 411 
TYR O    O N N 412 
TYR CB   C N N 413 
TYR CG   C Y N 414 
TYR CD1  C Y N 415 
TYR CD2  C Y N 416 
TYR CE1  C Y N 417 
TYR CE2  C Y N 418 
TYR CZ   C Y N 419 
TYR OH   O N N 420 
TYR OXT  O N N 421 
TYR H    H N N 422 
TYR H2   H N N 423 
TYR HA   H N N 424 
TYR HB2  H N N 425 
TYR HB3  H N N 426 
TYR HD1  H N N 427 
TYR HD2  H N N 428 
TYR HE1  H N N 429 
TYR HE2  H N N 430 
TYR HH   H N N 431 
TYR HXT  H N N 432 
VAL N    N N N 433 
VAL CA   C N S 434 
VAL C    C N N 435 
VAL O    O N N 436 
VAL CB   C N N 437 
VAL CG1  C N N 438 
VAL CG2  C N N 439 
VAL OXT  O N N 440 
VAL H    H N N 441 
VAL H2   H N N 442 
VAL HA   H N N 443 
VAL HB   H N N 444 
VAL HG11 H N N 445 
VAL HG12 H N N 446 
VAL HG13 H N N 447 
VAL HG21 H N N 448 
VAL HG22 H N N 449 
VAL HG23 H N N 450 
VAL HXT  H N N 451 
# 
loop_
_chem_comp_bond.comp_id 
_chem_comp_bond.atom_id_1 
_chem_comp_bond.atom_id_2 
_chem_comp_bond.value_order 
_chem_comp_bond.pdbx_aromatic_flag 
_chem_comp_bond.pdbx_stereo_config 
_chem_comp_bond.pdbx_ordinal 
ALA N   CA   sing N N 1   
ALA N   H    sing N N 2   
ALA N   H2   sing N N 3   
ALA CA  C    sing N N 4   
ALA CA  CB   sing N N 5   
ALA CA  HA   sing N N 6   
ALA C   O    doub N N 7   
ALA C   OXT  sing N N 8   
ALA CB  HB1  sing N N 9   
ALA CB  HB2  sing N N 10  
ALA CB  HB3  sing N N 11  
ALA OXT HXT  sing N N 12  
ARG N   CA   sing N N 13  
ARG N   H    sing N N 14  
ARG N   H2   sing N N 15  
ARG CA  C    sing N N 16  
ARG CA  CB   sing N N 17  
ARG CA  HA   sing N N 18  
ARG C   O    doub N N 19  
ARG C   OXT  sing N N 20  
ARG CB  CG   sing N N 21  
ARG CB  HB2  sing N N 22  
ARG CB  HB3  sing N N 23  
ARG CG  CD   sing N N 24  
ARG CG  HG2  sing N N 25  
ARG CG  HG3  sing N N 26  
ARG CD  NE   sing N N 27  
ARG CD  HD2  sing N N 28  
ARG CD  HD3  sing N N 29  
ARG NE  CZ   sing N N 30  
ARG NE  HE   sing N N 31  
ARG CZ  NH1  sing N N 32  
ARG CZ  NH2  doub N N 33  
ARG NH1 HH11 sing N N 34  
ARG NH1 HH12 sing N N 35  
ARG NH2 HH21 sing N N 36  
ARG NH2 HH22 sing N N 37  
ARG OXT HXT  sing N N 38  
ASN N   CA   sing N N 39  
ASN N   H    sing N N 40  
ASN N   H2   sing N N 41  
ASN CA  C    sing N N 42  
ASN CA  CB   sing N N 43  
ASN CA  HA   sing N N 44  
ASN C   O    doub N N 45  
ASN C   OXT  sing N N 46  
ASN CB  CG   sing N N 47  
ASN CB  HB2  sing N N 48  
ASN CB  HB3  sing N N 49  
ASN CG  OD1  doub N N 50  
ASN CG  ND2  sing N N 51  
ASN ND2 HD21 sing N N 52  
ASN ND2 HD22 sing N N 53  
ASN OXT HXT  sing N N 54  
ASP N   CA   sing N N 55  
ASP N   H    sing N N 56  
ASP N   H2   sing N N 57  
ASP CA  C    sing N N 58  
ASP CA  CB   sing N N 59  
ASP CA  HA   sing N N 60  
ASP C   O    doub N N 61  
ASP C   OXT  sing N N 62  
ASP CB  CG   sing N N 63  
ASP CB  HB2  sing N N 64  
ASP CB  HB3  sing N N 65  
ASP CG  OD1  doub N N 66  
ASP CG  OD2  sing N N 67  
ASP OD2 HD2  sing N N 68  
ASP OXT HXT  sing N N 69  
BND CY1 O2   sing N N 70  
BND CY1 HY11 sing N N 71  
BND CY1 HY12 sing N N 72  
BND CY1 HY13 sing N N 73  
BND C1  O1A  doub N N 74  
BND C1  O1B  sing N N 75  
BND C1  C2   sing N N 76  
BND O1B HO1B sing N N 77  
BND C2  O2   sing N N 78  
BND C2  C3   sing N N 79  
BND C2  O6   sing N N 80  
BND C3  C4   sing N N 81  
BND C3  H32  sing N N 82  
BND C3  H31  sing N N 83  
BND C4  O4   sing N N 84  
BND C4  C5   sing N N 85  
BND C4  H4   sing N N 86  
BND O4  HO4  sing N N 87  
BND C5  N5   sing N N 88  
BND C5  C6   sing N N 89  
BND C5  H5   sing N N 90  
BND N5  C10  sing N N 91  
BND N5  HN5  sing N N 92  
BND C10 O10  doub N N 93  
BND C10 C11  sing N N 94  
BND C11 H111 sing N N 95  
BND C11 H113 sing N N 96  
BND C11 H112 sing N N 97  
BND C6  O6   sing N N 98  
BND C6  C7   sing N N 99  
BND C6  H6   sing N N 100 
BND C7  O7   sing N N 101 
BND C7  C8   sing N N 102 
BND C7  H7   sing N N 103 
BND O7  HO7  sing N N 104 
BND C8  O8   sing N N 105 
BND C8  C9   sing N N 106 
BND C8  H8   sing N N 107 
BND O8  HO8  sing N N 108 
BND C9  NX6  sing N N 109 
BND C9  H92  sing N N 110 
BND C9  H91  sing N N 111 
BND NX6 C12  sing N N 112 
BND NX6 HE   sing N N 113 
BND C12 O12  doub N N 114 
BND C12 C1G  sing N N 115 
BND C1G CD1  doub Y N 116 
BND C1G CD2  sing Y N 117 
BND CD1 CE1  sing Y N 118 
BND CD1 HD1  sing N N 119 
BND CE1 C1Z  doub Y N 120 
BND CE1 HE1  sing N N 121 
BND CD2 CE2  doub Y N 122 
BND CD2 HD2  sing N N 123 
BND CE2 C1Z  sing Y N 124 
BND CE2 HE2  sing N N 125 
BND C1Z H1Z  sing N N 126 
CYS N   CA   sing N N 127 
CYS N   H    sing N N 128 
CYS N   H2   sing N N 129 
CYS CA  C    sing N N 130 
CYS CA  CB   sing N N 131 
CYS CA  HA   sing N N 132 
CYS C   O    doub N N 133 
CYS C   OXT  sing N N 134 
CYS CB  SG   sing N N 135 
CYS CB  HB2  sing N N 136 
CYS CB  HB3  sing N N 137 
CYS SG  HG   sing N N 138 
CYS OXT HXT  sing N N 139 
GLN N   CA   sing N N 140 
GLN N   H    sing N N 141 
GLN N   H2   sing N N 142 
GLN CA  C    sing N N 143 
GLN CA  CB   sing N N 144 
GLN CA  HA   sing N N 145 
GLN C   O    doub N N 146 
GLN C   OXT  sing N N 147 
GLN CB  CG   sing N N 148 
GLN CB  HB2  sing N N 149 
GLN CB  HB3  sing N N 150 
GLN CG  CD   sing N N 151 
GLN CG  HG2  sing N N 152 
GLN CG  HG3  sing N N 153 
GLN CD  OE1  doub N N 154 
GLN CD  NE2  sing N N 155 
GLN NE2 HE21 sing N N 156 
GLN NE2 HE22 sing N N 157 
GLN OXT HXT  sing N N 158 
GLU N   CA   sing N N 159 
GLU N   H    sing N N 160 
GLU N   H2   sing N N 161 
GLU CA  C    sing N N 162 
GLU CA  CB   sing N N 163 
GLU CA  HA   sing N N 164 
GLU C   O    doub N N 165 
GLU C   OXT  sing N N 166 
GLU CB  CG   sing N N 167 
GLU CB  HB2  sing N N 168 
GLU CB  HB3  sing N N 169 
GLU CG  CD   sing N N 170 
GLU CG  HG2  sing N N 171 
GLU CG  HG3  sing N N 172 
GLU CD  OE1  doub N N 173 
GLU CD  OE2  sing N N 174 
GLU OE2 HE2  sing N N 175 
GLU OXT HXT  sing N N 176 
GLY N   CA   sing N N 177 
GLY N   H    sing N N 178 
GLY N   H2   sing N N 179 
GLY CA  C    sing N N 180 
GLY CA  HA2  sing N N 181 
GLY CA  HA3  sing N N 182 
GLY C   O    doub N N 183 
GLY C   OXT  sing N N 184 
GLY OXT HXT  sing N N 185 
HIS N   CA   sing N N 186 
HIS N   H    sing N N 187 
HIS N   H2   sing N N 188 
HIS CA  C    sing N N 189 
HIS CA  CB   sing N N 190 
HIS CA  HA   sing N N 191 
HIS C   O    doub N N 192 
HIS C   OXT  sing N N 193 
HIS CB  CG   sing N N 194 
HIS CB  HB2  sing N N 195 
HIS CB  HB3  sing N N 196 
HIS CG  ND1  sing Y N 197 
HIS CG  CD2  doub Y N 198 
HIS ND1 CE1  doub Y N 199 
HIS ND1 HD1  sing N N 200 
HIS CD2 NE2  sing Y N 201 
HIS CD2 HD2  sing N N 202 
HIS CE1 NE2  sing Y N 203 
HIS CE1 HE1  sing N N 204 
HIS NE2 HE2  sing N N 205 
HIS OXT HXT  sing N N 206 
HOH O   H1   sing N N 207 
HOH O   H2   sing N N 208 
ILE N   CA   sing N N 209 
ILE N   H    sing N N 210 
ILE N   H2   sing N N 211 
ILE CA  C    sing N N 212 
ILE CA  CB   sing N N 213 
ILE CA  HA   sing N N 214 
ILE C   O    doub N N 215 
ILE C   OXT  sing N N 216 
ILE CB  CG1  sing N N 217 
ILE CB  CG2  sing N N 218 
ILE CB  HB   sing N N 219 
ILE CG1 CD1  sing N N 220 
ILE CG1 HG12 sing N N 221 
ILE CG1 HG13 sing N N 222 
ILE CG2 HG21 sing N N 223 
ILE CG2 HG22 sing N N 224 
ILE CG2 HG23 sing N N 225 
ILE CD1 HD11 sing N N 226 
ILE CD1 HD12 sing N N 227 
ILE CD1 HD13 sing N N 228 
ILE OXT HXT  sing N N 229 
LEU N   CA   sing N N 230 
LEU N   H    sing N N 231 
LEU N   H2   sing N N 232 
LEU CA  C    sing N N 233 
LEU CA  CB   sing N N 234 
LEU CA  HA   sing N N 235 
LEU C   O    doub N N 236 
LEU C   OXT  sing N N 237 
LEU CB  CG   sing N N 238 
LEU CB  HB2  sing N N 239 
LEU CB  HB3  sing N N 240 
LEU CG  CD1  sing N N 241 
LEU CG  CD2  sing N N 242 
LEU CG  HG   sing N N 243 
LEU CD1 HD11 sing N N 244 
LEU CD1 HD12 sing N N 245 
LEU CD1 HD13 sing N N 246 
LEU CD2 HD21 sing N N 247 
LEU CD2 HD22 sing N N 248 
LEU CD2 HD23 sing N N 249 
LEU OXT HXT  sing N N 250 
LYS N   CA   sing N N 251 
LYS N   H    sing N N 252 
LYS N   H2   sing N N 253 
LYS CA  C    sing N N 254 
LYS CA  CB   sing N N 255 
LYS CA  HA   sing N N 256 
LYS C   O    doub N N 257 
LYS C   OXT  sing N N 258 
LYS CB  CG   sing N N 259 
LYS CB  HB2  sing N N 260 
LYS CB  HB3  sing N N 261 
LYS CG  CD   sing N N 262 
LYS CG  HG2  sing N N 263 
LYS CG  HG3  sing N N 264 
LYS CD  CE   sing N N 265 
LYS CD  HD2  sing N N 266 
LYS CD  HD3  sing N N 267 
LYS CE  NZ   sing N N 268 
LYS CE  HE2  sing N N 269 
LYS CE  HE3  sing N N 270 
LYS NZ  HZ1  sing N N 271 
LYS NZ  HZ2  sing N N 272 
LYS NZ  HZ3  sing N N 273 
LYS OXT HXT  sing N N 274 
MET N   CA   sing N N 275 
MET N   H    sing N N 276 
MET N   H2   sing N N 277 
MET CA  C    sing N N 278 
MET CA  CB   sing N N 279 
MET CA  HA   sing N N 280 
MET C   O    doub N N 281 
MET C   OXT  sing N N 282 
MET CB  CG   sing N N 283 
MET CB  HB2  sing N N 284 
MET CB  HB3  sing N N 285 
MET CG  SD   sing N N 286 
MET CG  HG2  sing N N 287 
MET CG  HG3  sing N N 288 
MET SD  CE   sing N N 289 
MET CE  HE1  sing N N 290 
MET CE  HE2  sing N N 291 
MET CE  HE3  sing N N 292 
MET OXT HXT  sing N N 293 
PHE N   CA   sing N N 294 
PHE N   H    sing N N 295 
PHE N   H2   sing N N 296 
PHE CA  C    sing N N 297 
PHE CA  CB   sing N N 298 
PHE CA  HA   sing N N 299 
PHE C   O    doub N N 300 
PHE C   OXT  sing N N 301 
PHE CB  CG   sing N N 302 
PHE CB  HB2  sing N N 303 
PHE CB  HB3  sing N N 304 
PHE CG  CD1  doub Y N 305 
PHE CG  CD2  sing Y N 306 
PHE CD1 CE1  sing Y N 307 
PHE CD1 HD1  sing N N 308 
PHE CD2 CE2  doub Y N 309 
PHE CD2 HD2  sing N N 310 
PHE CE1 CZ   doub Y N 311 
PHE CE1 HE1  sing N N 312 
PHE CE2 CZ   sing Y N 313 
PHE CE2 HE2  sing N N 314 
PHE CZ  HZ   sing N N 315 
PHE OXT HXT  sing N N 316 
PRO N   CA   sing N N 317 
PRO N   CD   sing N N 318 
PRO N   H    sing N N 319 
PRO CA  C    sing N N 320 
PRO CA  CB   sing N N 321 
PRO CA  HA   sing N N 322 
PRO C   O    doub N N 323 
PRO C   OXT  sing N N 324 
PRO CB  CG   sing N N 325 
PRO CB  HB2  sing N N 326 
PRO CB  HB3  sing N N 327 
PRO CG  CD   sing N N 328 
PRO CG  HG2  sing N N 329 
PRO CG  HG3  sing N N 330 
PRO CD  HD2  sing N N 331 
PRO CD  HD3  sing N N 332 
PRO OXT HXT  sing N N 333 
SER N   CA   sing N N 334 
SER N   H    sing N N 335 
SER N   H2   sing N N 336 
SER CA  C    sing N N 337 
SER CA  CB   sing N N 338 
SER CA  HA   sing N N 339 
SER C   O    doub N N 340 
SER C   OXT  sing N N 341 
SER CB  OG   sing N N 342 
SER CB  HB2  sing N N 343 
SER CB  HB3  sing N N 344 
SER OG  HG   sing N N 345 
SER OXT HXT  sing N N 346 
SO4 S   O1   doub N N 347 
SO4 S   O2   doub N N 348 
SO4 S   O3   sing N N 349 
SO4 S   O4   sing N N 350 
THR N   CA   sing N N 351 
THR N   H    sing N N 352 
THR N   H2   sing N N 353 
THR CA  C    sing N N 354 
THR CA  CB   sing N N 355 
THR CA  HA   sing N N 356 
THR C   O    doub N N 357 
THR C   OXT  sing N N 358 
THR CB  OG1  sing N N 359 
THR CB  CG2  sing N N 360 
THR CB  HB   sing N N 361 
THR OG1 HG1  sing N N 362 
THR CG2 HG21 sing N N 363 
THR CG2 HG22 sing N N 364 
THR CG2 HG23 sing N N 365 
THR OXT HXT  sing N N 366 
TRP N   CA   sing N N 367 
TRP N   H    sing N N 368 
TRP N   H2   sing N N 369 
TRP CA  C    sing N N 370 
TRP CA  CB   sing N N 371 
TRP CA  HA   sing N N 372 
TRP C   O    doub N N 373 
TRP C   OXT  sing N N 374 
TRP CB  CG   sing N N 375 
TRP CB  HB2  sing N N 376 
TRP CB  HB3  sing N N 377 
TRP CG  CD1  doub Y N 378 
TRP CG  CD2  sing Y N 379 
TRP CD1 NE1  sing Y N 380 
TRP CD1 HD1  sing N N 381 
TRP CD2 CE2  doub Y N 382 
TRP CD2 CE3  sing Y N 383 
TRP NE1 CE2  sing Y N 384 
TRP NE1 HE1  sing N N 385 
TRP CE2 CZ2  sing Y N 386 
TRP CE3 CZ3  doub Y N 387 
TRP CE3 HE3  sing N N 388 
TRP CZ2 CH2  doub Y N 389 
TRP CZ2 HZ2  sing N N 390 
TRP CZ3 CH2  sing Y N 391 
TRP CZ3 HZ3  sing N N 392 
TRP CH2 HH2  sing N N 393 
TRP OXT HXT  sing N N 394 
TYR N   CA   sing N N 395 
TYR N   H    sing N N 396 
TYR N   H2   sing N N 397 
TYR CA  C    sing N N 398 
TYR CA  CB   sing N N 399 
TYR CA  HA   sing N N 400 
TYR C   O    doub N N 401 
TYR C   OXT  sing N N 402 
TYR CB  CG   sing N N 403 
TYR CB  HB2  sing N N 404 
TYR CB  HB3  sing N N 405 
TYR CG  CD1  doub Y N 406 
TYR CG  CD2  sing Y N 407 
TYR CD1 CE1  sing Y N 408 
TYR CD1 HD1  sing N N 409 
TYR CD2 CE2  doub Y N 410 
TYR CD2 HD2  sing N N 411 
TYR CE1 CZ   doub Y N 412 
TYR CE1 HE1  sing N N 413 
TYR CE2 CZ   sing Y N 414 
TYR CE2 HE2  sing N N 415 
TYR CZ  OH   sing N N 416 
TYR OH  HH   sing N N 417 
TYR OXT HXT  sing N N 418 
VAL N   CA   sing N N 419 
VAL N   H    sing N N 420 
VAL N   H2   sing N N 421 
VAL CA  C    sing N N 422 
VAL CA  CB   sing N N 423 
VAL CA  HA   sing N N 424 
VAL C   O    doub N N 425 
VAL C   OXT  sing N N 426 
VAL CB  CG1  sing N N 427 
VAL CB  CG2  sing N N 428 
VAL CB  HB   sing N N 429 
VAL CG1 HG11 sing N N 430 
VAL CG1 HG12 sing N N 431 
VAL CG1 HG13 sing N N 432 
VAL CG2 HG21 sing N N 433 
VAL CG2 HG22 sing N N 434 
VAL CG2 HG23 sing N N 435 
VAL OXT HXT  sing N N 436 
# 
_pdbx_initial_refinement_model.id               1 
_pdbx_initial_refinement_model.entity_id_list   ? 
_pdbx_initial_refinement_model.type             'experimental model' 
_pdbx_initial_refinement_model.source_name      PDB 
_pdbx_initial_refinement_model.accession_code   1QFO 
_pdbx_initial_refinement_model.details          'DOMAIN A OF PDB ENTRY 1QFO' 
# 
_atom_sites.entry_id                    1OD9 
_atom_sites.fract_transf_matrix[1][1]   -0.00611782 
_atom_sites.fract_transf_matrix[1][2]   -0.00253257 
_atom_sites.fract_transf_matrix[1][3]   -0.01316465 
_atom_sites.fract_transf_matrix[2][1]   -0.00299744 
_atom_sites.fract_transf_matrix[2][2]   -0.01384591 
_atom_sites.fract_transf_matrix[2][3]   0.00405659 
_atom_sites.fract_transf_matrix[3][1]   -0.01280507 
_atom_sites.fract_transf_matrix[3][2]   0.00427463 
_atom_sites.fract_transf_matrix[3][3]   0.00512838 
_atom_sites.fract_transf_vector[1]      0.872120 
_atom_sites.fract_transf_vector[2]      0.671736 
_atom_sites.fract_transf_vector[3]      0.311204 
# 
loop_
_atom_type.symbol 
C 
N 
O 
S 
# 
loop_
_atom_site.group_PDB 
_atom_site.id 
_atom_site.type_symbol 
_atom_site.label_atom_id 
_atom_site.label_alt_id 
_atom_site.label_comp_id 
_atom_site.label_asym_id 
_atom_site.label_entity_id 
_atom_site.label_seq_id 
_atom_site.pdbx_PDB_ins_code 
_atom_site.Cartn_x 
_atom_site.Cartn_y 
_atom_site.Cartn_z 
_atom_site.occupancy 
_atom_site.B_iso_or_equiv 
_atom_site.pdbx_formal_charge 
_atom_site.auth_seq_id 
_atom_site.auth_comp_id 
_atom_site.auth_asym_id 
_atom_site.auth_atom_id 
_atom_site.pdbx_PDB_model_num 
ATOM   1    N N   . THR A 1 1   ? -3.121  18.522  -7.406  1.00 55.65 ? 1    THR A N   1 
ATOM   2    C CA  . THR A 1 1   ? -2.131  17.510  -7.883  1.00 49.34 ? 1    THR A CA  1 
ATOM   3    C C   . THR A 1 1   ? -1.921  16.405  -6.866  1.00 44.29 ? 1    THR A C   1 
ATOM   4    O O   . THR A 1 1   ? -0.812  16.123  -6.400  1.00 41.52 ? 1    THR A O   1 
ATOM   5    C CB  . THR A 1 1   ? -0.772  18.119  -8.207  1.00 50.86 ? 1    THR A CB  1 
ATOM   6    O OG1 . THR A 1 1   ? 0.042   17.130  -8.860  1.00 64.47 ? 1    THR A OG1 1 
ATOM   7    C CG2 . THR A 1 1   ? -0.085  18.569  -6.955  1.00 49.61 ? 1    THR A CG2 1 
ATOM   8    N N   . TRP A 1 2   ? -3.042  15.807  -6.515  1.00 42.10 ? 2    TRP A N   1 
ATOM   9    C CA  . TRP A 1 2   ? -3.081  14.683  -5.627  1.00 34.23 ? 2    TRP A CA  1 
ATOM   10   C C   . TRP A 1 2   ? -2.624  13.533  -6.523  1.00 34.82 ? 2    TRP A C   1 
ATOM   11   O O   . TRP A 1 2   ? -2.930  13.531  -7.723  1.00 31.17 ? 2    TRP A O   1 
ATOM   12   C CB  . TRP A 1 2   ? -4.516  14.428  -5.206  1.00 34.32 ? 2    TRP A CB  1 
ATOM   13   C CG  . TRP A 1 2   ? -5.005  15.351  -4.159  1.00 27.78 ? 2    TRP A CG  1 
ATOM   14   C CD1 . TRP A 1 2   ? -5.506  16.614  -4.325  1.00 34.77 ? 2    TRP A CD1 1 
ATOM   15   C CD2 . TRP A 1 2   ? -5.035  15.082  -2.772  1.00 27.11 ? 2    TRP A CD2 1 
ATOM   16   N NE1 . TRP A 1 2   ? -5.854  17.148  -3.107  1.00 27.68 ? 2    TRP A NE1 1 
ATOM   17   C CE2 . TRP A 1 2   ? -5.573  16.220  -2.134  1.00 27.72 ? 2    TRP A CE2 1 
ATOM   18   C CE3 . TRP A 1 2   ? -4.660  13.973  -1.997  1.00 29.89 ? 2    TRP A CE3 1 
ATOM   19   C CZ2 . TRP A 1 2   ? -5.749  16.287  -0.759  1.00 25.46 ? 2    TRP A CZ2 1 
ATOM   20   C CZ3 . TRP A 1 2   ? -4.836  14.037  -0.633  1.00 30.88 ? 2    TRP A CZ3 1 
ATOM   21   C CH2 . TRP A 1 2   ? -5.381  15.192  -0.024  1.00 34.33 ? 2    TRP A CH2 1 
ATOM   22   N N   . GLY A 1 3   ? -1.896  12.570  -5.971  1.00 28.78 ? 3    GLY A N   1 
ATOM   23   C CA  . GLY A 1 3   ? -1.487  11.450  -6.798  1.00 32.63 ? 3    GLY A CA  1 
ATOM   24   C C   . GLY A 1 3   ? -0.674  10.422  -6.052  1.00 28.34 ? 3    GLY A C   1 
ATOM   25   O O   . GLY A 1 3   ? -0.182  10.683  -4.941  1.00 28.10 ? 3    GLY A O   1 
ATOM   26   N N   . VAL A 1 4   ? -0.561  9.248   -6.664  1.00 28.28 ? 4    VAL A N   1 
ATOM   27   C CA  . VAL A 1 4   ? 0.231   8.134   -6.136  1.00 25.37 ? 4    VAL A CA  1 
ATOM   28   C C   . VAL A 1 4   ? 0.911   7.514   -7.350  1.00 28.20 ? 4    VAL A C   1 
ATOM   29   O O   . VAL A 1 4   ? 0.308   7.397   -8.429  1.00 21.25 ? 4    VAL A O   1 
ATOM   30   C CB  . VAL A 1 4   ? -0.619  7.029   -5.446  1.00 28.60 ? 4    VAL A CB  1 
ATOM   31   C CG1 . VAL A 1 4   ? 0.287   5.844   -5.057  1.00 28.28 ? 4    VAL A CG1 1 
ATOM   32   C CG2 . VAL A 1 4   ? -1.286  7.578   -4.188  1.00 22.05 ? 4    VAL A CG2 1 
ATOM   33   N N   . SER A 1 5   ? 2.175   7.143   -7.192  1.00 23.94 ? 5    SER A N   1 
ATOM   34   C CA  . SER A 1 5   ? 2.879   6.539   -8.295  1.00 25.07 ? 5    SER A CA  1 
ATOM   35   C C   . SER A 1 5   ? 3.690   5.338   -7.816  1.00 23.69 ? 5    SER A C   1 
ATOM   36   O O   . SER A 1 5   ? 4.569   5.468   -6.958  1.00 29.90 ? 5    SER A O   1 
ATOM   37   C CB  . SER A 1 5   ? 3.773   7.586   -8.937  1.00 27.65 ? 5    SER A CB  1 
ATOM   38   O OG  . SER A 1 5   ? 4.414   7.028   -10.063 1.00 51.43 ? 5    SER A OG  1 
ATOM   39   N N   . SER A 1 6   ? 3.344   4.164   -8.324  1.00 29.37 ? 6    SER A N   1 
ATOM   40   C CA  . SER A 1 6   ? 4.040   2.932   -7.968  1.00 30.73 ? 6    SER A CA  1 
ATOM   41   C C   . SER A 1 6   ? 4.092   2.139   -9.286  1.00 30.40 ? 6    SER A C   1 
ATOM   42   O O   . SER A 1 6   ? 3.289   2.379   -10.188 1.00 30.68 ? 6    SER A O   1 
ATOM   43   C CB  . SER A 1 6   ? 3.281   2.164   -6.869  1.00 29.69 ? 6    SER A CB  1 
ATOM   44   O OG  . SER A 1 6   ? 1.974   1.800   -7.277  1.00 36.85 ? 6    SER A OG  1 
ATOM   45   N N   . PRO A 1 7   ? 5.016   1.173   -9.405  1.00 31.45 ? 7    PRO A N   1 
ATOM   46   C CA  . PRO A 1 7   ? 5.141   0.387   -10.646 1.00 32.36 ? 7    PRO A CA  1 
ATOM   47   C C   . PRO A 1 7   ? 3.901   -0.357  -11.092 1.00 31.16 ? 7    PRO A C   1 
ATOM   48   O O   . PRO A 1 7   ? 3.108   -0.829  -10.284 1.00 31.97 ? 7    PRO A O   1 
ATOM   49   C CB  . PRO A 1 7   ? 6.328   -0.543  -10.360 1.00 34.13 ? 7    PRO A CB  1 
ATOM   50   C CG  . PRO A 1 7   ? 6.238   -0.742  -8.863  1.00 35.89 ? 7    PRO A CG  1 
ATOM   51   C CD  . PRO A 1 7   ? 5.884   0.637   -8.343  1.00 31.59 ? 7    PRO A CD  1 
ATOM   52   N N   . LYS A 1 8   ? 3.739   -0.454  -12.398 1.00 29.29 ? 8    LYS A N   1 
ATOM   53   C CA  . LYS A 1 8   ? 2.586   -1.128  -12.982 1.00 34.93 ? 8    LYS A CA  1 
ATOM   54   C C   . LYS A 1 8   ? 2.635   -2.622  -12.668 1.00 36.25 ? 8    LYS A C   1 
ATOM   55   O O   . LYS A 1 8   ? 1.609   -3.250  -12.361 1.00 32.95 ? 8    LYS A O   1 
ATOM   56   C CB  . LYS A 1 8   ? 2.599   -0.911  -14.488 1.00 44.46 ? 8    LYS A CB  1 
ATOM   57   C CG  . LYS A 1 8   ? 1.379   -1.391  -15.229 1.00 50.13 ? 8    LYS A CG  1 
ATOM   58   C CD  . LYS A 1 8   ? 1.467   -0.910  -16.681 1.00 57.83 ? 8    LYS A CD  1 
ATOM   59   C CE  . LYS A 1 8   ? 0.272   -1.378  -17.503 1.00 66.29 ? 8    LYS A CE  1 
ATOM   60   N NZ  . LYS A 1 8   ? 0.361   -0.929  -18.932 1.00 71.30 ? 8    LYS A NZ  1 
ATOM   61   N N   . ASN A 1 9   ? 3.840   -3.182  -12.726 1.00 33.01 ? 9    ASN A N   1 
ATOM   62   C CA  . ASN A 1 9   ? 4.035   -4.600  -12.463 1.00 37.69 ? 9    ASN A CA  1 
ATOM   63   C C   . ASN A 1 9   ? 5.283   -4.860  -11.656 1.00 38.79 ? 9    ASN A C   1 
ATOM   64   O O   . ASN A 1 9   ? 6.281   -4.139  -11.764 1.00 37.76 ? 9    ASN A O   1 
ATOM   65   C CB  . ASN A 1 9   ? 4.103   -5.378  -13.778 1.00 36.68 ? 9    ASN A CB  1 
ATOM   66   C CG  . ASN A 1 9   ? 2.726   -5.659  -14.352 1.00 44.61 ? 9    ASN A CG  1 
ATOM   67   O OD1 . ASN A 1 9   ? 2.003   -6.507  -13.836 1.00 44.67 ? 9    ASN A OD1 1 
ATOM   68   N ND2 . ASN A 1 9   ? 2.346   -4.934  -15.408 1.00 46.25 ? 9    ASN A ND2 1 
ATOM   69   N N   . VAL A 1 10  ? 5.207   -5.886  -10.822 1.00 38.59 ? 10   VAL A N   1 
ATOM   70   C CA  . VAL A 1 10  ? 6.337   -6.305  -9.997  1.00 39.44 ? 10   VAL A CA  1 
ATOM   71   C C   . VAL A 1 10  ? 6.298   -7.842  -9.976  1.00 41.67 ? 10   VAL A C   1 
ATOM   72   O O   . VAL A 1 10  ? 5.212   -8.454  -10.045 1.00 37.31 ? 10   VAL A O   1 
ATOM   73   C CB  . VAL A 1 10  ? 6.226   -5.748  -8.568  1.00 37.75 ? 10   VAL A CB  1 
ATOM   74   C CG1 . VAL A 1 10  ? 7.358   -6.263  -7.724  1.00 46.54 ? 10   VAL A CG1 1 
ATOM   75   C CG2 . VAL A 1 10  ? 6.297   -4.239  -8.604  1.00 40.96 ? 10   VAL A CG2 1 
ATOM   76   N N   . GLN A 1 11  ? 7.471   -8.461  -9.884  1.00 41.27 ? 11   GLN A N   1 
ATOM   77   C CA  . GLN A 1 11  ? 7.576   -9.920  -9.897  1.00 47.28 ? 11   GLN A CA  1 
ATOM   78   C C   . GLN A 1 11  ? 8.367   -10.412 -8.699  1.00 46.26 ? 11   GLN A C   1 
ATOM   79   O O   . GLN A 1 11  ? 9.311   -9.751  -8.254  1.00 42.03 ? 11   GLN A O   1 
ATOM   80   C CB  . GLN A 1 11  ? 8.323   -10.399 -11.142 1.00 50.04 ? 11   GLN A CB  1 
ATOM   81   C CG  . GLN A 1 11  ? 8.115   -9.567  -12.388 1.00 64.98 ? 11   GLN A CG  1 
ATOM   82   C CD  . GLN A 1 11  ? 6.788   -9.843  -13.060 1.00 69.13 ? 11   GLN A CD  1 
ATOM   83   O OE1 . GLN A 1 11  ? 6.403   -11.004 -13.232 1.00 75.22 ? 11   GLN A OE1 1 
ATOM   84   N NE2 . GLN A 1 11  ? 6.085   -8.777  -13.463 1.00 66.31 ? 11   GLN A NE2 1 
ATOM   85   N N   . GLY A 1 12  ? 8.002   -11.588 -8.203  1.00 45.28 ? 12   GLY A N   1 
ATOM   86   C CA  . GLY A 1 12  ? 8.725   -12.147 -7.077  1.00 47.44 ? 12   GLY A CA  1 
ATOM   87   C C   . GLY A 1 12  ? 8.646   -13.662 -6.992  1.00 47.35 ? 12   GLY A C   1 
ATOM   88   O O   . GLY A 1 12  ? 7.688   -14.287 -7.464  1.00 47.83 ? 12   GLY A O   1 
ATOM   89   N N   . LEU A 1 13  ? 9.663   -14.256 -6.379  1.00 49.61 ? 13   LEU A N   1 
ATOM   90   C CA  . LEU A 1 13  ? 9.710   -15.701 -6.205  1.00 47.42 ? 13   LEU A CA  1 
ATOM   91   C C   . LEU A 1 13  ? 9.043   -16.117 -4.906  1.00 48.44 ? 13   LEU A C   1 
ATOM   92   O O   . LEU A 1 13  ? 9.212   -15.453 -3.872  1.00 46.15 ? 13   LEU A O   1 
ATOM   93   C CB  . LEU A 1 13  ? 11.150  -16.175 -6.165  1.00 48.69 ? 13   LEU A CB  1 
ATOM   94   C CG  . LEU A 1 13  ? 11.772  -16.621 -7.474  1.00 52.79 ? 13   LEU A CG  1 
ATOM   95   C CD1 . LEU A 1 13  ? 13.240  -16.914 -7.225  1.00 55.62 ? 13   LEU A CD1 1 
ATOM   96   C CD2 . LEU A 1 13  ? 11.054  -17.863 -7.990  1.00 48.59 ? 13   LEU A CD2 1 
ATOM   97   N N   . SER A 1 14  ? 8.301   -17.220 -4.953  1.00 44.65 ? 14   SER A N   1 
ATOM   98   C CA  . SER A 1 14  ? 7.647   -17.721 -3.757  1.00 47.17 ? 14   SER A CA  1 
ATOM   99   C C   . SER A 1 14  ? 8.656   -17.958 -2.620  1.00 49.25 ? 14   SER A C   1 
ATOM   100  O O   . SER A 1 14  ? 9.760   -18.466 -2.851  1.00 49.37 ? 14   SER A O   1 
ATOM   101  C CB  . SER A 1 14  ? 6.921   -19.007 -4.070  1.00 44.52 ? 14   SER A CB  1 
ATOM   102  O OG  . SER A 1 14  ? 6.098   -19.344 -2.977  1.00 55.12 ? 14   SER A OG  1 
ATOM   103  N N   . GLY A 1 15  ? 8.289   -17.570 -1.400  1.00 43.07 ? 15   GLY A N   1 
ATOM   104  C CA  . GLY A 1 15  ? 9.191   -17.745 -0.272  1.00 46.24 ? 15   GLY A CA  1 
ATOM   105  C C   . GLY A 1 15  ? 10.135  -16.560 -0.102  1.00 48.42 ? 15   GLY A C   1 
ATOM   106  O O   . GLY A 1 15  ? 10.685  -16.332 0.977   1.00 49.23 ? 15   GLY A O   1 
ATOM   107  N N   . SER A 1 16  ? 10.314  -15.790 -1.170  1.00 50.01 ? 16   SER A N   1 
ATOM   108  C CA  . SER A 1 16  ? 11.182  -14.623 -1.141  1.00 52.99 ? 16   SER A CA  1 
ATOM   109  C C   . SER A 1 16  ? 10.395  -13.395 -0.679  1.00 53.76 ? 16   SER A C   1 
ATOM   110  O O   . SER A 1 16  ? 9.179   -13.466 -0.491  1.00 51.31 ? 16   SER A O   1 
ATOM   111  C CB  . SER A 1 16  ? 11.735  -14.371 -2.542  1.00 54.33 ? 16   SER A CB  1 
ATOM   112  O OG  . SER A 1 16  ? 12.517  -13.191 -2.572  1.00 56.65 ? 16   SER A OG  1 
ATOM   113  N N   . CYS A 1 17  ? 11.087  -12.277 -0.478  1.00 51.08 ? 17   CYS A N   1 
ATOM   114  C CA  . CYS A 1 17  ? 10.397  -11.054 -0.092  1.00 55.57 ? 17   CYS A CA  1 
ATOM   115  C C   . CYS A 1 17  ? 10.469  -10.070 -1.272  1.00 54.94 ? 17   CYS A C   1 
ATOM   116  O O   . CYS A 1 17  ? 11.419  -10.102 -2.068  1.00 54.23 ? 17   CYS A O   1 
ATOM   117  C CB  . CYS A 1 17  ? 10.963  -10.457 1.207   1.00 54.61 ? 17   CYS A CB  1 
ATOM   118  S SG  . CYS A 1 17  ? 12.663  -9.950  1.187   1.00 77.24 ? 17   CYS A SG  1 
ATOM   119  N N   . LEU A 1 18  ? 9.456   -9.215  -1.395  1.00 45.95 ? 18   LEU A N   1 
ATOM   120  C CA  . LEU A 1 18  ? 9.374   -8.297  -2.512  1.00 42.07 ? 18   LEU A CA  1 
ATOM   121  C C   . LEU A 1 18  ? 9.010   -6.882  -2.092  1.00 41.92 ? 18   LEU A C   1 
ATOM   122  O O   . LEU A 1 18  ? 8.128   -6.687  -1.257  1.00 43.42 ? 18   LEU A O   1 
ATOM   123  C CB  . LEU A 1 18  ? 8.324   -8.835  -3.474  1.00 41.18 ? 18   LEU A CB  1 
ATOM   124  C CG  . LEU A 1 18  ? 7.864   -7.968  -4.631  1.00 46.34 ? 18   LEU A CG  1 
ATOM   125  C CD1 . LEU A 1 18  ? 9.079   -7.447  -5.382  1.00 51.61 ? 18   LEU A CD1 1 
ATOM   126  C CD2 . LEU A 1 18  ? 6.969   -8.790  -5.539  1.00 37.91 ? 18   LEU A CD2 1 
ATOM   127  N N   . LEU A 1 19  ? 9.683   -5.892  -2.661  1.00 39.23 ? 19   LEU A N   1 
ATOM   128  C CA  . LEU A 1 19  ? 9.364   -4.510  -2.324  1.00 41.34 ? 19   LEU A CA  1 
ATOM   129  C C   . LEU A 1 19  ? 8.683   -3.789  -3.470  1.00 40.07 ? 19   LEU A C   1 
ATOM   130  O O   . LEU A 1 19  ? 9.091   -3.909  -4.625  1.00 48.82 ? 19   LEU A O   1 
ATOM   131  C CB  . LEU A 1 19  ? 10.611  -3.733  -1.918  1.00 39.99 ? 19   LEU A CB  1 
ATOM   132  C CG  . LEU A 1 19  ? 10.299  -2.271  -1.530  1.00 42.48 ? 19   LEU A CG  1 
ATOM   133  C CD1 . LEU A 1 19  ? 10.695  -1.969  -0.103  1.00 41.79 ? 19   LEU A CD1 1 
ATOM   134  C CD2 . LEU A 1 19  ? 11.042  -1.361  -2.467  1.00 41.04 ? 19   LEU A CD2 1 
ATOM   135  N N   . ILE A 1 20  ? 7.631   -3.045  -3.147  1.00 35.86 ? 20   ILE A N   1 
ATOM   136  C CA  . ILE A 1 20  ? 6.906   -2.276  -4.150  1.00 31.45 ? 20   ILE A CA  1 
ATOM   137  C C   . ILE A 1 20  ? 7.248   -0.807  -3.895  1.00 32.16 ? 20   ILE A C   1 
ATOM   138  O O   . ILE A 1 20  ? 6.768   -0.196  -2.932  1.00 33.00 ? 20   ILE A O   1 
ATOM   139  C CB  . ILE A 1 20  ? 5.398   -2.474  -4.019  1.00 31.98 ? 20   ILE A CB  1 
ATOM   140  C CG1 . ILE A 1 20  ? 5.053   -3.929  -4.304  1.00 33.92 ? 20   ILE A CG1 1 
ATOM   141  C CG2 . ILE A 1 20  ? 4.656   -1.546  -4.979  1.00 24.79 ? 20   ILE A CG2 1 
ATOM   142  C CD1 . ILE A 1 20  ? 3.560   -4.242  -4.212  1.00 41.96 ? 20   ILE A CD1 1 
ATOM   143  N N   . PRO A 1 21  ? 8.100   -0.218  -4.749  1.00 31.67 ? 21   PRO A N   1 
ATOM   144  C CA  . PRO A 1 21  ? 8.474   1.191   -4.558  1.00 28.92 ? 21   PRO A CA  1 
ATOM   145  C C   . PRO A 1 21  ? 7.230   2.056   -4.790  1.00 28.78 ? 21   PRO A C   1 
ATOM   146  O O   . PRO A 1 21  ? 6.401   1.730   -5.644  1.00 29.00 ? 21   PRO A O   1 
ATOM   147  C CB  . PRO A 1 21  ? 9.604   1.389   -5.581  1.00 33.63 ? 21   PRO A CB  1 
ATOM   148  C CG  . PRO A 1 21  ? 9.240   0.434   -6.683  1.00 34.57 ? 21   PRO A CG  1 
ATOM   149  C CD  . PRO A 1 21  ? 8.704   -0.790  -5.967  1.00 31.81 ? 21   PRO A CD  1 
ATOM   150  N N   . CYS A 1 22  ? 7.089   3.138   -4.020  1.00 29.40 ? 22   CYS A N   1 
ATOM   151  C CA  . CYS A 1 22  ? 5.900   3.986   -4.101  1.00 26.60 ? 22   CYS A CA  1 
ATOM   152  C C   . CYS A 1 22  ? 6.118   5.387   -3.529  1.00 26.59 ? 22   CYS A C   1 
ATOM   153  O O   . CYS A 1 22  ? 6.735   5.528   -2.493  1.00 27.23 ? 22   CYS A O   1 
ATOM   154  C CB  . CYS A 1 22  ? 4.770   3.301   -3.291  1.00 20.30 ? 22   CYS A CB  1 
ATOM   155  S SG  . CYS A 1 22  ? 3.168   4.164   -3.085  1.00 31.74 ? 22   CYS A SG  1 
ATOM   156  N N   . ILE A 1 23  ? 5.582   6.409   -4.193  1.00 25.67 ? 23   ILE A N   1 
ATOM   157  C CA  . ILE A 1 23  ? 5.658   7.783   -3.704  1.00 21.57 ? 23   ILE A CA  1 
ATOM   158  C C   . ILE A 1 23  ? 4.276   8.400   -3.945  1.00 27.54 ? 23   ILE A C   1 
ATOM   159  O O   . ILE A 1 23  ? 3.507   7.908   -4.783  1.00 23.90 ? 23   ILE A O   1 
ATOM   160  C CB  . ILE A 1 23  ? 6.703   8.686   -4.478  1.00 23.89 ? 23   ILE A CB  1 
ATOM   161  C CG1 . ILE A 1 23  ? 6.432   8.633   -5.984  1.00 24.58 ? 23   ILE A CG1 1 
ATOM   162  C CG2 . ILE A 1 23  ? 8.129   8.281   -4.162  1.00 19.19 ? 23   ILE A CG2 1 
ATOM   163  C CD1 . ILE A 1 23  ? 7.413   9.483   -6.849  1.00 20.31 ? 23   ILE A CD1 1 
ATOM   164  N N   . PHE A 1 24  ? 3.964   9.485   -3.238  1.00 22.35 ? 24   PHE A N   1 
ATOM   165  C CA  . PHE A 1 24  ? 2.668   10.118  -3.453  1.00 28.93 ? 24   PHE A CA  1 
ATOM   166  C C   . PHE A 1 24  ? 2.754   11.622  -3.313  1.00 26.56 ? 24   PHE A C   1 
ATOM   167  O O   . PHE A 1 24  ? 3.805   12.146  -2.964  1.00 32.15 ? 24   PHE A O   1 
ATOM   168  C CB  . PHE A 1 24  ? 1.627   9.553   -2.478  1.00 27.07 ? 24   PHE A CB  1 
ATOM   169  C CG  . PHE A 1 24  ? 1.920   9.829   -1.024  1.00 29.88 ? 24   PHE A CG  1 
ATOM   170  C CD1 . PHE A 1 24  ? 2.806   9.021   -0.307  1.00 32.19 ? 24   PHE A CD1 1 
ATOM   171  C CD2 . PHE A 1 24  ? 1.262   10.861  -0.350  1.00 32.92 ? 24   PHE A CD2 1 
ATOM   172  C CE1 . PHE A 1 24  ? 3.027   9.238   1.090   1.00 34.02 ? 24   PHE A CE1 1 
ATOM   173  C CE2 . PHE A 1 24  ? 1.473   11.087  1.039   1.00 26.55 ? 24   PHE A CE2 1 
ATOM   174  C CZ  . PHE A 1 24  ? 2.360   10.267  1.756   1.00 30.34 ? 24   PHE A CZ  1 
ATOM   175  N N   . SER A 1 25  ? 1.663   12.332  -3.592  1.00 28.78 ? 25   SER A N   1 
ATOM   176  C CA  . SER A 1 25  ? 1.698   13.785  -3.434  1.00 35.17 ? 25   SER A CA  1 
ATOM   177  C C   . SER A 1 25  ? 0.335   14.403  -3.257  1.00 32.40 ? 25   SER A C   1 
ATOM   178  O O   . SER A 1 25  ? -0.692  13.781  -3.518  1.00 28.42 ? 25   SER A O   1 
ATOM   179  C CB  . SER A 1 25  ? 2.431   14.468  -4.614  1.00 40.05 ? 25   SER A CB  1 
ATOM   180  O OG  . SER A 1 25  ? 1.687   14.440  -5.812  1.00 40.22 ? 25   SER A OG  1 
ATOM   181  N N   . TYR A 1 26  ? 0.340   15.633  -2.780  1.00 32.18 ? 26   TYR A N   1 
ATOM   182  C CA  . TYR A 1 26  ? -0.889  16.379  -2.565  1.00 34.49 ? 26   TYR A CA  1 
ATOM   183  C C   . TYR A 1 26  ? -0.513  17.849  -2.449  1.00 34.53 ? 26   TYR A C   1 
ATOM   184  O O   . TYR A 1 26  ? 0.636   18.175  -2.117  1.00 34.06 ? 26   TYR A O   1 
ATOM   185  C CB  . TYR A 1 26  ? -1.573  15.919  -1.279  1.00 32.77 ? 26   TYR A CB  1 
ATOM   186  C CG  . TYR A 1 26  ? -0.661  15.977  -0.080  1.00 32.25 ? 26   TYR A CG  1 
ATOM   187  C CD1 . TYR A 1 26  ? 0.215   14.933  0.190   1.00 23.11 ? 26   TYR A CD1 1 
ATOM   188  C CD2 . TYR A 1 26  ? -0.649  17.091  0.760   1.00 32.67 ? 26   TYR A CD2 1 
ATOM   189  C CE1 . TYR A 1 26  ? 1.081   14.981  1.269   1.00 26.14 ? 26   TYR A CE1 1 
ATOM   190  C CE2 . TYR A 1 26  ? 0.224   17.172  1.850   1.00 30.39 ? 26   TYR A CE2 1 
ATOM   191  C CZ  . TYR A 1 26  ? 1.083   16.106  2.098   1.00 35.77 ? 26   TYR A CZ  1 
ATOM   192  O OH  . TYR A 1 26  ? 1.932   16.131  3.171   1.00 33.07 ? 26   TYR A OH  1 
ATOM   193  N N   . PRO A 1 27  ? -1.484  18.749  -2.695  1.00 35.88 ? 27   PRO A N   1 
ATOM   194  C CA  . PRO A 1 27  ? -1.309  20.213  -2.637  1.00 36.55 ? 27   PRO A CA  1 
ATOM   195  C C   . PRO A 1 27  ? -0.567  20.717  -1.398  1.00 34.95 ? 27   PRO A C   1 
ATOM   196  O O   . PRO A 1 27  ? -0.864  20.326  -0.262  1.00 28.86 ? 27   PRO A O   1 
ATOM   197  C CB  . PRO A 1 27  ? -2.751  20.743  -2.681  1.00 36.31 ? 27   PRO A CB  1 
ATOM   198  C CG  . PRO A 1 27  ? -3.467  19.700  -3.486  1.00 38.33 ? 27   PRO A CG  1 
ATOM   199  C CD  . PRO A 1 27  ? -2.906  18.406  -2.901  1.00 36.24 ? 27   PRO A CD  1 
ATOM   200  N N   . ALA A 1 28  ? 0.384   21.611  -1.629  1.00 36.10 ? 28   ALA A N   1 
ATOM   201  C CA  . ALA A 1 28  ? 1.163   22.180  -0.548  1.00 36.05 ? 28   ALA A CA  1 
ATOM   202  C C   . ALA A 1 28  ? 0.305   22.945  0.457   1.00 34.01 ? 28   ALA A C   1 
ATOM   203  O O   . ALA A 1 28  ? 0.726   23.166  1.589   1.00 37.54 ? 28   ALA A O   1 
ATOM   204  C CB  . ALA A 1 28  ? 2.221   23.104  -1.122  1.00 42.90 ? 28   ALA A CB  1 
ATOM   205  N N   . ASP A 1 29  ? -0.892  23.355  0.047   1.00 36.81 ? 29   ASP A N   1 
ATOM   206  C CA  . ASP A 1 29  ? -1.763  24.133  0.932   1.00 39.49 ? 29   ASP A CA  1 
ATOM   207  C C   . ASP A 1 29  ? -2.712  23.322  1.817   1.00 39.38 ? 29   ASP A C   1 
ATOM   208  O O   . ASP A 1 29  ? -3.557  23.898  2.499   1.00 35.03 ? 29   ASP A O   1 
ATOM   209  C CB  . ASP A 1 29  ? -2.567  25.154  0.110   1.00 48.38 ? 29   ASP A CB  1 
ATOM   210  C CG  . ASP A 1 29  ? -3.304  24.512  -1.069  1.00 63.14 ? 29   ASP A CG  1 
ATOM   211  O OD1 . ASP A 1 29  ? -4.166  23.631  -0.844  1.00 68.73 ? 29   ASP A OD1 1 
ATOM   212  O OD2 . ASP A 1 29  ? -3.015  24.880  -2.228  1.00 69.14 ? 29   ASP A OD2 1 
ATOM   213  N N   . VAL A 1 30  ? -2.582  21.995  1.801   1.00 35.70 ? 30   VAL A N   1 
ATOM   214  C CA  . VAL A 1 30  ? -3.423  21.140  2.639   1.00 33.26 ? 30   VAL A CA  1 
ATOM   215  C C   . VAL A 1 30  ? -2.832  21.071  4.043   1.00 36.85 ? 30   VAL A C   1 
ATOM   216  O O   . VAL A 1 30  ? -1.696  20.639  4.229   1.00 33.60 ? 30   VAL A O   1 
ATOM   217  C CB  . VAL A 1 30  ? -3.482  19.691  2.096   1.00 37.68 ? 30   VAL A CB  1 
ATOM   218  C CG1 . VAL A 1 30  ? -4.116  18.759  3.132   1.00 30.15 ? 30   VAL A CG1 1 
ATOM   219  C CG2 . VAL A 1 30  ? -4.276  19.654  0.820   1.00 34.56 ? 30   VAL A CG2 1 
ATOM   220  N N   . PRO A 1 31  ? -3.596  21.485  5.057   1.00 36.91 ? 31   PRO A N   1 
ATOM   221  C CA  . PRO A 1 31  ? -3.022  21.409  6.405   1.00 31.85 ? 31   PRO A CA  1 
ATOM   222  C C   . PRO A 1 31  ? -2.930  19.973  6.866   1.00 32.78 ? 31   PRO A C   1 
ATOM   223  O O   . PRO A 1 31  ? -3.845  19.179  6.638   1.00 32.56 ? 31   PRO A O   1 
ATOM   224  C CB  . PRO A 1 31  ? -4.009  22.193  7.258   1.00 33.14 ? 31   PRO A CB  1 
ATOM   225  C CG  . PRO A 1 31  ? -5.306  22.008  6.545   1.00 35.69 ? 31   PRO A CG  1 
ATOM   226  C CD  . PRO A 1 31  ? -4.948  22.070  5.073   1.00 34.79 ? 31   PRO A CD  1 
ATOM   227  N N   . VAL A 1 32  ? -1.826  19.650  7.522   1.00 33.21 ? 32   VAL A N   1 
ATOM   228  C CA  . VAL A 1 32  ? -1.609  18.322  8.052   1.00 33.34 ? 32   VAL A CA  1 
ATOM   229  C C   . VAL A 1 32  ? -1.485  18.456  9.568   1.00 37.95 ? 32   VAL A C   1 
ATOM   230  O O   . VAL A 1 32  ? -0.382  18.515  10.096  1.00 38.21 ? 32   VAL A O   1 
ATOM   231  C CB  . VAL A 1 32  ? -0.326  17.720  7.485   1.00 34.74 ? 32   VAL A CB  1 
ATOM   232  C CG1 . VAL A 1 32  ? -0.183  16.262  7.974   1.00 31.07 ? 32   VAL A CG1 1 
ATOM   233  C CG2 . VAL A 1 32  ? -0.352  17.789  5.945   1.00 26.47 ? 32   VAL A CG2 1 
ATOM   234  N N   . SER A 1 33  ? -2.616  18.482  10.269  1.00 38.38 ? 33   SER A N   1 
ATOM   235  C CA  . SER A 1 33  ? -2.605  18.684  11.718  1.00 43.77 ? 33   SER A CA  1 
ATOM   236  C C   . SER A 1 33  ? -2.647  17.418  12.556  1.00 45.63 ? 33   SER A C   1 
ATOM   237  O O   . SER A 1 33  ? -2.561  17.491  13.779  1.00 42.79 ? 33   SER A O   1 
ATOM   238  C CB  . SER A 1 33  ? -3.776  19.590  12.130  1.00 44.05 ? 33   SER A CB  1 
ATOM   239  O OG  . SER A 1 33  ? -3.918  20.696  11.248  1.00 46.68 ? 33   SER A OG  1 
ATOM   240  N N   . ASN A 1 34  ? -2.785  16.263  11.910  1.00 47.42 ? 34   ASN A N   1 
ATOM   241  C CA  . ASN A 1 34  ? -2.832  15.001  12.642  1.00 52.40 ? 34   ASN A CA  1 
ATOM   242  C C   . ASN A 1 34  ? -2.075  13.851  11.959  1.00 51.53 ? 34   ASN A C   1 
ATOM   243  O O   . ASN A 1 34  ? -2.471  12.681  12.069  1.00 48.54 ? 34   ASN A O   1 
ATOM   244  C CB  . ASN A 1 34  ? -4.288  14.584  12.871  1.00 57.61 ? 34   ASN A CB  1 
ATOM   245  C CG  . ASN A 1 34  ? -5.032  15.543  13.778  1.00 56.63 ? 34   ASN A CG  1 
ATOM   246  O OD1 . ASN A 1 34  ? -5.420  16.636  13.369  1.00 66.98 ? 34   ASN A OD1 1 
ATOM   247  N ND2 . ASN A 1 34  ? -5.222  15.137  15.021  1.00 65.25 ? 34   ASN A ND2 1 
ATOM   248  N N   . GLY A 1 35  ? -0.987  14.183  11.268  1.00 45.38 ? 35   GLY A N   1 
ATOM   249  C CA  . GLY A 1 35  ? -0.216  13.164  10.582  1.00 39.17 ? 35   GLY A CA  1 
ATOM   250  C C   . GLY A 1 35  ? -0.930  12.633  9.334   1.00 41.95 ? 35   GLY A C   1 
ATOM   251  O O   . GLY A 1 35  ? -1.966  13.182  8.904   1.00 36.50 ? 35   GLY A O   1 
ATOM   252  N N   . ILE A 1 36  ? -0.372  11.573  8.746   1.00 36.47 ? 36   ILE A N   1 
ATOM   253  C CA  . ILE A 1 36  ? -0.931  10.956  7.555   1.00 37.03 ? 36   ILE A CA  1 
ATOM   254  C C   . ILE A 1 36  ? -1.054  9.449   7.778   1.00 34.74 ? 36   ILE A C   1 
ATOM   255  O O   . ILE A 1 36  ? -0.069  8.781   8.091   1.00 36.27 ? 36   ILE A O   1 
ATOM   256  C CB  . ILE A 1 36  ? -0.029  11.214  6.332   1.00 37.20 ? 36   ILE A CB  1 
ATOM   257  C CG1 . ILE A 1 36  ? 0.138   12.729  6.141   1.00 37.90 ? 36   ILE A CG1 1 
ATOM   258  C CG2 . ILE A 1 36  ? -0.624  10.564  5.099   1.00 31.85 ? 36   ILE A CG2 1 
ATOM   259  C CD1 . ILE A 1 36  ? 1.017   13.116  4.973   1.00 34.43 ? 36   ILE A CD1 1 
ATOM   260  N N   . THR A 1 37  ? -2.269  8.924   7.631   1.00 37.12 ? 37   THR A N   1 
ATOM   261  C CA  . THR A 1 37  ? -2.520  7.490   7.794   1.00 33.24 ? 37   THR A CA  1 
ATOM   262  C C   . THR A 1 37  ? -2.209  6.806   6.486   1.00 31.75 ? 37   THR A C   1 
ATOM   263  O O   . THR A 1 37  ? -2.639  7.277   5.431   1.00 32.51 ? 37   THR A O   1 
ATOM   264  C CB  . THR A 1 37  ? -3.997  7.205   8.112   1.00 33.76 ? 37   THR A CB  1 
ATOM   265  O OG1 . THR A 1 37  ? -4.404  8.004   9.216   1.00 33.64 ? 37   THR A OG1 1 
ATOM   266  C CG2 . THR A 1 37  ? -4.212  5.736   8.478   1.00 31.78 ? 37   THR A CG2 1 
ATOM   267  N N   . ALA A 1 38  ? -1.463  5.708   6.539   1.00 26.80 ? 38   ALA A N   1 
ATOM   268  C CA  . ALA A 1 38  ? -1.141  4.984   5.315   1.00 29.70 ? 38   ALA A CA  1 
ATOM   269  C C   . ALA A 1 38  ? -1.879  3.635   5.257   1.00 29.26 ? 38   ALA A C   1 
ATOM   270  O O   . ALA A 1 38  ? -1.900  2.888   6.239   1.00 27.07 ? 38   ALA A O   1 
ATOM   271  C CB  . ALA A 1 38  ? 0.355   4.766   5.221   1.00 27.36 ? 38   ALA A CB  1 
ATOM   272  N N   . ILE A 1 39  ? -2.456  3.304   4.106   1.00 25.04 ? 39   ILE A N   1 
ATOM   273  C CA  . ILE A 1 39  ? -3.185  2.036   3.983   1.00 26.60 ? 39   ILE A CA  1 
ATOM   274  C C   . ILE A 1 39  ? -2.955  1.359   2.622   1.00 30.70 ? 39   ILE A C   1 
ATOM   275  O O   . ILE A 1 39  ? -3.126  2.001   1.549   1.00 25.79 ? 39   ILE A O   1 
ATOM   276  C CB  . ILE A 1 39  ? -4.703  2.253   4.107   1.00 28.45 ? 39   ILE A CB  1 
ATOM   277  C CG1 . ILE A 1 39  ? -5.027  3.035   5.372   1.00 33.49 ? 39   ILE A CG1 1 
ATOM   278  C CG2 . ILE A 1 39  ? -5.428  0.908   4.145   1.00 32.43 ? 39   ILE A CG2 1 
ATOM   279  C CD1 . ILE A 1 39  ? -6.466  3.563   5.376   1.00 35.25 ? 39   ILE A CD1 1 
ATOM   280  N N   . TRP A 1 40  ? -2.571  0.088   2.640   1.00 22.18 ? 40   TRP A N   1 
ATOM   281  C CA  . TRP A 1 40  ? -2.432  -0.625  1.370   1.00 22.92 ? 40   TRP A CA  1 
ATOM   282  C C   . TRP A 1 40  ? -3.545  -1.688  1.312   1.00 24.17 ? 40   TRP A C   1 
ATOM   283  O O   . TRP A 1 40  ? -3.816  -2.386  2.304   1.00 29.50 ? 40   TRP A O   1 
ATOM   284  C CB  . TRP A 1 40  ? -1.098  -1.327  1.246   1.00 15.73 ? 40   TRP A CB  1 
ATOM   285  C CG  . TRP A 1 40  ? 0.038   -0.487  0.758   1.00 18.75 ? 40   TRP A CG  1 
ATOM   286  C CD1 . TRP A 1 40  ? 0.990   0.129   1.505   1.00 24.44 ? 40   TRP A CD1 1 
ATOM   287  C CD2 . TRP A 1 40  ? 0.411   -0.275  -0.624  1.00 18.98 ? 40   TRP A CD2 1 
ATOM   288  N NE1 . TRP A 1 40  ? 1.961   0.723   0.675   1.00 22.17 ? 40   TRP A NE1 1 
ATOM   289  C CE2 . TRP A 1 40  ? 1.619   0.484   -0.631  1.00 20.36 ? 40   TRP A CE2 1 
ATOM   290  C CE3 . TRP A 1 40  ? -0.161  -0.651  -1.846  1.00 16.68 ? 40   TRP A CE3 1 
ATOM   291  C CZ2 . TRP A 1 40  ? 2.270   0.861   -1.822  1.00 22.98 ? 40   TRP A CZ2 1 
ATOM   292  C CZ3 . TRP A 1 40  ? 0.488   -0.271  -3.040  1.00 20.66 ? 40   TRP A CZ3 1 
ATOM   293  C CH2 . TRP A 1 40  ? 1.690   0.478   -3.010  1.00 23.08 ? 40   TRP A CH2 1 
ATOM   294  N N   . TYR A 1 41  ? -4.187  -1.797  0.158   1.00 28.05 ? 41   TYR A N   1 
ATOM   295  C CA  . TYR A 1 41  ? -5.271  -2.750  -0.056  1.00 24.28 ? 41   TYR A CA  1 
ATOM   296  C C   . TYR A 1 41  ? -4.912  -3.806  -1.112  1.00 31.38 ? 41   TYR A C   1 
ATOM   297  O O   . TYR A 1 41  ? -4.239  -3.499  -2.127  1.00 25.05 ? 41   TYR A O   1 
ATOM   298  C CB  . TYR A 1 41  ? -6.512  -2.021  -0.580  1.00 27.06 ? 41   TYR A CB  1 
ATOM   299  C CG  . TYR A 1 41  ? -7.195  -1.116  0.410   1.00 31.46 ? 41   TYR A CG  1 
ATOM   300  C CD1 . TYR A 1 41  ? -8.035  -1.639  1.405   1.00 30.01 ? 41   TYR A CD1 1 
ATOM   301  C CD2 . TYR A 1 41  ? -7.034  0.271   0.338   1.00 35.05 ? 41   TYR A CD2 1 
ATOM   302  C CE1 . TYR A 1 41  ? -8.692  -0.802  2.290   1.00 31.47 ? 41   TYR A CE1 1 
ATOM   303  C CE2 . TYR A 1 41  ? -7.685  1.113   1.223   1.00 31.76 ? 41   TYR A CE2 1 
ATOM   304  C CZ  . TYR A 1 41  ? -8.510  0.571   2.197   1.00 35.84 ? 41   TYR A CZ  1 
ATOM   305  O OH  . TYR A 1 41  ? -9.112  1.407   3.111   1.00 41.72 ? 41   TYR A OH  1 
ATOM   306  N N   . TYR A 1 42  ? -5.400  -5.026  -0.892  1.00 26.78 ? 42   TYR A N   1 
ATOM   307  C CA  . TYR A 1 42  ? -5.199  -6.116  -1.842  1.00 24.48 ? 42   TYR A CA  1 
ATOM   308  C C   . TYR A 1 42  ? -6.533  -6.385  -2.577  1.00 28.52 ? 42   TYR A C   1 
ATOM   309  O O   . TYR A 1 42  ? -7.600  -6.490  -1.957  1.00 26.53 ? 42   TYR A O   1 
ATOM   310  C CB  . TYR A 1 42  ? -4.760  -7.382  -1.113  1.00 28.46 ? 42   TYR A CB  1 
ATOM   311  C CG  . TYR A 1 42  ? -4.777  -8.601  -1.999  1.00 27.83 ? 42   TYR A CG  1 
ATOM   312  C CD1 . TYR A 1 42  ? -3.687  -8.915  -2.803  1.00 36.11 ? 42   TYR A CD1 1 
ATOM   313  C CD2 . TYR A 1 42  ? -5.893  -9.435  -2.043  1.00 32.18 ? 42   TYR A CD2 1 
ATOM   314  C CE1 . TYR A 1 42  ? -3.706  -10.042 -3.650  1.00 32.09 ? 42   TYR A CE1 1 
ATOM   315  C CE2 . TYR A 1 42  ? -5.924  -10.567 -2.883  1.00 37.30 ? 42   TYR A CE2 1 
ATOM   316  C CZ  . TYR A 1 42  ? -4.823  -10.855 -3.677  1.00 26.44 ? 42   TYR A CZ  1 
ATOM   317  O OH  . TYR A 1 42  ? -4.845  -11.950 -4.510  1.00 34.53 ? 42   TYR A OH  1 
ATOM   318  N N   . ASP A 1 43  ? -6.474  -6.470  -3.898  1.00 27.04 ? 43   ASP A N   1 
ATOM   319  C CA  . ASP A 1 43  ? -7.669  -6.725  -4.707  1.00 33.94 ? 43   ASP A CA  1 
ATOM   320  C C   . ASP A 1 43  ? -8.852  -5.840  -4.262  1.00 34.76 ? 43   ASP A C   1 
ATOM   321  O O   . ASP A 1 43  ? -9.910  -6.356  -3.918  1.00 34.28 ? 43   ASP A O   1 
ATOM   322  C CB  . ASP A 1 43  ? -8.023  -8.220  -4.578  1.00 32.01 ? 43   ASP A CB  1 
ATOM   323  C CG  . ASP A 1 43  ? -9.128  -8.658  -5.550  1.00 43.61 ? 43   ASP A CG  1 
ATOM   324  O OD1 . ASP A 1 43  ? -9.076  -8.258  -6.743  1.00 40.44 ? 43   ASP A OD1 1 
ATOM   325  O OD2 . ASP A 1 43  ? -10.035 -9.416  -5.123  1.00 44.66 ? 43   ASP A OD2 1 
ATOM   326  N N   A TYR A 1 44  ? -8.660  -4.518  -4.301  0.50 34.44 ? 44   TYR A N   1 
ATOM   327  N N   B TYR A 1 44  ? -8.668  -4.520  -4.264  0.50 33.77 ? 44   TYR A N   1 
ATOM   328  C CA  A TYR A 1 44  ? -9.680  -3.544  -3.863  0.50 35.35 ? 44   TYR A CA  1 
ATOM   329  C CA  B TYR A 1 44  ? -9.707  -3.604  -3.800  0.50 33.95 ? 44   TYR A CA  1 
ATOM   330  C C   A TYR A 1 44  ? -11.086 -3.754  -4.423  0.50 40.04 ? 44   TYR A C   1 
ATOM   331  C C   B TYR A 1 44  ? -11.095 -3.850  -4.398  0.50 38.89 ? 44   TYR A C   1 
ATOM   332  O O   A TYR A 1 44  ? -12.072 -3.648  -3.691  0.50 35.74 ? 44   TYR A O   1 
ATOM   333  O O   B TYR A 1 44  ? -12.094 -3.836  -3.670  0.50 33.37 ? 44   TYR A O   1 
ATOM   334  C CB  A TYR A 1 44  ? -9.213  -2.085  -4.139  0.50 35.22 ? 44   TYR A CB  1 
ATOM   335  C CB  B TYR A 1 44  ? -9.301  -2.145  -4.058  0.50 31.81 ? 44   TYR A CB  1 
ATOM   336  C CG  A TYR A 1 44  ? -9.651  -1.447  -5.453  0.50 37.13 ? 44   TYR A CG  1 
ATOM   337  C CG  B TYR A 1 44  ? -10.097 -1.157  -3.240  0.50 33.66 ? 44   TYR A CG  1 
ATOM   338  C CD1 A TYR A 1 44  ? -10.824 -0.667  -5.524  0.50 35.59 ? 44   TYR A CD1 1 
ATOM   339  C CD1 B TYR A 1 44  ? -9.643  -0.716  -1.985  0.50 29.86 ? 44   TYR A CD1 1 
ATOM   340  C CD2 A TYR A 1 44  ? -8.903  -1.618  -6.629  0.50 37.10 ? 44   TYR A CD2 1 
ATOM   341  C CD2 B TYR A 1 44  ? -11.352 -0.723  -3.674  0.50 33.92 ? 44   TYR A CD2 1 
ATOM   342  C CE1 A TYR A 1 44  ? -11.226 -0.075  -6.721  0.50 27.14 ? 44   TYR A CE1 1 
ATOM   343  C CE1 B TYR A 1 44  ? -10.443 0.133   -1.179  0.50 34.63 ? 44   TYR A CE1 1 
ATOM   344  C CE2 A TYR A 1 44  ? -9.314  -1.033  -7.838  0.50 32.80 ? 44   TYR A CE2 1 
ATOM   345  C CE2 B TYR A 1 44  ? -12.148 0.116   -2.876  0.50 32.41 ? 44   TYR A CE2 1 
ATOM   346  C CZ  A TYR A 1 44  ? -10.474 -0.274  -7.864  0.50 34.74 ? 44   TYR A CZ  1 
ATOM   347  C CZ  B TYR A 1 44  ? -11.695 0.534   -1.636  0.50 28.52 ? 44   TYR A CZ  1 
ATOM   348  O OH  A TYR A 1 44  ? -10.927 0.266   -9.036  0.50 31.15 ? 44   TYR A OH  1 
ATOM   349  O OH  B TYR A 1 44  ? -12.515 1.312   -0.848  0.50 34.87 ? 44   TYR A OH  1 
ATOM   350  N N   . SER A 1 45  ? -11.179 -4.074  -5.708  1.00 36.41 ? 45   SER A N   1 
ATOM   351  C CA  . SER A 1 45  ? -12.479 -4.275  -6.344  1.00 43.85 ? 45   SER A CA  1 
ATOM   352  C C   . SER A 1 45  ? -13.038 -5.685  -6.106  1.00 47.13 ? 45   SER A C   1 
ATOM   353  O O   . SER A 1 45  ? -14.164 -5.975  -6.508  1.00 47.51 ? 45   SER A O   1 
ATOM   354  C CB  . SER A 1 45  ? -12.374 -4.014  -7.847  1.00 44.74 ? 45   SER A CB  1 
ATOM   355  O OG  . SER A 1 45  ? -11.445 -4.919  -8.413  1.00 44.18 ? 45   SER A OG  1 
ATOM   356  N N   . GLY A 1 46  ? -12.251 -6.558  -5.466  1.00 46.67 ? 46   GLY A N   1 
ATOM   357  C CA  . GLY A 1 46  ? -12.697 -7.916  -5.177  1.00 37.48 ? 46   GLY A CA  1 
ATOM   358  C C   . GLY A 1 46  ? -12.916 -8.130  -3.690  1.00 39.47 ? 46   GLY A C   1 
ATOM   359  O O   . GLY A 1 46  ? -13.934 -7.721  -3.140  1.00 39.86 ? 46   GLY A O   1 
ATOM   360  N N   . LYS A 1 47  ? -11.953 -8.775  -3.035  1.00 43.88 ? 47   LYS A N   1 
ATOM   361  C CA  . LYS A 1 47  ? -12.032 -9.050  -1.606  1.00 40.82 ? 47   LYS A CA  1 
ATOM   362  C C   . LYS A 1 47  ? -11.662 -7.842  -0.755  1.00 41.69 ? 47   LYS A C   1 
ATOM   363  O O   . LYS A 1 47  ? -11.982 -7.786  0.430   1.00 43.54 ? 47   LYS A O   1 
ATOM   364  C CB  . LYS A 1 47  ? -11.086 -10.193 -1.236  1.00 50.80 ? 47   LYS A CB  1 
ATOM   365  C CG  . LYS A 1 47  ? -11.015 -11.348 -2.219  1.00 57.01 ? 47   LYS A CG  1 
ATOM   366  C CD  . LYS A 1 47  ? -10.013 -12.396 -1.713  1.00 60.69 ? 47   LYS A CD  1 
ATOM   367  C CE  . LYS A 1 47  ? -9.709  -13.477 -2.745  1.00 65.94 ? 47   LYS A CE  1 
ATOM   368  N NZ  . LYS A 1 47  ? -8.837  -12.971 -3.845  1.00 70.66 ? 47   LYS A NZ  1 
ATOM   369  N N   . ARG A 1 48  ? -10.953 -6.891  -1.344  1.00 42.12 ? 48   ARG A N   1 
ATOM   370  C CA  . ARG A 1 48  ? -10.532 -5.687  -0.624  1.00 39.89 ? 48   ARG A CA  1 
ATOM   371  C C   . ARG A 1 48  ? -9.953  -5.965  0.764   1.00 43.08 ? 48   ARG A C   1 
ATOM   372  O O   . ARG A 1 48  ? -10.463 -5.440  1.765   1.00 49.44 ? 48   ARG A O   1 
ATOM   373  C CB  . ARG A 1 48  ? -11.689 -4.690  -0.461  1.00 37.40 ? 48   ARG A CB  1 
ATOM   374  C CG  . ARG A 1 48  ? -11.175 -3.267  -0.165  1.00 37.65 ? 48   ARG A CG  1 
ATOM   375  C CD  . ARG A 1 48  ? -12.219 -2.340  0.438   1.00 50.66 ? 48   ARG A CD  1 
ATOM   376  N NE  . ARG A 1 48  ? -12.709 -2.827  1.720   1.00 56.73 ? 48   ARG A NE  1 
ATOM   377  C CZ  . ARG A 1 48  ? -13.693 -2.248  2.403   1.00 66.47 ? 48   ARG A CZ  1 
ATOM   378  N NH1 . ARG A 1 48  ? -14.278 -1.159  1.923   1.00 66.38 ? 48   ARG A NH1 1 
ATOM   379  N NH2 . ARG A 1 48  ? -14.119 -2.768  3.550   1.00 69.20 ? 48   ARG A NH2 1 
ATOM   380  N N   . GLN A 1 49  ? -8.894  -6.763  0.844   1.00 35.13 ? 49   GLN A N   1 
ATOM   381  C CA  . GLN A 1 49  ? -8.283  -7.049  2.140   1.00 33.52 ? 49   GLN A CA  1 
ATOM   382  C C   . GLN A 1 49  ? -7.188  -6.031  2.485   1.00 33.76 ? 49   GLN A C   1 
ATOM   383  O O   . GLN A 1 49  ? -6.408  -5.622  1.634   1.00 29.67 ? 49   GLN A O   1 
ATOM   384  C CB  . GLN A 1 49  ? -7.694  -8.453  2.140   1.00 33.99 ? 49   GLN A CB  1 
ATOM   385  C CG  . GLN A 1 49  ? -8.711  -9.503  1.788   1.00 40.95 ? 49   GLN A CG  1 
ATOM   386  C CD  . GLN A 1 49  ? -8.057  -10.840 1.544   1.00 44.32 ? 49   GLN A CD  1 
ATOM   387  O OE1 . GLN A 1 49  ? -7.258  -10.990 0.624   1.00 41.97 ? 49   GLN A OE1 1 
ATOM   388  N NE2 . GLN A 1 49  ? -8.380  -11.820 2.379   1.00 51.67 ? 49   GLN A NE2 1 
ATOM   389  N N   . VAL A 1 50  ? -7.133  -5.643  3.750   1.00 28.70 ? 50   VAL A N   1 
ATOM   390  C CA  . VAL A 1 50  ? -6.164  -4.685  4.196   1.00 26.63 ? 50   VAL A CA  1 
ATOM   391  C C   . VAL A 1 50  ? -4.818  -5.388  4.413   1.00 34.87 ? 50   VAL A C   1 
ATOM   392  O O   . VAL A 1 50  ? -4.726  -6.421  5.107   1.00 31.87 ? 50   VAL A O   1 
ATOM   393  C CB  . VAL A 1 50  ? -6.684  -3.993  5.471   1.00 30.72 ? 50   VAL A CB  1 
ATOM   394  C CG1 . VAL A 1 50  ? -5.653  -3.021  6.021   1.00 25.15 ? 50   VAL A CG1 1 
ATOM   395  C CG2 . VAL A 1 50  ? -7.974  -3.244  5.126   1.00 28.09 ? 50   VAL A CG2 1 
ATOM   396  N N   . VAL A 1 51  ? -3.784  -4.823  3.789   1.00 33.01 ? 51   VAL A N   1 
ATOM   397  C CA  . VAL A 1 51  ? -2.426  -5.354  3.832   1.00 30.95 ? 51   VAL A CA  1 
ATOM   398  C C   . VAL A 1 51  ? -1.583  -4.652  4.886   1.00 33.57 ? 51   VAL A C   1 
ATOM   399  O O   . VAL A 1 51  ? -0.818  -5.284  5.636   1.00 31.57 ? 51   VAL A O   1 
ATOM   400  C CB  . VAL A 1 51  ? -1.749  -5.178  2.465   1.00 32.86 ? 51   VAL A CB  1 
ATOM   401  C CG1 . VAL A 1 51  ? -0.313  -5.678  2.530   1.00 16.85 ? 51   VAL A CG1 1 
ATOM   402  C CG2 . VAL A 1 51  ? -2.551  -5.897  1.394   1.00 20.75 ? 51   VAL A CG2 1 
ATOM   403  N N   . ILE A 1 52  ? -1.743  -3.339  4.936   1.00 27.31 ? 52   ILE A N   1 
ATOM   404  C CA  . ILE A 1 52  ? -1.031  -2.497  5.886   1.00 29.30 ? 52   ILE A CA  1 
ATOM   405  C C   . ILE A 1 52  ? -1.976  -1.377  6.300   1.00 29.95 ? 52   ILE A C   1 
ATOM   406  O O   . ILE A 1 52  ? -2.711  -0.822  5.468   1.00 30.95 ? 52   ILE A O   1 
ATOM   407  C CB  . ILE A 1 52  ? 0.266   -1.892  5.216   1.00 39.37 ? 52   ILE A CB  1 
ATOM   408  C CG1 . ILE A 1 52  ? 1.450   -2.848  5.396   1.00 35.96 ? 52   ILE A CG1 1 
ATOM   409  C CG2 . ILE A 1 52  ? 0.536   -0.515  5.724   1.00 36.58 ? 52   ILE A CG2 1 
ATOM   410  C CD1 . ILE A 1 52  ? 1.598   -3.366  6.802   1.00 59.31 ? 52   ILE A CD1 1 
ATOM   411  N N   . HIS A 1 53  ? -1.986  -1.060  7.590   1.00 34.75 ? 53   HIS A N   1 
ATOM   412  C CA  . HIS A 1 53  ? -2.815  0.030   8.078   1.00 35.83 ? 53   HIS A CA  1 
ATOM   413  C C   . HIS A 1 53  ? -2.043  0.704   9.218   1.00 43.39 ? 53   HIS A C   1 
ATOM   414  O O   . HIS A 1 53  ? -1.931  0.140   10.310  1.00 41.94 ? 53   HIS A O   1 
ATOM   415  C CB  . HIS A 1 53  ? -4.160  -0.487  8.582   1.00 39.63 ? 53   HIS A CB  1 
ATOM   416  C CG  . HIS A 1 53  ? -5.175  0.600   8.737   1.00 36.26 ? 53   HIS A CG  1 
ATOM   417  N ND1 . HIS A 1 53  ? -4.992  1.664   9.598   1.00 42.99 ? 53   HIS A ND1 1 
ATOM   418  C CD2 . HIS A 1 53  ? -6.323  0.856   8.066   1.00 42.89 ? 53   HIS A CD2 1 
ATOM   419  C CE1 . HIS A 1 53  ? -5.980  2.529   9.446   1.00 40.80 ? 53   HIS A CE1 1 
ATOM   420  N NE2 . HIS A 1 53  ? -6.801  2.064   8.520   1.00 50.01 ? 53   HIS A NE2 1 
ATOM   421  N N   . SER A 1 54  ? -1.494  1.897   8.973   1.00 40.82 ? 54   SER A N   1 
ATOM   422  C CA  . SER A 1 54  ? -0.705  2.574   10.011  1.00 45.79 ? 54   SER A CA  1 
ATOM   423  C C   . SER A 1 54  ? -1.553  3.148   11.134  1.00 47.17 ? 54   SER A C   1 
ATOM   424  O O   . SER A 1 54  ? -1.081  3.283   12.254  1.00 53.66 ? 54   SER A O   1 
ATOM   425  C CB  . SER A 1 54  ? 0.163   3.694   9.421   1.00 34.82 ? 54   SER A CB  1 
ATOM   426  O OG  . SER A 1 54  ? -0.612  4.828   9.066   1.00 29.78 ? 54   SER A OG  1 
ATOM   427  N N   . GLY A 1 55  ? -2.797  3.492   10.835  1.00 50.88 ? 55   GLY A N   1 
ATOM   428  C CA  . GLY A 1 55  ? -3.671  4.025   11.863  1.00 53.73 ? 55   GLY A CA  1 
ATOM   429  C C   . GLY A 1 55  ? -4.203  2.969   12.832  1.00 56.76 ? 55   GLY A C   1 
ATOM   430  O O   . GLY A 1 55  ? -4.550  3.292   13.970  1.00 56.92 ? 55   GLY A O   1 
ATOM   431  N N   . ASP A 1 56  ? -4.278  1.709   12.401  1.00 56.16 ? 56   ASP A N   1 
ATOM   432  C CA  . ASP A 1 56  ? -4.779  0.639   13.267  1.00 54.41 ? 56   ASP A CA  1 
ATOM   433  C C   . ASP A 1 56  ? -4.656  -0.739  12.622  1.00 51.59 ? 56   ASP A C   1 
ATOM   434  O O   . ASP A 1 56  ? -5.525  -1.170  11.863  1.00 50.88 ? 56   ASP A O   1 
ATOM   435  C CB  . ASP A 1 56  ? -6.243  0.916   13.643  1.00 58.82 ? 56   ASP A CB  1 
ATOM   436  C CG  . ASP A 1 56  ? -6.904  -0.259  14.346  1.00 58.35 ? 56   ASP A CG  1 
ATOM   437  O OD1 . ASP A 1 56  ? -6.203  -0.969  15.113  1.00 59.61 ? 56   ASP A OD1 1 
ATOM   438  O OD2 . ASP A 1 56  ? -8.128  -0.462  14.129  1.00 58.00 ? 56   ASP A OD2 1 
ATOM   439  N N   . PRO A 1 57  ? -3.574  -1.455  12.936  1.00 52.81 ? 57   PRO A N   1 
ATOM   440  C CA  . PRO A 1 57  ? -3.297  -2.792  12.409  1.00 53.63 ? 57   PRO A CA  1 
ATOM   441  C C   . PRO A 1 57  ? -4.374  -3.848  12.619  1.00 56.59 ? 57   PRO A C   1 
ATOM   442  O O   . PRO A 1 57  ? -4.368  -4.876  11.932  1.00 57.01 ? 57   PRO A O   1 
ATOM   443  C CB  . PRO A 1 57  ? -1.975  -3.170  13.083  1.00 52.94 ? 57   PRO A CB  1 
ATOM   444  C CG  . PRO A 1 57  ? -1.974  -2.349  14.318  1.00 54.06 ? 57   PRO A CG  1 
ATOM   445  C CD  . PRO A 1 57  ? -2.503  -1.029  13.847  1.00 50.40 ? 57   PRO A CD  1 
ATOM   446  N N   . LYS A 1 58  ? -5.298  -3.617  13.547  1.00 54.36 ? 58   LYS A N   1 
ATOM   447  C CA  . LYS A 1 58  ? -6.350  -4.603  13.776  1.00 52.96 ? 58   LYS A CA  1 
ATOM   448  C C   . LYS A 1 58  ? -7.232  -4.714  12.532  1.00 48.63 ? 58   LYS A C   1 
ATOM   449  O O   . LYS A 1 58  ? -8.000  -5.659  12.373  1.00 43.23 ? 58   LYS A O   1 
ATOM   450  C CB  . LYS A 1 58  ? -7.206  -4.226  14.995  1.00 57.00 ? 58   LYS A CB  1 
ATOM   451  C CG  . LYS A 1 58  ? -8.284  -5.263  15.318  1.00 64.25 ? 58   LYS A CG  1 
ATOM   452  C CD  . LYS A 1 58  ? -9.104  -4.919  16.569  1.00 68.86 ? 58   LYS A CD  1 
ATOM   453  C CE  . LYS A 1 58  ? -10.173 -5.993  16.854  1.00 68.96 ? 58   LYS A CE  1 
ATOM   454  N NZ  . LYS A 1 58  ? -10.893 -5.789  18.150  1.00 68.43 ? 58   LYS A NZ  1 
ATOM   455  N N   . LEU A 1 59  ? -7.133  -3.732  11.651  1.00 46.46 ? 59   LEU A N   1 
ATOM   456  C CA  . LEU A 1 59  ? -7.908  -3.779  10.428  1.00 46.23 ? 59   LEU A CA  1 
ATOM   457  C C   . LEU A 1 59  ? -7.181  -4.647  9.389   1.00 41.62 ? 59   LEU A C   1 
ATOM   458  O O   . LEU A 1 59  ? -7.773  -5.025  8.378   1.00 42.65 ? 59   LEU A O   1 
ATOM   459  C CB  . LEU A 1 59  ? -8.129  -2.362  9.882   1.00 44.72 ? 59   LEU A CB  1 
ATOM   460  C CG  . LEU A 1 59  ? -9.182  -1.502  10.587  1.00 42.29 ? 59   LEU A CG  1 
ATOM   461  C CD1 . LEU A 1 59  ? -9.061  -0.059  10.134  1.00 40.04 ? 59   LEU A CD1 1 
ATOM   462  C CD2 . LEU A 1 59  ? -10.569 -2.066  10.291  1.00 43.00 ? 59   LEU A CD2 1 
ATOM   463  N N   . VAL A 1 60  ? -5.915  -4.980  9.658   1.00 35.43 ? 60   VAL A N   1 
ATOM   464  C CA  . VAL A 1 60  ? -5.116  -5.777  8.724   1.00 34.47 ? 60   VAL A CA  1 
ATOM   465  C C   . VAL A 1 60  ? -5.613  -7.202  8.636   1.00 35.68 ? 60   VAL A C   1 
ATOM   466  O O   . VAL A 1 60  ? -5.819  -7.858  9.656   1.00 31.13 ? 60   VAL A O   1 
ATOM   467  C CB  . VAL A 1 60  ? -3.623  -5.841  9.117   1.00 32.35 ? 60   VAL A CB  1 
ATOM   468  C CG1 . VAL A 1 60  ? -2.894  -6.821  8.211   1.00 23.78 ? 60   VAL A CG1 1 
ATOM   469  C CG2 . VAL A 1 60  ? -2.975  -4.438  9.014   1.00 36.69 ? 60   VAL A CG2 1 
ATOM   470  N N   . ASP A 1 61  ? -5.778  -7.692  7.415   1.00 29.24 ? 61   ASP A N   1 
ATOM   471  C CA  . ASP A 1 61  ? -6.243  -9.052  7.233   1.00 33.28 ? 61   ASP A CA  1 
ATOM   472  C C   . ASP A 1 61  ? -5.256  -10.042 7.837   1.00 37.25 ? 61   ASP A C   1 
ATOM   473  O O   . ASP A 1 61  ? -4.038  -9.837  7.763   1.00 33.18 ? 61   ASP A O   1 
ATOM   474  C CB  . ASP A 1 61  ? -6.435  -9.349  5.756   1.00 38.38 ? 61   ASP A CB  1 
ATOM   475  C CG  . ASP A 1 61  ? -7.876  -9.698  5.424   1.00 54.00 ? 61   ASP A CG  1 
ATOM   476  O OD1 . ASP A 1 61  ? -8.750  -8.789  5.464   1.00 50.61 ? 61   ASP A OD1 1 
ATOM   477  O OD2 . ASP A 1 61  ? -8.127  -10.892 5.136   1.00 50.12 ? 61   ASP A OD2 1 
ATOM   478  N N   . LYS A 1 62  ? -5.786  -11.116 8.422   1.00 32.01 ? 62   LYS A N   1 
ATOM   479  C CA  . LYS A 1 62  ? -4.961  -12.142 9.063   1.00 37.10 ? 62   LYS A CA  1 
ATOM   480  C C   . LYS A 1 62  ? -3.894  -12.779 8.158   1.00 34.81 ? 62   LYS A C   1 
ATOM   481  O O   . LYS A 1 62  ? -2.786  -13.040 8.615   1.00 30.90 ? 62   LYS A O   1 
ATOM   482  C CB  . LYS A 1 62  ? -5.856  -13.234 9.650   1.00 36.74 ? 62   LYS A CB  1 
ATOM   483  C CG  . LYS A 1 62  ? -7.166  -12.686 10.276  1.00 57.98 ? 62   LYS A CG  1 
ATOM   484  C CD  . LYS A 1 62  ? -6.937  -11.597 11.352  1.00 53.60 ? 62   LYS A CD  1 
ATOM   485  C CE  . LYS A 1 62  ? -7.070  -12.142 12.775  1.00 59.98 ? 62   LYS A CE  1 
ATOM   486  N NZ  . LYS A 1 62  ? -8.455  -12.616 13.088  1.00 50.20 ? 62   LYS A NZ  1 
ATOM   487  N N   . ARG A 1 63  ? -4.202  -13.012 6.881   1.00 33.97 ? 63   ARG A N   1 
ATOM   488  C CA  . ARG A 1 63  ? -3.214  -13.622 5.995   1.00 32.20 ? 63   ARG A CA  1 
ATOM   489  C C   . ARG A 1 63  ? -2.018  -12.730 5.673   1.00 34.27 ? 63   ARG A C   1 
ATOM   490  O O   . ARG A 1 63  ? -1.030  -13.207 5.118   1.00 35.63 ? 63   ARG A O   1 
ATOM   491  C CB  . ARG A 1 63  ? -3.870  -14.103 4.699   1.00 38.90 ? 63   ARG A CB  1 
ATOM   492  C CG  . ARG A 1 63  ? -4.082  -13.069 3.592   1.00 34.67 ? 63   ARG A CG  1 
ATOM   493  C CD  . ARG A 1 63  ? -4.942  -13.716 2.489   1.00 42.25 ? 63   ARG A CD  1 
ATOM   494  N NE  . ARG A 1 63  ? -4.874  -13.062 1.184   1.00 42.05 ? 63   ARG A NE  1 
ATOM   495  C CZ  . ARG A 1 63  ? -3.827  -13.113 0.366   1.00 46.69 ? 63   ARG A CZ  1 
ATOM   496  N NH1 . ARG A 1 63  ? -2.736  -13.798 0.708   1.00 41.45 ? 63   ARG A NH1 1 
ATOM   497  N NH2 . ARG A 1 63  ? -3.863  -12.462 -0.792  1.00 38.09 ? 63   ARG A NH2 1 
ATOM   498  N N   . PHE A 1 64  ? -2.088  -11.447 6.022   1.00 31.49 ? 64   PHE A N   1 
ATOM   499  C CA  . PHE A 1 64  ? -0.975  -10.546 5.751   1.00 30.28 ? 64   PHE A CA  1 
ATOM   500  C C   . PHE A 1 64  ? -0.231  -10.140 7.016   1.00 29.34 ? 64   PHE A C   1 
ATOM   501  O O   . PHE A 1 64  ? 0.817   -9.503  6.936   1.00 27.69 ? 64   PHE A O   1 
ATOM   502  C CB  . PHE A 1 64  ? -1.464  -9.276  5.035   1.00 33.27 ? 64   PHE A CB  1 
ATOM   503  C CG  . PHE A 1 64  ? -1.760  -9.468  3.572   1.00 34.59 ? 64   PHE A CG  1 
ATOM   504  C CD1 . PHE A 1 64  ? -0.735  -9.766  2.672   1.00 32.03 ? 64   PHE A CD1 1 
ATOM   505  C CD2 . PHE A 1 64  ? -3.067  -9.308  3.084   1.00 33.59 ? 64   PHE A CD2 1 
ATOM   506  C CE1 . PHE A 1 64  ? -1.004  -9.898  1.290   1.00 32.23 ? 64   PHE A CE1 1 
ATOM   507  C CE2 . PHE A 1 64  ? -3.355  -9.434  1.734   1.00 29.66 ? 64   PHE A CE2 1 
ATOM   508  C CZ  . PHE A 1 64  ? -2.320  -9.731  0.819   1.00 32.20 ? 64   PHE A CZ  1 
ATOM   509  N N   . ARG A 1 65  ? -0.787  -10.466 8.183   1.00 28.33 ? 65   ARG A N   1 
ATOM   510  C CA  . ARG A 1 65  ? -0.132  -10.095 9.431   1.00 30.77 ? 65   ARG A CA  1 
ATOM   511  C C   . ARG A 1 65  ? 1.240   -10.735 9.532   1.00 30.38 ? 65   ARG A C   1 
ATOM   512  O O   . ARG A 1 65  ? 1.412   -11.907 9.228   1.00 29.76 ? 65   ARG A O   1 
ATOM   513  C CB  . ARG A 1 65  ? -0.995  -10.503 10.627  1.00 36.21 ? 65   ARG A CB  1 
ATOM   514  C CG  . ARG A 1 65  ? -2.358  -9.796  10.624  1.00 42.73 ? 65   ARG A CG  1 
ATOM   515  C CD  . ARG A 1 65  ? -3.198  -10.093 11.878  1.00 40.83 ? 65   ARG A CD  1 
ATOM   516  N NE  . ARG A 1 65  ? -4.425  -9.295  11.869  1.00 46.81 ? 65   ARG A NE  1 
ATOM   517  C CZ  . ARG A 1 65  ? -5.311  -9.246  12.862  1.00 57.35 ? 65   ARG A CZ  1 
ATOM   518  N NH1 . ARG A 1 65  ? -5.122  -9.958  13.973  1.00 55.95 ? 65   ARG A NH1 1 
ATOM   519  N NH2 . ARG A 1 65  ? -6.382  -8.461  12.754  1.00 55.00 ? 65   ARG A NH2 1 
ATOM   520  N N   . GLY A 1 66  ? 2.223   -9.942  9.947   1.00 34.26 ? 66   GLY A N   1 
ATOM   521  C CA  . GLY A 1 66  ? 3.576   -10.446 10.068  1.00 34.54 ? 66   GLY A CA  1 
ATOM   522  C C   . GLY A 1 66  ? 4.275   -10.691 8.736   1.00 36.73 ? 66   GLY A C   1 
ATOM   523  O O   . GLY A 1 66  ? 5.446   -11.032 8.743   1.00 37.94 ? 66   GLY A O   1 
ATOM   524  N N   . ARG A 1 67  ? 3.586   -10.524 7.604   1.00 35.02 ? 67   ARG A N   1 
ATOM   525  C CA  . ARG A 1 67  ? 4.219   -10.742 6.297   1.00 33.04 ? 67   ARG A CA  1 
ATOM   526  C C   . ARG A 1 67  ? 4.325   -9.478  5.418   1.00 39.60 ? 67   ARG A C   1 
ATOM   527  O O   . ARG A 1 67  ? 4.908   -9.505  4.349   1.00 43.37 ? 67   ARG A O   1 
ATOM   528  C CB  . ARG A 1 67  ? 3.478   -11.834 5.502   1.00 34.21 ? 67   ARG A CB  1 
ATOM   529  C CG  . ARG A 1 67  ? 3.434   -13.229 6.164   1.00 32.37 ? 67   ARG A CG  1 
ATOM   530  C CD  . ARG A 1 67  ? 3.143   -14.364 5.160   1.00 31.43 ? 67   ARG A CD  1 
ATOM   531  N NE  . ARG A 1 67  ? 1.907   -14.158 4.404   1.00 40.41 ? 67   ARG A NE  1 
ATOM   532  C CZ  . ARG A 1 67  ? 1.855   -13.790 3.122   1.00 44.12 ? 67   ARG A CZ  1 
ATOM   533  N NH1 . ARG A 1 67  ? 2.975   -13.594 2.427   1.00 39.36 ? 67   ARG A NH1 1 
ATOM   534  N NH2 . ARG A 1 67  ? 0.679   -13.590 2.536   1.00 34.63 ? 67   ARG A NH2 1 
ATOM   535  N N   . ALA A 1 68  ? 3.760   -8.371  5.851   1.00 40.02 ? 68   ALA A N   1 
ATOM   536  C CA  . ALA A 1 68  ? 3.828   -7.174  5.042   1.00 39.09 ? 68   ALA A CA  1 
ATOM   537  C C   . ALA A 1 68  ? 4.122   -6.014  5.934   1.00 39.60 ? 68   ALA A C   1 
ATOM   538  O O   . ALA A 1 68  ? 3.545   -5.921  7.012   1.00 36.89 ? 68   ALA A O   1 
ATOM   539  C CB  . ALA A 1 68  ? 2.505   -6.949  4.347   1.00 39.85 ? 68   ALA A CB  1 
ATOM   540  N N   . GLU A 1 69  ? 5.014   -5.129  5.506   1.00 32.39 ? 69   GLU A N   1 
ATOM   541  C CA  . GLU A 1 69  ? 5.291   -3.963  6.321   1.00 36.52 ? 69   GLU A CA  1 
ATOM   542  C C   . GLU A 1 69  ? 5.595   -2.742  5.481   1.00 35.48 ? 69   GLU A C   1 
ATOM   543  O O   . GLU A 1 69  ? 6.122   -2.832  4.367   1.00 36.27 ? 69   GLU A O   1 
ATOM   544  C CB  . GLU A 1 69  ? 6.425   -4.229  7.321   1.00 43.36 ? 69   GLU A CB  1 
ATOM   545  C CG  . GLU A 1 69  ? 7.828   -4.044  6.806   1.00 49.56 ? 69   GLU A CG  1 
ATOM   546  C CD  . GLU A 1 69  ? 8.869   -4.585  7.794   1.00 58.28 ? 69   GLU A CD  1 
ATOM   547  O OE1 . GLU A 1 69  ? 8.912   -5.820  7.989   1.00 54.49 ? 69   GLU A OE1 1 
ATOM   548  O OE2 . GLU A 1 69  ? 9.636   -3.783  8.379   1.00 57.41 ? 69   GLU A OE2 1 
ATOM   549  N N   . LEU A 1 70  ? 5.246   -1.596  6.035   1.00 31.62 ? 70   LEU A N   1 
ATOM   550  C CA  . LEU A 1 70  ? 5.430   -0.333  5.349   1.00 40.15 ? 70   LEU A CA  1 
ATOM   551  C C   . LEU A 1 70  ? 6.842   0.208   5.556   1.00 39.14 ? 70   LEU A C   1 
ATOM   552  O O   . LEU A 1 70  ? 7.270   0.410   6.695   1.00 38.98 ? 70   LEU A O   1 
ATOM   553  C CB  . LEU A 1 70  ? 4.405   0.689   5.859   1.00 34.93 ? 70   LEU A CB  1 
ATOM   554  C CG  . LEU A 1 70  ? 4.424   2.052   5.162   1.00 35.64 ? 70   LEU A CG  1 
ATOM   555  C CD1 . LEU A 1 70  ? 3.814   1.913   3.772   1.00 36.92 ? 70   LEU A CD1 1 
ATOM   556  C CD2 . LEU A 1 70  ? 3.657   3.072   5.970   1.00 36.32 ? 70   LEU A CD2 1 
ATOM   557  N N   . MET A 1 71  ? 7.559   0.434   4.457   1.00 33.73 ? 71   MET A N   1 
ATOM   558  C CA  . MET A 1 71  ? 8.922   0.992   4.529   1.00 43.73 ? 71   MET A CA  1 
ATOM   559  C C   . MET A 1 71  ? 8.839   2.405   3.976   1.00 46.08 ? 71   MET A C   1 
ATOM   560  O O   . MET A 1 71  ? 9.630   2.792   3.118   1.00 54.72 ? 71   MET A O   1 
ATOM   561  C CB  . MET A 1 71  ? 9.910   0.201   3.668   1.00 42.38 ? 71   MET A CB  1 
ATOM   562  C CG  . MET A 1 71  ? 9.942   -1.299  3.918   1.00 56.55 ? 71   MET A CG  1 
ATOM   563  S SD  . MET A 1 71  ? 10.451  -1.706  5.596   1.00 64.69 ? 71   MET A SD  1 
ATOM   564  C CE  . MET A 1 71  ? 12.284  -1.719  5.410   1.00 56.20 ? 71   MET A CE  1 
ATOM   565  N N   . GLY A 1 72  ? 7.872   3.175   4.454   1.00 46.95 ? 72   GLY A N   1 
ATOM   566  C CA  . GLY A 1 72  ? 7.720   4.521   3.954   1.00 54.17 ? 72   GLY A CA  1 
ATOM   567  C C   . GLY A 1 72  ? 7.640   5.605   5.005   1.00 54.58 ? 72   GLY A C   1 
ATOM   568  O O   . GLY A 1 72  ? 6.986   5.453   6.035   1.00 64.42 ? 72   GLY A O   1 
ATOM   569  N N   . ASN A 1 73  ? 8.317   6.710   4.715   1.00 55.92 ? 73   ASN A N   1 
ATOM   570  C CA  . ASN A 1 73  ? 8.365   7.885   5.565   1.00 47.99 ? 73   ASN A CA  1 
ATOM   571  C C   . ASN A 1 73  ? 7.258   8.822   5.056   1.00 46.45 ? 73   ASN A C   1 
ATOM   572  O O   . ASN A 1 73  ? 7.381   9.435   3.982   1.00 43.37 ? 73   ASN A O   1 
ATOM   573  C CB  . ASN A 1 73  ? 9.753   8.528   5.426   1.00 50.07 ? 73   ASN A CB  1 
ATOM   574  C CG  . ASN A 1 73  ? 9.926   9.773   6.284   1.00 56.64 ? 73   ASN A CG  1 
ATOM   575  O OD1 . ASN A 1 73  ? 9.112   10.701  6.241   1.00 61.09 ? 73   ASN A OD1 1 
ATOM   576  N ND2 . ASN A 1 73  ? 11.007  9.807   7.051   1.00 49.62 ? 73   ASN A ND2 1 
ATOM   577  N N   . MET A 1 74  ? 6.174   8.925   5.814   1.00 42.62 ? 74   MET A N   1 
ATOM   578  C CA  . MET A 1 74  ? 5.040   9.767   5.415   1.00 43.72 ? 74   MET A CA  1 
ATOM   579  C C   . MET A 1 74  ? 5.430   11.231  5.209   1.00 44.94 ? 74   MET A C   1 
ATOM   580  O O   . MET A 1 74  ? 4.856   11.931  4.366   1.00 45.32 ? 74   MET A O   1 
ATOM   581  C CB  . MET A 1 74  ? 3.927   9.665   6.466   1.00 44.01 ? 74   MET A CB  1 
ATOM   582  C CG  . MET A 1 74  ? 3.219   8.314   6.465   1.00 37.40 ? 74   MET A CG  1 
ATOM   583  S SD  . MET A 1 74  ? 2.375   8.017   4.885   1.00 46.96 ? 74   MET A SD  1 
ATOM   584  C CE  . MET A 1 74  ? 3.467   6.827   4.047   1.00 24.86 ? 74   MET A CE  1 
ATOM   585  N N   . ASP A 1 75  ? 6.427   11.676  5.969   1.00 42.92 ? 75   ASP A N   1 
ATOM   586  C CA  . ASP A 1 75  ? 6.912   13.048  5.906   1.00 42.15 ? 75   ASP A CA  1 
ATOM   587  C C   . ASP A 1 75  ? 7.590   13.359  4.569   1.00 42.68 ? 75   ASP A C   1 
ATOM   588  O O   . ASP A 1 75  ? 7.550   14.495  4.077   1.00 40.75 ? 75   ASP A O   1 
ATOM   589  C CB  . ASP A 1 75  ? 7.904   13.272  7.042   1.00 56.78 ? 75   ASP A CB  1 
ATOM   590  C CG  . ASP A 1 75  ? 8.005   14.724  7.441   1.00 65.03 ? 75   ASP A CG  1 
ATOM   591  O OD1 . ASP A 1 75  ? 7.137   15.178  8.229   1.00 71.79 ? 75   ASP A OD1 1 
ATOM   592  O OD2 . ASP A 1 75  ? 8.942   15.411  6.961   1.00 67.72 ? 75   ASP A OD2 1 
ATOM   593  N N   . HIS A 1 76  ? 8.223   12.342  3.991   1.00 37.17 ? 76   HIS A N   1 
ATOM   594  C CA  . HIS A 1 76  ? 8.918   12.480  2.712   1.00 39.31 ? 76   HIS A CA  1 
ATOM   595  C C   . HIS A 1 76  ? 8.083   11.968  1.533   1.00 36.28 ? 76   HIS A C   1 
ATOM   596  O O   . HIS A 1 76  ? 8.574   11.862  0.420   1.00 32.12 ? 76   HIS A O   1 
ATOM   597  C CB  . HIS A 1 76  ? 10.251  11.722  2.762   1.00 41.99 ? 76   HIS A CB  1 
ATOM   598  C CG  . HIS A 1 76  ? 11.206  12.246  3.790   1.00 47.31 ? 76   HIS A CG  1 
ATOM   599  N ND1 . HIS A 1 76  ? 12.235  11.489  4.309   1.00 46.79 ? 76   HIS A ND1 1 
ATOM   600  C CD2 . HIS A 1 76  ? 11.278  13.453  4.408   1.00 45.45 ? 76   HIS A CD2 1 
ATOM   601  C CE1 . HIS A 1 76  ? 12.893  12.200  5.208   1.00 49.32 ? 76   HIS A CE1 1 
ATOM   602  N NE2 . HIS A 1 76  ? 12.332  13.394  5.286   1.00 50.16 ? 76   HIS A NE2 1 
ATOM   603  N N   . LYS A 1 77  ? 6.821   11.651  1.801   1.00 31.80 ? 77   LYS A N   1 
ATOM   604  C CA  . LYS A 1 77  ? 5.892   11.173  0.791   1.00 30.95 ? 77   LYS A CA  1 
ATOM   605  C C   . LYS A 1 77  ? 6.326   9.896   0.094   1.00 33.33 ? 77   LYS A C   1 
ATOM   606  O O   . LYS A 1 77  ? 6.215   9.784   -1.125  1.00 34.41 ? 77   LYS A O   1 
ATOM   607  C CB  . LYS A 1 77  ? 5.641   12.279  -0.243  1.00 33.55 ? 77   LYS A CB  1 
ATOM   608  C CG  . LYS A 1 77  ? 4.907   13.476  0.326   1.00 35.10 ? 77   LYS A CG  1 
ATOM   609  C CD  . LYS A 1 77  ? 4.743   14.581  -0.705  1.00 43.12 ? 77   LYS A CD  1 
ATOM   610  C CE  . LYS A 1 77  ? 4.275   15.870  -0.057  1.00 42.66 ? 77   LYS A CE  1 
ATOM   611  N NZ  . LYS A 1 77  ? 4.336   16.974  -1.055  1.00 48.75 ? 77   LYS A NZ  1 
ATOM   612  N N   . VAL A 1 78  ? 6.827   8.945   0.877   1.00 30.78 ? 78   VAL A N   1 
ATOM   613  C CA  . VAL A 1 78  ? 7.275   7.655   0.372   1.00 31.64 ? 78   VAL A CA  1 
ATOM   614  C C   . VAL A 1 78  ? 6.322   6.599   0.973   1.00 29.90 ? 78   VAL A C   1 
ATOM   615  O O   . VAL A 1 78  ? 6.047   6.642   2.184   1.00 24.93 ? 78   VAL A O   1 
ATOM   616  C CB  . VAL A 1 78  ? 8.738   7.385   0.809   1.00 37.89 ? 78   VAL A CB  1 
ATOM   617  C CG1 . VAL A 1 78  ? 9.140   5.998   0.409   1.00 26.45 ? 78   VAL A CG1 1 
ATOM   618  C CG2 . VAL A 1 78  ? 9.687   8.427   0.165   1.00 30.66 ? 78   VAL A CG2 1 
ATOM   619  N N   . CYS A 1 79  ? 5.814   5.684   0.135   1.00 22.50 ? 79   CYS A N   1 
ATOM   620  C CA  . CYS A 1 79  ? 4.856   4.653   0.574   1.00 25.88 ? 79   CYS A CA  1 
ATOM   621  C C   . CYS A 1 79  ? 5.321   3.235   0.253   1.00 24.30 ? 79   CYS A C   1 
ATOM   622  O O   . CYS A 1 79  ? 4.497   2.323   0.145   1.00 28.29 ? 79   CYS A O   1 
ATOM   623  C CB  . CYS A 1 79  ? 3.449   4.902   -0.065  1.00 25.46 ? 79   CYS A CB  1 
ATOM   624  S SG  . CYS A 1 79  ? 3.490   5.664   -1.737  1.00 24.93 ? 79   CYS A SG  1 
ATOM   625  N N   . ASN A 1 80  ? 6.635   3.039   0.112   1.00 25.19 ? 80   ASN A N   1 
ATOM   626  C CA  . ASN A 1 80  ? 7.184   1.719   -0.227  1.00 27.85 ? 80   ASN A CA  1 
ATOM   627  C C   . ASN A 1 80  ? 6.570   0.606   0.612   1.00 28.10 ? 80   ASN A C   1 
ATOM   628  O O   . ASN A 1 80  ? 6.489   0.722   1.827   1.00 28.87 ? 80   ASN A O   1 
ATOM   629  C CB  . ASN A 1 80  ? 8.715   1.678   -0.040  1.00 29.66 ? 80   ASN A CB  1 
ATOM   630  C CG  . ASN A 1 80  ? 9.457   2.589   -1.011  1.00 43.49 ? 80   ASN A CG  1 
ATOM   631  O OD1 . ASN A 1 80  ? 8.860   3.147   -1.931  1.00 38.20 ? 80   ASN A OD1 1 
ATOM   632  N ND2 . ASN A 1 80  ? 10.771  2.740   -0.809  1.00 35.53 ? 80   ASN A ND2 1 
ATOM   633  N N   . LEU A 1 81  ? 6.149   -0.468  -0.048  1.00 25.63 ? 81   LEU A N   1 
ATOM   634  C CA  . LEU A 1 81  ? 5.572   -1.603  0.645   1.00 25.02 ? 81   LEU A CA  1 
ATOM   635  C C   . LEU A 1 81  ? 6.483   -2.815  0.507   1.00 28.35 ? 81   LEU A C   1 
ATOM   636  O O   . LEU A 1 81  ? 6.885   -3.182  -0.603  1.00 29.90 ? 81   LEU A O   1 
ATOM   637  C CB  . LEU A 1 81  ? 4.215   -1.961  0.057   1.00 29.42 ? 81   LEU A CB  1 
ATOM   638  C CG  . LEU A 1 81  ? 3.661   -3.299  0.538   1.00 21.67 ? 81   LEU A CG  1 
ATOM   639  C CD1 . LEU A 1 81  ? 3.354   -3.222  2.055   1.00 29.35 ? 81   LEU A CD1 1 
ATOM   640  C CD2 . LEU A 1 81  ? 2.384   -3.606  -0.240  1.00 22.53 ? 81   LEU A CD2 1 
ATOM   641  N N   . LEU A 1 82  ? 6.805   -3.438  1.633   1.00 29.11 ? 82   LEU A N   1 
ATOM   642  C CA  . LEU A 1 82  ? 7.631   -4.633  1.616   1.00 29.71 ? 82   LEU A CA  1 
ATOM   643  C C   . LEU A 1 82  ? 6.763   -5.844  1.967   1.00 35.98 ? 82   LEU A C   1 
ATOM   644  O O   . LEU A 1 82  ? 6.097   -5.849  3.023   1.00 31.44 ? 82   LEU A O   1 
ATOM   645  C CB  . LEU A 1 82  ? 8.766   -4.496  2.631   1.00 33.31 ? 82   LEU A CB  1 
ATOM   646  C CG  . LEU A 1 82  ? 9.570   -5.761  2.932   1.00 34.35 ? 82   LEU A CG  1 
ATOM   647  C CD1 . LEU A 1 82  ? 10.268  -6.268  1.699   1.00 35.39 ? 82   LEU A CD1 1 
ATOM   648  C CD2 . LEU A 1 82  ? 10.570  -5.450  4.021   1.00 36.43 ? 82   LEU A CD2 1 
ATOM   649  N N   . LEU A 1 83  ? 6.737   -6.835  1.069   1.00 28.33 ? 83   LEU A N   1 
ATOM   650  C CA  . LEU A 1 83  ? 6.000   -8.072  1.305   1.00 30.93 ? 83   LEU A CA  1 
ATOM   651  C C   . LEU A 1 83  ? 7.024   -9.193  1.618   1.00 35.22 ? 83   LEU A C   1 
ATOM   652  O O   . LEU A 1 83  ? 7.871   -9.514  0.784   1.00 32.71 ? 83   LEU A O   1 
ATOM   653  C CB  . LEU A 1 83  ? 5.205   -8.478  0.065   1.00 28.38 ? 83   LEU A CB  1 
ATOM   654  C CG  . LEU A 1 83  ? 4.072   -7.570  -0.417  1.00 35.65 ? 83   LEU A CG  1 
ATOM   655  C CD1 . LEU A 1 83  ? 3.407   -8.164  -1.632  1.00 32.86 ? 83   LEU A CD1 1 
ATOM   656  C CD2 . LEU A 1 83  ? 3.059   -7.386  0.706   1.00 31.35 ? 83   LEU A CD2 1 
ATOM   657  N N   . LYS A 1 84  ? 6.945   -9.794  2.799   1.00 35.64 ? 84   LYS A N   1 
ATOM   658  C CA  . LYS A 1 84  ? 7.879   -10.868 3.165   1.00 41.24 ? 84   LYS A CA  1 
ATOM   659  C C   . LYS A 1 84  ? 7.254   -12.256 2.980   1.00 40.65 ? 84   LYS A C   1 
ATOM   660  O O   . LYS A 1 84  ? 6.031   -12.388 2.914   1.00 43.40 ? 84   LYS A O   1 
ATOM   661  C CB  . LYS A 1 84  ? 8.341   -10.694 4.614   1.00 45.08 ? 84   LYS A CB  1 
ATOM   662  C CG  . LYS A 1 84  ? 9.220   -9.467  4.838   1.00 49.27 ? 84   LYS A CG  1 
ATOM   663  C CD  . LYS A 1 84  ? 8.586   -8.465  5.789   1.00 56.64 ? 84   LYS A CD  1 
ATOM   664  C CE  . LYS A 1 84  ? 8.513   -8.994  7.210   1.00 50.19 ? 84   LYS A CE  1 
ATOM   665  N NZ  . LYS A 1 84  ? 7.824   -8.050  8.126   1.00 51.20 ? 84   LYS A NZ  1 
ATOM   666  N N   . ASP A 1 85  ? 8.099   -13.278 2.866   1.00 43.33 ? 85   ASP A N   1 
ATOM   667  C CA  . ASP A 1 85  ? 7.645   -14.663 2.696   1.00 42.83 ? 85   ASP A CA  1 
ATOM   668  C C   . ASP A 1 85  ? 6.485   -14.812 1.707   1.00 46.97 ? 85   ASP A C   1 
ATOM   669  O O   . ASP A 1 85  ? 5.389   -15.253 2.077   1.00 40.71 ? 85   ASP A O   1 
ATOM   670  C CB  . ASP A 1 85  ? 7.259   -15.236 4.068   1.00 52.41 ? 85   ASP A CB  1 
ATOM   671  C CG  . ASP A 1 85  ? 6.925   -16.727 4.016   1.00 52.91 ? 85   ASP A CG  1 
ATOM   672  O OD1 . ASP A 1 85  ? 7.590   -17.459 3.252   1.00 55.73 ? 85   ASP A OD1 1 
ATOM   673  O OD2 . ASP A 1 85  ? 6.008   -17.164 4.747   1.00 52.14 ? 85   ASP A OD2 1 
ATOM   674  N N   . LEU A 1 86  ? 6.741   -14.457 0.447   1.00 48.27 ? 86   LEU A N   1 
ATOM   675  C CA  . LEU A 1 86  ? 5.728   -14.502 -0.610  1.00 45.76 ? 86   LEU A CA  1 
ATOM   676  C C   . LEU A 1 86  ? 5.043   -15.833 -0.796  1.00 46.18 ? 86   LEU A C   1 
ATOM   677  O O   . LEU A 1 86  ? 5.662   -16.891 -0.683  1.00 49.24 ? 86   LEU A O   1 
ATOM   678  C CB  . LEU A 1 86  ? 6.319   -14.077 -1.956  1.00 38.32 ? 86   LEU A CB  1 
ATOM   679  C CG  . LEU A 1 86  ? 6.605   -12.603 -2.207  1.00 46.36 ? 86   LEU A CG  1 
ATOM   680  C CD1 . LEU A 1 86  ? 7.497   -12.485 -3.455  1.00 46.27 ? 86   LEU A CD1 1 
ATOM   681  C CD2 . LEU A 1 86  ? 5.297   -11.833 -2.398  1.00 30.82 ? 86   LEU A CD2 1 
ATOM   682  N N   . LYS A 1 87  ? 3.755   -15.754 -1.115  1.00 48.33 ? 87   LYS A N   1 
ATOM   683  C CA  . LYS A 1 87  ? 2.921   -16.920 -1.344  1.00 48.34 ? 87   LYS A CA  1 
ATOM   684  C C   . LYS A 1 87  ? 2.163   -16.727 -2.646  1.00 48.12 ? 87   LYS A C   1 
ATOM   685  O O   . LYS A 1 87  ? 1.828   -15.605 -3.021  1.00 46.98 ? 87   LYS A O   1 
ATOM   686  C CB  . LYS A 1 87  ? 1.955   -17.105 -0.170  1.00 53.36 ? 87   LYS A CB  1 
ATOM   687  C CG  . LYS A 1 87  ? 2.678   -17.333 1.158   1.00 53.19 ? 87   LYS A CG  1 
ATOM   688  C CD  . LYS A 1 87  ? 1.697   -17.420 2.313   1.00 55.13 ? 87   LYS A CD  1 
ATOM   689  C CE  . LYS A 1 87  ? 2.414   -17.593 3.654   1.00 57.42 ? 87   LYS A CE  1 
ATOM   690  N NZ  . LYS A 1 87  ? 3.086   -18.919 3.836   1.00 57.32 ? 87   LYS A NZ  1 
ATOM   691  N N   . PRO A 1 88  ? 1.893   -17.826 -3.363  1.00 50.63 ? 88   PRO A N   1 
ATOM   692  C CA  . PRO A 1 88  ? 1.178   -17.825 -4.644  1.00 46.52 ? 88   PRO A CA  1 
ATOM   693  C C   . PRO A 1 88  ? -0.107  -17.018 -4.633  1.00 49.21 ? 88   PRO A C   1 
ATOM   694  O O   . PRO A 1 88  ? -0.464  -16.371 -5.627  1.00 44.62 ? 88   PRO A O   1 
ATOM   695  C CB  . PRO A 1 88  ? 0.916   -19.304 -4.885  1.00 51.27 ? 88   PRO A CB  1 
ATOM   696  C CG  . PRO A 1 88  ? 2.131   -19.946 -4.255  1.00 47.18 ? 88   PRO A CG  1 
ATOM   697  C CD  . PRO A 1 88  ? 2.218   -19.202 -2.948  1.00 50.46 ? 88   PRO A CD  1 
ATOM   698  N N   . GLU A 1 89  ? -0.789  -17.068 -3.496  1.00 41.78 ? 89   GLU A N   1 
ATOM   699  C CA  . GLU A 1 89  ? -2.047  -16.370 -3.305  1.00 46.20 ? 89   GLU A CA  1 
ATOM   700  C C   . GLU A 1 89  ? -1.865  -14.854 -3.151  1.00 41.57 ? 89   GLU A C   1 
ATOM   701  O O   . GLU A 1 89  ? -2.838  -14.104 -3.143  1.00 41.63 ? 89   GLU A O   1 
ATOM   702  C CB  . GLU A 1 89  ? -2.738  -16.941 -2.079  1.00 45.42 ? 89   GLU A CB  1 
ATOM   703  C CG  . GLU A 1 89  ? -1.838  -16.941 -0.865  1.00 60.86 ? 89   GLU A CG  1 
ATOM   704  C CD  . GLU A 1 89  ? -2.044  -18.148 0.025   1.00 63.18 ? 89   GLU A CD  1 
ATOM   705  O OE1 . GLU A 1 89  ? -3.205  -18.415 0.398   1.00 74.86 ? 89   GLU A OE1 1 
ATOM   706  O OE2 . GLU A 1 89  ? -1.045  -18.821 0.357   1.00 63.10 ? 89   GLU A OE2 1 
ATOM   707  N N   . ASP A 1 90  ? -0.624  -14.403 -3.030  1.00 39.54 ? 90   ASP A N   1 
ATOM   708  C CA  . ASP A 1 90  ? -0.373  -12.979 -2.899  1.00 35.56 ? 90   ASP A CA  1 
ATOM   709  C C   . ASP A 1 90  ? -0.447  -12.316 -4.261  1.00 41.29 ? 90   ASP A C   1 
ATOM   710  O O   . ASP A 1 90  ? -0.406  -11.071 -4.361  1.00 33.80 ? 90   ASP A O   1 
ATOM   711  C CB  . ASP A 1 90  ? 0.996   -12.732 -2.299  1.00 32.45 ? 90   ASP A CB  1 
ATOM   712  C CG  . ASP A 1 90  ? 1.079   -13.197 -0.872  1.00 37.46 ? 90   ASP A CG  1 
ATOM   713  O OD1 . ASP A 1 90  ? 0.024   -13.181 -0.198  1.00 38.77 ? 90   ASP A OD1 1 
ATOM   714  O OD2 . ASP A 1 90  ? 2.188   -13.558 -0.430  1.00 37.59 ? 90   ASP A OD2 1 
ATOM   715  N N   . SER A 1 91  ? -0.550  -13.140 -5.308  1.00 35.09 ? 91   SER A N   1 
ATOM   716  C CA  . SER A 1 91  ? -0.623  -12.595 -6.649  1.00 36.12 ? 91   SER A CA  1 
ATOM   717  C C   . SER A 1 91  ? -1.905  -11.789 -6.745  1.00 34.11 ? 91   SER A C   1 
ATOM   718  O O   . SER A 1 91  ? -2.955  -12.212 -6.268  1.00 36.30 ? 91   SER A O   1 
ATOM   719  C CB  . SER A 1 91  ? -0.577  -13.714 -7.704  1.00 36.01 ? 91   SER A CB  1 
ATOM   720  O OG  . SER A 1 91  ? 0.759   -14.198 -7.855  1.00 42.48 ? 91   SER A OG  1 
ATOM   721  N N   . GLY A 1 92  ? -1.810  -10.607 -7.342  1.00 35.29 ? 92   GLY A N   1 
ATOM   722  C CA  . GLY A 1 92  ? -2.982  -9.765  -7.467  1.00 32.02 ? 92   GLY A CA  1 
ATOM   723  C C   . GLY A 1 92  ? -2.599  -8.297  -7.514  1.00 27.13 ? 92   GLY A C   1 
ATOM   724  O O   . GLY A 1 92  ? -1.437  -7.948  -7.758  1.00 30.37 ? 92   GLY A O   1 
ATOM   725  N N   . THR A 1 93  ? -3.575  -7.431  -7.278  1.00 30.28 ? 93   THR A N   1 
ATOM   726  C CA  . THR A 1 93  ? -3.349  -5.993  -7.328  1.00 31.25 ? 93   THR A CA  1 
ATOM   727  C C   . THR A 1 93  ? -3.332  -5.347  -5.944  1.00 25.27 ? 93   THR A C   1 
ATOM   728  O O   . THR A 1 93  ? -4.148  -5.675  -5.073  1.00 25.61 ? 93   THR A O   1 
ATOM   729  C CB  . THR A 1 93  ? -4.449  -5.325  -8.140  1.00 37.33 ? 93   THR A CB  1 
ATOM   730  O OG1 . THR A 1 93  ? -5.713  -5.525  -7.481  1.00 45.87 ? 93   THR A OG1 1 
ATOM   731  C CG2 . THR A 1 93  ? -4.486  -5.938  -9.536  1.00 37.73 ? 93   THR A CG2 1 
ATOM   732  N N   . TYR A 1 94  ? -2.403  -4.415  -5.766  1.00 29.36 ? 94   TYR A N   1 
ATOM   733  C CA  . TYR A 1 94  ? -2.247  -3.680  -4.513  1.00 30.70 ? 94   TYR A CA  1 
ATOM   734  C C   . TYR A 1 94  ? -2.442  -2.211  -4.804  1.00 27.50 ? 94   TYR A C   1 
ATOM   735  O O   . TYR A 1 94  ? -1.834  -1.703  -5.736  1.00 28.98 ? 94   TYR A O   1 
ATOM   736  C CB  . TYR A 1 94  ? -0.844  -3.919  -3.947  1.00 23.43 ? 94   TYR A CB  1 
ATOM   737  C CG  . TYR A 1 94  ? -0.632  -5.341  -3.532  1.00 27.61 ? 94   TYR A CG  1 
ATOM   738  C CD1 . TYR A 1 94  ? -0.495  -6.353  -4.482  1.00 18.96 ? 94   TYR A CD1 1 
ATOM   739  C CD2 . TYR A 1 94  ? -0.650  -5.692  -2.173  1.00 31.11 ? 94   TYR A CD2 1 
ATOM   740  C CE1 . TYR A 1 94  ? -0.381  -7.703  -4.084  1.00 19.00 ? 94   TYR A CE1 1 
ATOM   741  C CE2 . TYR A 1 94  ? -0.548  -7.013  -1.770  1.00 28.00 ? 94   TYR A CE2 1 
ATOM   742  C CZ  . TYR A 1 94  ? -0.408  -8.012  -2.729  1.00 28.62 ? 94   TYR A CZ  1 
ATOM   743  O OH  . TYR A 1 94  ? -0.277  -9.312  -2.309  1.00 29.24 ? 94   TYR A OH  1 
ATOM   744  N N   . ASN A 1 95  ? -3.269  -1.534  -4.013  1.00 30.03 ? 95   ASN A N   1 
ATOM   745  C CA  . ASN A 1 95  ? -3.538  -0.101  -4.212  1.00 25.76 ? 95   ASN A CA  1 
ATOM   746  C C   . ASN A 1 95  ? -3.337  0.647   -2.899  1.00 29.10 ? 95   ASN A C   1 
ATOM   747  O O   . ASN A 1 95  ? -3.895  0.251   -1.853  1.00 25.45 ? 95   ASN A O   1 
ATOM   748  C CB  . ASN A 1 95  ? -4.982  0.137   -4.673  1.00 27.97 ? 95   ASN A CB  1 
ATOM   749  C CG  . ASN A 1 95  ? -5.264  -0.417  -6.064  1.00 36.76 ? 95   ASN A CG  1 
ATOM   750  O OD1 . ASN A 1 95  ? -5.252  -1.630  -6.283  1.00 29.69 ? 95   ASN A OD1 1 
ATOM   751  N ND2 . ASN A 1 95  ? -5.521  0.484   -7.017  1.00 27.80 ? 95   ASN A ND2 1 
ATOM   752  N N   . PHE A 1 96  ? -2.568  1.737   -2.965  1.00 23.45 ? 96   PHE A N   1 
ATOM   753  C CA  . PHE A 1 96  ? -2.270  2.525   -1.789  1.00 22.14 ? 96   PHE A CA  1 
ATOM   754  C C   . PHE A 1 96  ? -3.219  3.681   -1.585  1.00 24.77 ? 96   PHE A C   1 
ATOM   755  O O   . PHE A 1 96  ? -3.672  4.320   -2.551  1.00 24.58 ? 96   PHE A O   1 
ATOM   756  C CB  . PHE A 1 96  ? -0.850  3.081   -1.871  1.00 24.82 ? 96   PHE A CB  1 
ATOM   757  C CG  . PHE A 1 96  ? -0.462  3.907   -0.680  1.00 25.45 ? 96   PHE A CG  1 
ATOM   758  C CD1 . PHE A 1 96  ? -0.197  3.298   0.549   1.00 24.54 ? 96   PHE A CD1 1 
ATOM   759  C CD2 . PHE A 1 96  ? -0.317  5.286   -0.796  1.00 19.32 ? 96   PHE A CD2 1 
ATOM   760  C CE1 . PHE A 1 96  ? 0.218   4.063   1.652   1.00 23.81 ? 96   PHE A CE1 1 
ATOM   761  C CE2 . PHE A 1 96  ? 0.100   6.060   0.298   1.00 19.98 ? 96   PHE A CE2 1 
ATOM   762  C CZ  . PHE A 1 96  ? 0.369   5.437   1.525   1.00 27.21 ? 96   PHE A CZ  1 
ATOM   763  N N   . ARG A 1 97  ? -3.484  3.957   -0.315  1.00 25.56 ? 97   ARG A N   1 
ATOM   764  C CA  . ARG A 1 97  ? -4.354  5.048   0.087   1.00 25.64 ? 97   ARG A CA  1 
ATOM   765  C C   . ARG A 1 97  ? -3.776  5.811   1.272   1.00 30.66 ? 97   ARG A C   1 
ATOM   766  O O   . ARG A 1 97  ? -3.304  5.186   2.231   1.00 28.06 ? 97   ARG A O   1 
ATOM   767  C CB  . ARG A 1 97  ? -5.712  4.520   0.518   1.00 29.62 ? 97   ARG A CB  1 
ATOM   768  C CG  . ARG A 1 97  ? -6.675  5.586   1.118   1.00 34.29 ? 97   ARG A CG  1 
ATOM   769  C CD  . ARG A 1 97  ? -8.003  4.894   1.423   1.00 33.90 ? 97   ARG A CD  1 
ATOM   770  N NE  . ARG A 1 97  ? -9.055  5.760   1.923   1.00 34.74 ? 97   ARG A NE  1 
ATOM   771  C CZ  . ARG A 1 97  ? -9.656  6.738   1.243   1.00 38.34 ? 97   ARG A CZ  1 
ATOM   772  N NH1 . ARG A 1 97  ? -9.328  7.020   -0.006  1.00 34.80 ? 97   ARG A NH1 1 
ATOM   773  N NH2 . ARG A 1 97  ? -10.613 7.449   1.837   1.00 42.32 ? 97   ARG A NH2 1 
ATOM   774  N N   . PHE A 1 98  ? -3.818  7.147   1.206   1.00 20.36 ? 98   PHE A N   1 
ATOM   775  C CA  . PHE A 1 98  ? -3.371  7.950   2.340   1.00 28.87 ? 98   PHE A CA  1 
ATOM   776  C C   . PHE A 1 98  ? -4.492  8.908   2.765   1.00 28.63 ? 98   PHE A C   1 
ATOM   777  O O   . PHE A 1 98  ? -5.291  9.365   1.925   1.00 27.15 ? 98   PHE A O   1 
ATOM   778  C CB  . PHE A 1 98  ? -2.048  8.704   2.044   1.00 24.70 ? 98   PHE A CB  1 
ATOM   779  C CG  . PHE A 1 98  ? -2.099  9.653   0.862   1.00 27.90 ? 98   PHE A CG  1 
ATOM   780  C CD1 . PHE A 1 98  ? -2.037  9.169   -0.436  1.00 22.88 ? 98   PHE A CD1 1 
ATOM   781  C CD2 . PHE A 1 98  ? -2.156  11.033  1.064   1.00 20.96 ? 98   PHE A CD2 1 
ATOM   782  C CE1 . PHE A 1 98  ? -2.021  10.038  -1.528  1.00 31.10 ? 98   PHE A CE1 1 
ATOM   783  C CE2 . PHE A 1 98  ? -2.145  11.916  -0.021  1.00 30.58 ? 98   PHE A CE2 1 
ATOM   784  C CZ  . PHE A 1 98  ? -2.074  11.405  -1.329  1.00 23.32 ? 98   PHE A CZ  1 
ATOM   785  N N   . GLU A 1 99  ? -4.568  9.172   4.072   1.00 30.61 ? 99   GLU A N   1 
ATOM   786  C CA  . GLU A 1 99  ? -5.606  10.043  4.628   1.00 31.29 ? 99   GLU A CA  1 
ATOM   787  C C   . GLU A 1 99  ? -4.988  11.141  5.496   1.00 31.20 ? 99   GLU A C   1 
ATOM   788  O O   . GLU A 1 99  ? -4.239  10.843  6.444   1.00 26.68 ? 99   GLU A O   1 
ATOM   789  C CB  . GLU A 1 99  ? -6.581  9.209   5.482   1.00 26.10 ? 99   GLU A CB  1 
ATOM   790  C CG  . GLU A 1 99  ? -6.979  7.884   4.837   1.00 36.39 ? 99   GLU A CG  1 
ATOM   791  C CD  . GLU A 1 99  ? -8.044  7.102   5.631   1.00 35.37 ? 99   GLU A CD  1 
ATOM   792  O OE1 . GLU A 1 99  ? -8.018  7.141   6.881   1.00 42.84 ? 99   GLU A OE1 1 
ATOM   793  O OE2 . GLU A 1 99  ? -8.892  6.430   4.996   1.00 37.77 ? 99   GLU A OE2 1 
ATOM   794  N N   . ILE A 1 100 ? -5.298  12.395  5.166   1.00 28.64 ? 100  ILE A N   1 
ATOM   795  C CA  . ILE A 1 100 ? -4.798  13.548  5.910   1.00 30.76 ? 100  ILE A CA  1 
ATOM   796  C C   . ILE A 1 100 ? -5.953  14.124  6.722   1.00 34.84 ? 100  ILE A C   1 
ATOM   797  O O   . ILE A 1 100 ? -5.751  14.535  7.862   1.00 31.86 ? 100  ILE A O   1 
ATOM   798  C CB  . ILE A 1 100 ? -4.230  14.621  4.975   1.00 32.50 ? 100  ILE A CB  1 
ATOM   799  C CG1 . ILE A 1 100 ? -2.993  14.073  4.251   1.00 29.03 ? 100  ILE A CG1 1 
ATOM   800  C CG2 . ILE A 1 100 ? -3.838  15.853  5.777   1.00 27.91 ? 100  ILE A CG2 1 
ATOM   801  C CD1 . ILE A 1 100 ? -2.365  15.018  3.234   1.00 30.16 ? 100  ILE A CD1 1 
ATOM   802  N N   . SER A 1 101 ? -7.149  14.178  6.120   1.00 31.61 ? 101  SER A N   1 
ATOM   803  C CA  . SER A 1 101 ? -8.376  14.633  6.802   1.00 37.69 ? 101  SER A CA  1 
ATOM   804  C C   . SER A 1 101 ? -9.603  13.966  6.154   1.00 42.38 ? 101  SER A C   1 
ATOM   805  O O   . SER A 1 101 ? -9.491  13.321  5.104   1.00 41.85 ? 101  SER A O   1 
ATOM   806  C CB  . SER A 1 101 ? -8.555  16.154  6.726   1.00 30.74 ? 101  SER A CB  1 
ATOM   807  O OG  . SER A 1 101 ? -9.022  16.561  5.456   1.00 36.55 ? 101  SER A OG  1 
ATOM   808  N N   . ASP A 1 102 ? -10.773 14.150  6.764   1.00 43.58 ? 102  ASP A N   1 
ATOM   809  C CA  . ASP A 1 102 ? -12.014 13.565  6.256   1.00 44.06 ? 102  ASP A CA  1 
ATOM   810  C C   . ASP A 1 102 ? -12.183 13.749  4.754   1.00 42.50 ? 102  ASP A C   1 
ATOM   811  O O   . ASP A 1 102 ? -12.558 12.817  4.036   1.00 38.54 ? 102  ASP A O   1 
ATOM   812  C CB  . ASP A 1 102 ? -13.217 14.180  6.980   1.00 54.18 ? 102  ASP A CB  1 
ATOM   813  C CG  . ASP A 1 102 ? -14.527 13.464  6.659   1.00 62.78 ? 102  ASP A CG  1 
ATOM   814  O OD1 . ASP A 1 102 ? -15.593 14.013  7.012   1.00 68.94 ? 102  ASP A OD1 1 
ATOM   815  O OD2 . ASP A 1 102 ? -14.498 12.358  6.069   1.00 66.64 ? 102  ASP A OD2 1 
ATOM   816  N N   . SER A 1 103 ? -11.921 14.957  4.284   1.00 35.69 ? 103  SER A N   1 
ATOM   817  C CA  . SER A 1 103 ? -12.049 15.252  2.878   1.00 34.96 ? 103  SER A CA  1 
ATOM   818  C C   . SER A 1 103 ? -10.704 15.162  2.127   1.00 35.10 ? 103  SER A C   1 
ATOM   819  O O   . SER A 1 103 ? -10.664 14.940  0.917   1.00 36.92 ? 103  SER A O   1 
ATOM   820  C CB  . SER A 1 103 ? -12.661 16.638  2.722   1.00 40.91 ? 103  SER A CB  1 
ATOM   821  O OG  . SER A 1 103 ? -11.956 17.571  3.523   1.00 53.36 ? 103  SER A OG  1 
ATOM   822  N N   . ASN A 1 104 ? -9.595  15.337  2.831   1.00 34.66 ? 104  ASN A N   1 
ATOM   823  C CA  . ASN A 1 104 ? -8.294  15.263  2.174   1.00 32.02 ? 104  ASN A CA  1 
ATOM   824  C C   . ASN A 1 104 ? -7.741  13.842  2.302   1.00 29.99 ? 104  ASN A C   1 
ATOM   825  O O   . ASN A 1 104 ? -6.914  13.552  3.166   1.00 31.01 ? 104  ASN A O   1 
ATOM   826  C CB  . ASN A 1 104 ? -7.324  16.295  2.784   1.00 30.70 ? 104  ASN A CB  1 
ATOM   827  C CG  . ASN A 1 104 ? -7.672  17.732  2.382   1.00 32.73 ? 104  ASN A CG  1 
ATOM   828  O OD1 . ASN A 1 104 ? -7.912  18.021  1.211   1.00 35.91 ? 104  ASN A OD1 1 
ATOM   829  N ND2 . ASN A 1 104 ? -7.716  18.625  3.356   1.00 35.45 ? 104  ASN A ND2 1 
ATOM   830  N N   . ARG A 1 105 ? -8.246  12.949  1.457   1.00 31.23 ? 105  ARG A N   1 
ATOM   831  C CA  . ARG A 1 105 ? -7.817  11.557  1.437   1.00 22.89 ? 105  ARG A CA  1 
ATOM   832  C C   . ARG A 1 105 ? -7.785  11.118  -0.029  1.00 27.10 ? 105  ARG A C   1 
ATOM   833  O O   . ARG A 1 105 ? -8.370  11.765  -0.896  1.00 24.59 ? 105  ARG A O   1 
ATOM   834  C CB  . ARG A 1 105 ? -8.755  10.694  2.269   1.00 26.31 ? 105  ARG A CB  1 
ATOM   835  C CG  . ARG A 1 105 ? -10.091 10.527  1.619   1.00 52.48 ? 105  ARG A CG  1 
ATOM   836  C CD  . ARG A 1 105 ? -11.256 10.689  2.568   1.00 57.86 ? 105  ARG A CD  1 
ATOM   837  N NE  . ARG A 1 105 ? -11.303 9.670   3.603   1.00 68.06 ? 105  ARG A NE  1 
ATOM   838  C CZ  . ARG A 1 105 ? -10.594 9.719   4.720   1.00 70.64 ? 105  ARG A CZ  1 
ATOM   839  N NH1 . ARG A 1 105 ? -9.781  10.742  4.941   1.00 76.94 ? 105  ARG A NH1 1 
ATOM   840  N NH2 . ARG A 1 105 ? -10.716 8.757   5.626   1.00 78.77 ? 105  ARG A NH2 1 
ATOM   841  N N   . TRP A 1 106 ? -7.126  10.005  -0.313  1.00 23.08 ? 106  TRP A N   1 
ATOM   842  C CA  . TRP A 1 106 ? -6.946  9.623   -1.700  1.00 21.94 ? 106  TRP A CA  1 
ATOM   843  C C   . TRP A 1 106 ? -6.627  8.164   -1.863  1.00 27.38 ? 106  TRP A C   1 
ATOM   844  O O   . TRP A 1 106 ? -5.848  7.617   -1.083  1.00 27.18 ? 106  TRP A O   1 
ATOM   845  C CB  . TRP A 1 106 ? -5.762  10.416  -2.256  1.00 23.50 ? 106  TRP A CB  1 
ATOM   846  C CG  . TRP A 1 106 ? -5.585  10.314  -3.705  1.00 25.16 ? 106  TRP A CG  1 
ATOM   847  C CD1 . TRP A 1 106 ? -4.811  9.398   -4.400  1.00 23.59 ? 106  TRP A CD1 1 
ATOM   848  C CD2 . TRP A 1 106 ? -6.210  11.141  -4.684  1.00 27.36 ? 106  TRP A CD2 1 
ATOM   849  N NE1 . TRP A 1 106 ? -4.934  9.621   -5.750  1.00 25.29 ? 106  TRP A NE1 1 
ATOM   850  C CE2 . TRP A 1 106 ? -5.783  10.685  -5.953  1.00 24.71 ? 106  TRP A CE2 1 
ATOM   851  C CE3 . TRP A 1 106 ? -7.085  12.239  -4.613  1.00 30.19 ? 106  TRP A CE3 1 
ATOM   852  C CZ2 . TRP A 1 106 ? -6.211  11.287  -7.151  1.00 31.89 ? 106  TRP A CZ2 1 
ATOM   853  C CZ3 . TRP A 1 106 ? -7.510  12.840  -5.798  1.00 24.96 ? 106  TRP A CZ3 1 
ATOM   854  C CH2 . TRP A 1 106 ? -7.069  12.363  -7.054  1.00 30.72 ? 106  TRP A CH2 1 
ATOM   855  N N   . LEU A 1 107 ? -7.204  7.548   -2.892  1.00 26.01 ? 107  LEU A N   1 
ATOM   856  C CA  . LEU A 1 107 ? -6.933  6.143   -3.204  1.00 24.81 ? 107  LEU A CA  1 
ATOM   857  C C   . LEU A 1 107 ? -6.407  6.083   -4.645  1.00 28.89 ? 107  LEU A C   1 
ATOM   858  O O   . LEU A 1 107 ? -7.004  6.668   -5.552  1.00 28.41 ? 107  LEU A O   1 
ATOM   859  C CB  . LEU A 1 107 ? -8.196  5.294   -3.068  1.00 24.52 ? 107  LEU A CB  1 
ATOM   860  C CG  . LEU A 1 107 ? -8.104  3.901   -3.722  1.00 24.05 ? 107  LEU A CG  1 
ATOM   861  C CD1 . LEU A 1 107 ? -7.057  3.050   -2.978  1.00 26.47 ? 107  LEU A CD1 1 
ATOM   862  C CD2 . LEU A 1 107 ? -9.478  3.205   -3.665  1.00 27.54 ? 107  LEU A CD2 1 
ATOM   863  N N   . ASP A 1 108 ? -5.272  5.406   -4.846  1.00 21.72 ? 108  ASP A N   1 
ATOM   864  C CA  . ASP A 1 108 ? -4.683  5.282   -6.176  1.00 29.10 ? 108  ASP A CA  1 
ATOM   865  C C   . ASP A 1 108 ? -5.588  4.431   -7.072  1.00 29.86 ? 108  ASP A C   1 
ATOM   866  O O   . ASP A 1 108 ? -5.947  3.339   -6.701  1.00 28.62 ? 108  ASP A O   1 
ATOM   867  C CB  . ASP A 1 108 ? -3.287  4.630   -6.085  1.00 26.18 ? 108  ASP A CB  1 
ATOM   868  C CG  . ASP A 1 108 ? -2.618  4.486   -7.439  1.00 28.75 ? 108  ASP A CG  1 
ATOM   869  O OD1 . ASP A 1 108 ? -2.974  5.290   -8.346  1.00 28.45 ? 108  ASP A OD1 1 
ATOM   870  O OD2 . ASP A 1 108 ? -1.734  3.586   -7.590  1.00 25.41 ? 108  ASP A OD2 1 
ATOM   871  N N   . VAL A 1 109 ? -5.948  4.927   -8.246  1.00 30.57 ? 109  VAL A N   1 
ATOM   872  C CA  . VAL A 1 109 ? -6.799  4.157   -9.136  1.00 36.40 ? 109  VAL A CA  1 
ATOM   873  C C   . VAL A 1 109 ? -5.987  3.147   -9.960  1.00 35.53 ? 109  VAL A C   1 
ATOM   874  O O   . VAL A 1 109 ? -6.499  2.104   -10.336 1.00 40.67 ? 109  VAL A O   1 
ATOM   875  C CB  . VAL A 1 109 ? -7.596  5.079   -10.081 1.00 41.85 ? 109  VAL A CB  1 
ATOM   876  C CG1 . VAL A 1 109 ? -6.638  5.894   -10.949 1.00 37.69 ? 109  VAL A CG1 1 
ATOM   877  C CG2 . VAL A 1 109 ? -8.562  4.236   -10.934 1.00 43.18 ? 109  VAL A CG2 1 
ATOM   878  N N   . LYS A 1 110 ? -4.713  3.450   -10.192 1.00 37.59 ? 110  LYS A N   1 
ATOM   879  C CA  . LYS A 1 110 ? -3.812  2.585   -10.951 1.00 36.07 ? 110  LYS A CA  1 
ATOM   880  C C   . LYS A 1 110 ? -3.428  1.300   -10.180 1.00 32.84 ? 110  LYS A C   1 
ATOM   881  O O   . LYS A 1 110 ? -3.878  0.222   -10.524 1.00 36.08 ? 110  LYS A O   1 
ATOM   882  C CB  . LYS A 1 110 ? -2.542  3.373   -11.318 1.00 34.65 ? 110  LYS A CB  1 
ATOM   883  C CG  . LYS A 1 110 ? -2.817  4.709   -12.031 1.00 41.48 ? 110  LYS A CG  1 
ATOM   884  C CD  . LYS A 1 110 ? -1.527  5.544   -12.246 1.00 50.23 ? 110  LYS A CD  1 
ATOM   885  C CE  . LYS A 1 110 ? -0.990  6.152   -10.941 1.00 55.30 ? 110  LYS A CE  1 
ATOM   886  N NZ  . LYS A 1 110 ? 0.333   6.842   -11.120 1.00 58.54 ? 110  LYS A NZ  1 
ATOM   887  N N   . GLY A 1 111 ? -2.582  1.428   -9.161  1.00 31.24 ? 111  GLY A N   1 
ATOM   888  C CA  . GLY A 1 111 ? -2.156  0.273   -8.366  1.00 31.73 ? 111  GLY A CA  1 
ATOM   889  C C   . GLY A 1 111 ? -1.050  -0.571  -8.999  1.00 34.03 ? 111  GLY A C   1 
ATOM   890  O O   . GLY A 1 111 ? -0.718  -0.410  -10.179 1.00 30.10 ? 111  GLY A O   1 
ATOM   891  N N   . THR A 1 112 ? -0.470  -1.474  -8.213  1.00 32.51 ? 112  THR A N   1 
ATOM   892  C CA  . THR A 1 112 ? 0.599   -2.354  -8.695  1.00 29.01 ? 112  THR A CA  1 
ATOM   893  C C   . THR A 1 112 ? 0.145   -3.817  -8.711  1.00 31.93 ? 112  THR A C   1 
ATOM   894  O O   . THR A 1 112 ? -0.440  -4.312  -7.724  1.00 27.30 ? 112  THR A O   1 
ATOM   895  C CB  . THR A 1 112 ? 1.843   -2.289  -7.783  1.00 28.44 ? 112  THR A CB  1 
ATOM   896  O OG1 . THR A 1 112 ? 2.480   -1.008  -7.911  1.00 30.16 ? 112  THR A OG1 1 
ATOM   897  C CG2 . THR A 1 112 ? 2.835   -3.420  -8.135  1.00 30.70 ? 112  THR A CG2 1 
ATOM   898  N N   . THR A 1 113 ? 0.421   -4.503  -9.821  1.00 30.94 ? 113  THR A N   1 
ATOM   899  C CA  . THR A 1 113 ? 0.099   -5.915  -9.962  1.00 30.95 ? 113  THR A CA  1 
ATOM   900  C C   . THR A 1 113 ? 1.309   -6.763  -9.621  1.00 30.57 ? 113  THR A C   1 
ATOM   901  O O   . THR A 1 113 ? 2.378   -6.617  -10.221 1.00 28.42 ? 113  THR A O   1 
ATOM   902  C CB  . THR A 1 113 ? -0.348  -6.259  -11.382 1.00 34.37 ? 113  THR A CB  1 
ATOM   903  O OG1 . THR A 1 113 ? -1.622  -5.655  -11.632 1.00 32.48 ? 113  THR A OG1 1 
ATOM   904  C CG2 . THR A 1 113 ? -0.487  -7.756  -11.539 1.00 39.74 ? 113  THR A CG2 1 
ATOM   905  N N   . VAL A 1 114 ? 1.137   -7.635  -8.637  1.00 27.53 ? 114  VAL A N   1 
ATOM   906  C CA  . VAL A 1 114 ? 2.202   -8.527  -8.196  1.00 28.97 ? 114  VAL A CA  1 
ATOM   907  C C   . VAL A 1 114 ? 2.005   -9.903  -8.852  1.00 30.54 ? 114  VAL A C   1 
ATOM   908  O O   . VAL A 1 114 ? 0.879   -10.366 -8.992  1.00 28.79 ? 114  VAL A O   1 
ATOM   909  C CB  . VAL A 1 114 ? 2.176   -8.713  -6.663  1.00 31.66 ? 114  VAL A CB  1 
ATOM   910  C CG1 . VAL A 1 114 ? 3.079   -9.876  -6.253  1.00 31.25 ? 114  VAL A CG1 1 
ATOM   911  C CG2 . VAL A 1 114 ? 2.663   -7.444  -5.974  1.00 28.71 ? 114  VAL A CG2 1 
ATOM   912  N N   . THR A 1 115 ? 3.100   -10.535 -9.261  1.00 33.58 ? 115  THR A N   1 
ATOM   913  C CA  . THR A 1 115 ? 3.053   -11.875 -9.864  1.00 33.90 ? 115  THR A CA  1 
ATOM   914  C C   . THR A 1 115 ? 4.083   -12.728 -9.104  1.00 35.21 ? 115  THR A C   1 
ATOM   915  O O   . THR A 1 115 ? 5.282   -12.402 -9.065  1.00 33.03 ? 115  THR A O   1 
ATOM   916  C CB  . THR A 1 115 ? 3.433   -11.849 -11.366 1.00 40.94 ? 115  THR A CB  1 
ATOM   917  O OG1 . THR A 1 115 ? 2.471   -11.083 -12.107 1.00 41.12 ? 115  THR A OG1 1 
ATOM   918  C CG2 . THR A 1 115 ? 3.448   -13.267 -11.930 1.00 41.14 ? 115  THR A CG2 1 
ATOM   919  N N   . VAL A 1 116 ? 3.608   -13.788 -8.453  1.00 36.41 ? 116  VAL A N   1 
ATOM   920  C CA  . VAL A 1 116 ? 4.490   -14.666 -7.694  1.00 37.08 ? 116  VAL A CA  1 
ATOM   921  C C   . VAL A 1 116 ? 4.811   -15.909 -8.513  1.00 44.83 ? 116  VAL A C   1 
ATOM   922  O O   . VAL A 1 116 ? 3.918   -16.559 -9.073  1.00 42.79 ? 116  VAL A O   1 
ATOM   923  C CB  . VAL A 1 116 ? 3.860   -15.093 -6.354  1.00 38.92 ? 116  VAL A CB  1 
ATOM   924  C CG1 . VAL A 1 116 ? 4.759   -16.098 -5.653  1.00 39.78 ? 116  VAL A CG1 1 
ATOM   925  C CG2 . VAL A 1 116 ? 3.666   -13.880 -5.464  1.00 32.64 ? 116  VAL A CG2 1 
ATOM   926  N N   . THR A 1 117 ? 6.094   -16.236 -8.585  1.00 46.46 ? 117  THR A N   1 
ATOM   927  C CA  . THR A 1 117 ? 6.517   -17.393 -9.354  1.00 55.29 ? 117  THR A CA  1 
ATOM   928  C C   . THR A 1 117 ? 7.130   -18.498 -8.508  1.00 58.45 ? 117  THR A C   1 
ATOM   929  O O   . THR A 1 117 ? 7.687   -18.250 -7.425  1.00 54.29 ? 117  THR A O   1 
ATOM   930  C CB  . THR A 1 117 ? 7.523   -16.986 -10.442 1.00 52.13 ? 117  THR A CB  1 
ATOM   931  O OG1 . THR A 1 117 ? 8.671   -16.381 -9.838  1.00 48.55 ? 117  THR A OG1 1 
ATOM   932  C CG2 . THR A 1 117 ? 6.877   -15.996 -11.397 1.00 56.94 ? 117  THR A CG2 1 
ATOM   933  N N   . THR A 1 118 ? 7.011   -19.721 -9.026  1.00 66.27 ? 118  THR A N   1 
ATOM   934  C CA  . THR A 1 118 ? 7.525   -20.925 -8.376  1.00 69.21 ? 118  THR A CA  1 
ATOM   935  C C   . THR A 1 118 ? 9.052   -20.947 -8.393  1.00 73.17 ? 118  THR A C   1 
ATOM   936  O O   . THR A 1 118 ? 9.657   -20.913 -7.296  1.00 75.48 ? 118  THR A O   1 
ATOM   937  C CB  . THR A 1 118 ? 7.031   -22.183 -9.096  1.00 70.72 ? 118  THR A CB  1 
ATOM   938  O OG1 . THR A 1 118 ? 5.612   -22.111 -9.268  1.00 71.12 ? 118  THR A OG1 1 
ATOM   939  C CG2 . THR A 1 118 ? 7.385   -23.424 -8.292  1.00 72.20 ? 118  THR A CG2 1 
ATOM   940  N N   . ASP A 1 119 ? 9.629   -21.004 -9.507  1.00 75.98 ? 119  ASP A N   1 
HETATM 941  C CY1 . BND B 2 .   ? -14.376 8.274   -2.673  1.00 38.17 ? 201  BND A CY1 1 
HETATM 942  C C1  . BND B 2 .   ? -12.199 9.250   -0.816  1.00 34.44 ? 201  BND A C1  1 
HETATM 943  O O1A . BND B 2 .   ? -12.519 9.084   0.383   1.00 33.95 ? 201  BND A O1A 1 
HETATM 944  O O1B . BND B 2 .   ? -11.206 8.681   -1.363  1.00 37.66 ? 201  BND A O1B 1 
HETATM 945  C C2  . BND B 2 .   ? -13.096 10.188  -1.665  1.00 33.92 ? 201  BND A C2  1 
HETATM 946  O O2  . BND B 2 .   ? -14.325 9.540   -1.836  1.00 36.77 ? 201  BND A O2  1 
HETATM 947  C C3  . BND B 2 .   ? -13.392 11.528  -0.971  1.00 39.82 ? 201  BND A C3  1 
HETATM 948  C C4  . BND B 2 .   ? -12.129 12.437  -0.965  1.00 37.36 ? 201  BND A C4  1 
HETATM 949  O O4  . BND B 2 .   ? -12.480 13.740  -0.556  1.00 39.32 ? 201  BND A O4  1 
HETATM 950  C C5  . BND B 2 .   ? -11.435 12.560  -2.334  1.00 34.57 ? 201  BND A C5  1 
HETATM 951  N N5  . BND B 2 .   ? -10.193 13.304  -2.103  1.00 40.42 ? 201  BND A N5  1 
HETATM 952  C C10 . BND B 2 .   ? -9.946  14.430  -2.793  1.00 41.15 ? 201  BND A C10 1 
HETATM 953  O O10 . BND B 2 .   ? -10.714 14.893  -3.665  1.00 34.66 ? 201  BND A O10 1 
HETATM 954  C C11 . BND B 2 .   ? -8.667  15.176  -2.485  1.00 39.71 ? 201  BND A C11 1 
HETATM 955  C C6  . BND B 2 .   ? -11.185 11.138  -2.882  1.00 33.45 ? 201  BND A C6  1 
HETATM 956  O O6  . BND B 2 .   ? -12.454 10.404  -2.951  1.00 31.64 ? 201  BND A O6  1 
HETATM 957  C C7  . BND B 2 .   ? -10.485 11.050  -4.229  1.00 35.45 ? 201  BND A C7  1 
HETATM 958  O O7  . BND B 2 .   ? -11.270 11.722  -5.190  1.00 37.35 ? 201  BND A O7  1 
HETATM 959  C C8  . BND B 2 .   ? -10.343 9.595   -4.713  1.00 27.15 ? 201  BND A C8  1 
HETATM 960  O O8  . BND B 2 .   ? -9.747  8.756   -3.747  1.00 29.88 ? 201  BND A O8  1 
HETATM 961  C C9  . BND B 2 .   ? -9.530  9.593   -6.023  1.00 35.05 ? 201  BND A C9  1 
HETATM 962  N NX6 . BND B 2 .   ? -9.456  8.248   -6.595  1.00 29.88 ? 201  BND A NX6 1 
HETATM 963  C C12 . BND B 2 .   ? -10.353 7.788   -7.466  1.00 35.44 ? 201  BND A C12 1 
HETATM 964  O O12 . BND B 2 .   ? -11.043 8.569   -8.093  1.00 38.87 ? 201  BND A O12 1 
HETATM 965  C C1G . BND B 2 .   ? -10.597 6.335   -7.743  1.00 24.98 ? 201  BND A C1G 1 
HETATM 966  C CD1 . BND B 2 .   ? -9.741  5.353   -7.246  1.00 24.54 ? 201  BND A CD1 1 
HETATM 967  C CE1 . BND B 2 .   ? -9.960  4.008   -7.511  1.00 38.72 ? 201  BND A CE1 1 
HETATM 968  C CD2 . BND B 2 .   ? -11.685 5.946   -8.516  1.00 30.24 ? 201  BND A CD2 1 
HETATM 969  C CE2 . BND B 2 .   ? -11.927 4.592   -8.794  1.00 24.03 ? 201  BND A CE2 1 
HETATM 970  C C1Z . BND B 2 .   ? -11.058 3.628   -8.286  1.00 35.17 ? 201  BND A C1Z 1 
HETATM 971  S S   . SO4 C 3 .   ? -8.387  -9.787  16.172  1.00 67.82 ? 202  SO4 A S   1 
HETATM 972  O O1  . SO4 C 3 .   ? -9.149  -10.979 16.607  1.00 69.21 ? 202  SO4 A O1  1 
HETATM 973  O O2  . SO4 C 3 .   ? -8.836  -8.608  16.930  1.00 73.10 ? 202  SO4 A O2  1 
HETATM 974  O O3  . SO4 C 3 .   ? -6.940  -9.978  16.419  1.00 68.52 ? 202  SO4 A O3  1 
HETATM 975  O O4  . SO4 C 3 .   ? -8.635  -9.579  14.733  1.00 73.89 ? 202  SO4 A O4  1 
HETATM 976  O O   . HOH D 4 .   ? 6.683   0.044   -14.829 1.00 49.27 ? 2001 HOH A O   1 
HETATM 977  O O   . HOH D 4 .   ? -0.457  10.252  -10.382 1.00 44.79 ? 2002 HOH A O   1 
HETATM 978  O O   . HOH D 4 .   ? 2.948   5.049   -11.665 1.00 43.36 ? 2003 HOH A O   1 
HETATM 979  O O   . HOH D 4 .   ? 11.698  -6.102  -7.725  1.00 58.48 ? 2004 HOH A O   1 
HETATM 980  O O   . HOH D 4 .   ? 11.212  -8.906  -11.563 1.00 50.62 ? 2005 HOH A O   1 
HETATM 981  O O   . HOH D 4 .   ? 6.165   3.424   -10.669 1.00 54.89 ? 2006 HOH A O   1 
HETATM 982  O O   . HOH D 4 .   ? -0.959  -3.410  -12.839 1.00 49.37 ? 2007 HOH A O   1 
HETATM 983  O O   . HOH D 4 .   ? -1.292  1.037   -18.043 1.00 55.53 ? 2008 HOH A O   1 
HETATM 984  O O   . HOH D 4 .   ? 5.248   1.853   -14.705 1.00 49.46 ? 2009 HOH A O   1 
HETATM 985  O O   . HOH D 4 .   ? 5.077   -3.159  -16.740 1.00 62.53 ? 2010 HOH A O   1 
HETATM 986  O O   . HOH D 4 .   ? 5.841   -2.117  -14.353 1.00 41.63 ? 2011 HOH A O   1 
HETATM 987  O O   . HOH D 4 .   ? 11.538  -8.834  -7.129  1.00 54.68 ? 2012 HOH A O   1 
HETATM 988  O O   . HOH D 4 .   ? 9.746   -6.967  -10.038 1.00 47.75 ? 2013 HOH A O   1 
HETATM 989  O O   . HOH D 4 .   ? 8.303   -6.953  -13.720 1.00 57.80 ? 2014 HOH A O   1 
HETATM 990  O O   . HOH D 4 .   ? -8.050  20.447  7.329   1.00 50.55 ? 2015 HOH A O   1 
HETATM 991  O O   . HOH D 4 .   ? 10.551  -4.026  -6.944  1.00 53.97 ? 2016 HOH A O   1 
HETATM 992  O O   . HOH D 4 .   ? 1.992   0.403   9.082   1.00 41.24 ? 2017 HOH A O   1 
HETATM 993  O O   . HOH D 4 .   ? -0.738  24.167  -3.486  1.00 58.25 ? 2018 HOH A O   1 
HETATM 994  O O   . HOH D 4 .   ? 0.650   20.872  2.971   1.00 35.01 ? 2019 HOH A O   1 
HETATM 995  O O   . HOH D 4 .   ? -4.940  18.329  8.890   1.00 43.06 ? 2020 HOH A O   1 
HETATM 996  O O   . HOH D 4 .   ? -6.337  18.575  6.202   1.00 40.42 ? 2021 HOH A O   1 
HETATM 997  O O   . HOH D 4 .   ? 0.148   16.636  11.784  1.00 45.11 ? 2022 HOH A O   1 
HETATM 998  O O   . HOH D 4 .   ? 1.659   7.466   10.207  1.00 48.49 ? 2023 HOH A O   1 
HETATM 999  O O   . HOH D 4 .   ? -13.804 3.786   3.130   1.00 42.93 ? 2024 HOH A O   1 
HETATM 1000 O O   . HOH D 4 .   ? -10.957 2.700   0.335   1.00 52.99 ? 2025 HOH A O   1 
HETATM 1001 O O   . HOH D 4 .   ? -9.438  0.218   -10.754 1.00 58.53 ? 2026 HOH A O   1 
HETATM 1002 O O   . HOH D 4 .   ? -8.952  -4.859  -7.458  1.00 45.23 ? 2027 HOH A O   1 
HETATM 1003 O O   . HOH D 4 .   ? -10.438 -5.515  4.535   1.00 59.03 ? 2028 HOH A O   1 
HETATM 1004 O O   . HOH D 4 .   ? -11.524 -2.180  4.417   1.00 59.30 ? 2029 HOH A O   1 
HETATM 1005 O O   . HOH D 4 .   ? 0.767   -6.059  7.794   1.00 31.89 ? 2030 HOH A O   1 
HETATM 1006 O O   . HOH D 4 .   ? 0.006   -2.400  9.261   1.00 39.81 ? 2031 HOH A O   1 
HETATM 1007 O O   . HOH D 4 .   ? -6.276  -12.182 5.879   1.00 48.38 ? 2032 HOH A O   1 
HETATM 1008 O O   . HOH D 4 .   ? -1.823  -15.910 2.353   1.00 35.16 ? 2033 HOH A O   1 
HETATM 1009 O O   . HOH D 4 .   ? -0.980  -16.770 5.357   1.00 46.61 ? 2034 HOH A O   1 
HETATM 1010 O O   . HOH D 4 .   ? -3.054  -11.973 14.764  1.00 41.36 ? 2035 HOH A O   1 
HETATM 1011 O O   . HOH D 4 .   ? -0.002  -13.976 8.936   1.00 38.65 ? 2036 HOH A O   1 
HETATM 1012 O O   . HOH D 4 .   ? 1.904   -7.258  10.552  1.00 49.49 ? 2037 HOH A O   1 
HETATM 1013 O O   . HOH D 4 .   ? 0.735   -15.482 6.603   1.00 35.89 ? 2038 HOH A O   1 
HETATM 1014 O O   . HOH D 4 .   ? 6.271   -0.548  9.573   1.00 56.88 ? 2039 HOH A O   1 
HETATM 1015 O O   . HOH D 4 .   ? 3.932   -1.447  8.470   1.00 39.57 ? 2040 HOH A O   1 
HETATM 1016 O O   . HOH D 4 .   ? 11.944  1.095   1.816   1.00 47.34 ? 2041 HOH A O   1 
HETATM 1017 O O   . HOH D 4 .   ? 4.338   14.676  3.812   1.00 36.65 ? 2042 HOH A O   1 
HETATM 1018 O O   . HOH D 4 .   ? 12.358  9.250   3.523   1.00 45.92 ? 2043 HOH A O   1 
HETATM 1019 O O   . HOH D 4 .   ? 2.874   18.945  -0.121  1.00 55.57 ? 2044 HOH A O   1 
HETATM 1020 O O   . HOH D 4 .   ? 3.782   16.687  -3.472  1.00 56.59 ? 2045 HOH A O   1 
HETATM 1021 O O   . HOH D 4 .   ? 5.395   -16.172 7.582   1.00 50.56 ? 2046 HOH A O   1 
HETATM 1022 O O   . HOH D 4 .   ? 5.631   -18.821 1.107   1.00 64.19 ? 2047 HOH A O   1 
HETATM 1023 O O   . HOH D 4 .   ? -4.809  -17.584 2.074   1.00 40.83 ? 2048 HOH A O   1 
HETATM 1024 O O   . HOH D 4 .   ? -4.241  -15.232 -6.068  1.00 49.67 ? 2049 HOH A O   1 
HETATM 1025 O O   . HOH D 4 .   ? -6.043  -8.624  -7.370  1.00 39.98 ? 2050 HOH A O   1 
HETATM 1026 O O   . HOH D 4 .   ? -5.983  -3.476  -4.768  1.00 30.54 ? 2051 HOH A O   1 
HETATM 1027 O O   . HOH D 4 .   ? -11.356 5.915   3.704   1.00 58.32 ? 2052 HOH A O   1 
HETATM 1028 O O   . HOH D 4 .   ? -7.375  8.594   9.024   1.00 44.28 ? 2053 HOH A O   1 
HETATM 1029 O O   . HOH D 4 .   ? -3.631  15.453  9.279   1.00 46.84 ? 2054 HOH A O   1 
HETATM 1030 O O   . HOH D 4 .   ? -6.782  16.534  9.703   1.00 46.47 ? 2055 HOH A O   1 
HETATM 1031 O O   . HOH D 4 .   ? -10.493 19.026  5.919   1.00 53.37 ? 2056 HOH A O   1 
HETATM 1032 O O   . HOH D 4 .   ? -17.831 11.754  7.383   1.00 53.87 ? 2057 HOH A O   1 
HETATM 1033 O O   . HOH D 4 .   ? -10.970 18.579  0.972   1.00 60.64 ? 2058 HOH A O   1 
HETATM 1034 O O   . HOH D 4 .   ? -12.170 17.560  6.698   1.00 50.20 ? 2059 HOH A O   1 
HETATM 1035 O O   . HOH D 4 .   ? -6.448  7.690   -7.941  1.00 35.57 ? 2060 HOH A O   1 
HETATM 1036 O O   . HOH D 4 .   ? -1.109  2.168   -5.392  1.00 28.19 ? 2061 HOH A O   1 
HETATM 1037 O O   . HOH D 4 .   ? 0.602   3.860   -8.932  1.00 28.52 ? 2062 HOH A O   1 
HETATM 1038 O O   . HOH D 4 .   ? -3.390  8.257   -8.013  1.00 32.60 ? 2063 HOH A O   1 
HETATM 1039 O O   . HOH D 4 .   ? 0.771   1.687   -11.012 1.00 30.71 ? 2064 HOH A O   1 
HETATM 1040 O O   . HOH D 4 .   ? 3.318   -8.251  -12.094 1.00 41.97 ? 2065 HOH A O   1 
HETATM 1041 O O   . HOH D 4 .   ? -0.859  -11.541 -10.722 1.00 56.58 ? 2066 HOH A O   1 
HETATM 1042 O O   . HOH D 4 .   ? 9.536   -24.381 -10.722 1.00 60.20 ? 2067 HOH A O   1 
HETATM 1043 O O   . HOH D 4 .   ? -15.812 10.979  -3.459  1.00 48.01 ? 2068 HOH A O   1 
HETATM 1044 O O   . HOH D 4 .   ? -10.585 13.553  -6.879  1.00 44.96 ? 2069 HOH A O   1 
HETATM 1045 O O   . HOH D 4 .   ? -7.248  -12.942 15.884  1.00 52.11 ? 2070 HOH A O   1 
HETATM 1046 O O   . HOH D 4 .   ? -9.947  -7.331  14.008  1.00 60.64 ? 2071 HOH A O   1 
# 
